data_9H84
#
_entry.id   9H84
#
_cell.length_a   1.00
_cell.length_b   1.00
_cell.length_c   1.00
_cell.angle_alpha   90.00
_cell.angle_beta   90.00
_cell.angle_gamma   90.00
#
_symmetry.space_group_name_H-M   'P 1'
#
loop_
_entity.id
_entity.type
_entity.pdbx_description
1 polymer 'Outer membrane protein assembly factor BamA'
2 polymer 'Outer membrane protein assembly factor BamB'
3 polymer 'Outer membrane protein assembly factor BamC'
4 polymer 'Outer membrane protein assembly factor BamD'
5 polymer 'Outer membrane protein assembly factor BamE'
#
loop_
_entity_poly.entity_id
_entity_poly.type
_entity_poly.pdbx_seq_one_letter_code
_entity_poly.pdbx_strand_id
1 'polypeptide(L)'
;PTIASITFSGNKSVKDDMLKQNLEASGVRVGESLDRTTIADIEKGLEDFYYSVGKYSASVKAVVTPLPRNRVDLKLVFQE
GVSAEIQQINIVGNHAFTTDELISHFQLRDEVPWWNVVGDRKYQKQKLAGDLETLRSYYLDRGYARFNIDSTQVSLTPDK
KGIYVTVNITEGDQYKLSGVEVSGNLAGHSAEIEQLTKIEPGELYNGTKVTKMEDDIKKLLGRYGYAYPRVQSMPEINDA
DKTVKLRVNVDAGNRFYVRKIRFEGNDTSKDAVLRREMRQMEGAWLGSDLVDQGKERLNRLGFFETVDTDTQRVPGSPDQ
VDVVYKVKERNTLVPRGSFNFGIGYGTESGVSFQAGVQQDNWLGTGYAVGINGTKNDYQTYAELSVTNPYFTVDGVSLGG
RLFYNDFQADDADLSDYTNKSYGTDVTLGFPINEYNSLRAGLGYVHNSLSNMQPQVAMWRYLYSMGEHPSTSDQDNSFKT
DDFTFNYGWTYNKLDRGYFPTDGSRVNLTGKVTIPGSDNEYYKVTLDTATYVPIDDDHKWVVLGRTRWGYGDGLGGKEMP
FYENFYAGGSSTVRGFQSNTIGPKAVYFPHQASNYDPDYDYECATQDGAKDLCKSDDAVGGNAMAVASLEFITPTPFISD
KYANSVRTSFFWDMGTVWDTNWDSSQYSGYPDYSDPSNIRMSAGIALQWMSPLGPLVFSYAQPFKKYDGDKAEQFQFNIG
KTW
;
A
2 'polypeptide(L)'
;LFNSEEDVVKMSPLPTVENQFTPTTAWSTSVGSGIGNFYSNLHPALADNVVYAADRAGLVKALNADDGKEIWSVSLAEKD
GWFSKEPALLSGGVTVSGGHVYIGSEKAQVYALNTSDGTVAWQTKVAGEALSRPVVSDGLVLIHTSNGQLQALNEADGAV
KWTVNLDMPSLSLRGESAPTTAFGAAVVGGDNGRVSAVLMEQGQMIWQQRISQATGSTEIDRLSDVDTTPVVVNGVVFAL
AYNGNLTALDLRSGQIMWKRELGSVNDFIVDGNRIYLVDQNDRVMALTIDGGVTLWTQSDLLHRLLTSPVLYNGNLVVGD
SEGYLHWINVEDGRFVAQQKVDSSGFQTEPVAADGKLLIQAKDGTVYSITR
;
B
3 'polypeptide(L)' CSSDSRYKRQVSGDEAYLEAAPLAELHAPAGMILPVTSGDYAIPVTNGSGAVGKALDIRPPAQPLAL C
4 'polypeptide(L)'
;EVPDNPPNEIYATAQQKLQDGNWRQAITQLEALDNRYPFGPYSQQVQLDLIYAYYKNADLPLAQAAIDRFIRLNPTHPNI
DYVMYMRGLTNMALDDSALQGFFGVDRSDRDPQHARAAFSDFSKLVRGYPNSQYTTDATKRLVFLKDRLAKYEYSVAEYY
TERGAWVAVVNRVEGMLRDYPDTQATRDALPLMENAYRQMQMNAQAEKVAKIIAANSS
;
D
5 'polypeptide(L)'
;LERVVYRPDINQGNYLTANDVSKIRVGMTQQQVAYALGTPLMSDPFGTNTWFYVFRQQPGHEGVTQQTLTLTFNSSGVLT
NIDNKPALSGN
;
E
#
# COMPACT_ATOMS: atom_id res chain seq x y z
N PRO A 1 -40.93 4.69 -11.59
CA PRO A 1 -40.46 5.68 -10.61
C PRO A 1 -38.96 5.90 -10.61
N THR A 2 -38.58 7.16 -10.40
CA THR A 2 -37.19 7.51 -10.11
C THR A 2 -36.81 7.10 -8.70
N ILE A 3 -35.61 6.54 -8.57
CA ILE A 3 -35.05 6.16 -7.28
C ILE A 3 -34.53 7.40 -6.57
N ALA A 4 -35.45 8.25 -6.10
CA ALA A 4 -35.03 9.49 -5.46
C ALA A 4 -34.24 9.27 -4.17
N SER A 5 -34.21 8.06 -3.62
CA SER A 5 -33.28 7.72 -2.55
C SER A 5 -33.01 6.22 -2.55
N ILE A 6 -31.86 5.84 -2.00
CA ILE A 6 -31.55 4.45 -1.70
C ILE A 6 -30.98 4.36 -0.28
N THR A 7 -31.43 3.36 0.48
CA THR A 7 -31.20 3.28 1.92
C THR A 7 -30.74 1.87 2.26
N PHE A 8 -29.74 1.77 3.15
CA PHE A 8 -29.03 0.50 3.35
C PHE A 8 -29.04 0.12 4.83
N SER A 9 -29.60 -1.05 5.13
CA SER A 9 -29.70 -1.58 6.49
C SER A 9 -28.85 -2.84 6.62
N GLY A 10 -28.06 -2.94 7.68
CA GLY A 10 -26.97 -3.90 7.75
C GLY A 10 -25.75 -3.49 6.95
N ASN A 11 -25.38 -4.29 5.95
CA ASN A 11 -24.12 -4.11 5.25
C ASN A 11 -22.91 -4.12 6.20
N LYS A 12 -22.98 -4.94 7.23
CA LYS A 12 -21.83 -5.16 8.09
C LYS A 12 -20.72 -5.88 7.33
N SER A 13 -19.47 -5.51 7.62
CA SER A 13 -18.25 -6.12 7.11
C SER A 13 -18.05 -5.97 5.62
N VAL A 14 -18.80 -5.09 4.95
CA VAL A 14 -18.46 -4.65 3.61
C VAL A 14 -18.50 -3.13 3.57
N LYS A 15 -17.46 -2.53 3.01
CA LYS A 15 -17.41 -1.08 2.88
C LYS A 15 -18.53 -0.58 1.97
N ASP A 16 -19.20 0.47 2.41
CA ASP A 16 -20.27 1.07 1.61
C ASP A 16 -19.77 1.54 0.26
N ASP A 17 -18.50 1.96 0.17
CA ASP A 17 -17.94 2.42 -1.11
C ASP A 17 -18.10 1.40 -2.24
N MET A 18 -17.69 0.14 -2.00
CA MET A 18 -17.83 -0.87 -3.06
C MET A 18 -19.29 -1.21 -3.34
N LEU A 19 -20.16 -1.12 -2.33
CA LEU A 19 -21.59 -1.25 -2.56
C LEU A 19 -22.12 -0.13 -3.46
N LYS A 20 -21.76 1.10 -3.16
CA LYS A 20 -22.14 2.25 -3.97
C LYS A 20 -21.67 2.06 -5.42
N GLN A 21 -20.43 1.61 -5.61
CA GLN A 21 -19.94 1.29 -6.96
C GLN A 21 -20.74 0.15 -7.60
N ASN A 22 -20.99 -0.92 -6.84
CA ASN A 22 -21.63 -2.11 -7.39
C ASN A 22 -23.06 -1.84 -7.83
N LEU A 23 -23.75 -0.92 -7.17
CA LEU A 23 -25.06 -0.50 -7.68
C LEU A 23 -24.95 0.00 -9.12
N GLU A 24 -23.99 0.89 -9.39
CA GLU A 24 -23.80 1.39 -10.75
C GLU A 24 -23.36 0.27 -11.69
N ALA A 25 -22.48 -0.60 -11.23
CA ALA A 25 -22.08 -1.77 -12.00
C ALA A 25 -23.24 -2.74 -12.25
N SER A 26 -24.32 -2.65 -11.48
CA SER A 26 -25.51 -3.46 -11.67
C SER A 26 -26.60 -2.71 -12.43
N GLY A 27 -26.32 -1.51 -12.91
CA GLY A 27 -27.30 -0.75 -13.66
C GLY A 27 -28.43 -0.17 -12.84
N VAL A 28 -28.14 0.24 -11.60
CA VAL A 28 -29.09 0.93 -10.75
C VAL A 28 -28.35 2.09 -10.11
N ARG A 29 -29.02 3.23 -9.99
CA ARG A 29 -28.36 4.46 -9.57
C ARG A 29 -29.40 5.38 -8.98
N VAL A 30 -28.93 6.29 -8.12
CA VAL A 30 -29.82 7.29 -7.53
C VAL A 30 -30.37 8.18 -8.63
N GLY A 31 -31.71 8.28 -8.68
CA GLY A 31 -32.42 8.98 -9.72
C GLY A 31 -32.57 8.20 -11.01
N GLU A 32 -32.06 6.97 -11.07
CA GLU A 32 -32.41 6.07 -12.15
C GLU A 32 -33.90 5.72 -12.08
N SER A 33 -34.39 5.09 -13.14
CA SER A 33 -35.75 4.57 -13.14
C SER A 33 -35.81 3.19 -12.50
N LEU A 34 -36.98 2.88 -11.94
CA LEU A 34 -37.19 1.65 -11.19
C LEU A 34 -38.63 1.21 -11.39
N ASP A 35 -38.89 -0.08 -11.12
CA ASP A 35 -40.24 -0.54 -10.82
C ASP A 35 -40.15 -1.72 -9.87
N ARG A 36 -41.32 -2.08 -9.32
CA ARG A 36 -41.38 -3.20 -8.37
C ARG A 36 -40.87 -4.50 -8.98
N THR A 37 -41.01 -4.67 -10.29
CA THR A 37 -40.42 -5.83 -10.97
C THR A 37 -38.89 -5.77 -10.92
N THR A 38 -38.32 -4.63 -11.30
CA THR A 38 -36.88 -4.47 -11.37
C THR A 38 -36.19 -4.75 -10.04
N ILE A 39 -36.88 -4.53 -8.92
CA ILE A 39 -36.31 -4.84 -7.61
C ILE A 39 -35.81 -6.28 -7.55
N ALA A 40 -36.51 -7.21 -8.20
CA ALA A 40 -36.05 -8.59 -8.19
C ALA A 40 -34.70 -8.75 -8.88
N ASP A 41 -34.46 -7.95 -9.92
CA ASP A 41 -33.14 -7.95 -10.55
C ASP A 41 -32.11 -7.24 -9.67
N ILE A 42 -32.51 -6.16 -9.00
CA ILE A 42 -31.58 -5.43 -8.13
C ILE A 42 -31.10 -6.30 -6.97
N GLU A 43 -32.03 -6.88 -6.21
CA GLU A 43 -31.66 -7.60 -5.01
C GLU A 43 -30.80 -8.82 -5.30
N LYS A 44 -31.12 -9.57 -6.36
CA LYS A 44 -30.29 -10.70 -6.71
C LYS A 44 -28.92 -10.26 -7.18
N GLY A 45 -28.83 -9.12 -7.88
CA GLY A 45 -27.53 -8.61 -8.22
C GLY A 45 -26.72 -8.24 -6.99
N LEU A 46 -27.37 -7.69 -5.97
CA LEU A 46 -26.64 -7.42 -4.75
C LEU A 46 -26.25 -8.72 -4.07
N GLU A 47 -27.14 -9.70 -4.06
CA GLU A 47 -26.73 -11.00 -3.59
C GLU A 47 -25.55 -11.51 -4.41
N ASP A 48 -25.67 -11.42 -5.74
CA ASP A 48 -24.53 -11.76 -6.58
C ASP A 48 -23.27 -10.99 -6.20
N PHE A 49 -23.40 -9.69 -5.94
CA PHE A 49 -22.24 -8.94 -5.49
C PHE A 49 -21.71 -9.47 -4.18
N TYR A 50 -22.58 -9.64 -3.19
CA TYR A 50 -22.12 -10.21 -1.94
C TYR A 50 -21.55 -11.59 -2.16
N TYR A 51 -22.21 -12.40 -2.98
CA TYR A 51 -21.60 -13.67 -3.36
C TYR A 51 -20.21 -13.46 -3.93
N SER A 52 -20.06 -12.47 -4.82
CA SER A 52 -18.76 -12.15 -5.39
C SER A 52 -17.75 -11.65 -4.37
N VAL A 53 -18.18 -11.20 -3.18
CA VAL A 53 -17.22 -10.81 -2.14
C VAL A 53 -17.04 -11.93 -1.11
N GLY A 54 -17.52 -13.15 -1.41
CA GLY A 54 -17.42 -14.26 -0.51
C GLY A 54 -18.53 -14.37 0.52
N LYS A 55 -19.50 -13.46 0.50
CA LYS A 55 -20.70 -13.58 1.32
C LYS A 55 -21.70 -14.56 0.69
N TYR A 56 -21.23 -15.80 0.50
CA TYR A 56 -21.99 -16.78 -0.26
C TYR A 56 -23.31 -17.12 0.39
N SER A 57 -23.40 -17.06 1.71
CA SER A 57 -24.66 -17.36 2.40
C SER A 57 -25.62 -16.19 2.39
N ALA A 58 -25.20 -15.03 1.90
CA ALA A 58 -25.94 -13.79 2.14
C ALA A 58 -27.30 -13.84 1.47
N SER A 59 -28.18 -12.94 1.92
CA SER A 59 -29.44 -12.70 1.23
C SER A 59 -29.81 -11.23 1.38
N VAL A 60 -30.58 -10.73 0.41
CA VAL A 60 -30.98 -9.34 0.38
C VAL A 60 -32.49 -9.25 0.30
N LYS A 61 -33.05 -8.25 0.96
CA LYS A 61 -34.46 -7.96 1.01
C LYS A 61 -34.63 -6.51 0.63
N ALA A 62 -35.65 -6.20 -0.15
CA ALA A 62 -35.76 -4.88 -0.75
C ALA A 62 -37.14 -4.29 -0.49
N VAL A 63 -37.13 -3.02 -0.11
CA VAL A 63 -38.24 -2.33 0.51
C VAL A 63 -38.42 -1.05 -0.29
N VAL A 64 -39.65 -0.79 -0.73
CA VAL A 64 -39.92 0.25 -1.71
C VAL A 64 -41.04 1.12 -1.16
N THR A 65 -40.85 2.44 -1.21
CA THR A 65 -41.87 3.35 -0.70
C THR A 65 -42.12 4.47 -1.70
N PRO A 66 -43.39 4.78 -2.00
CA PRO A 66 -43.78 5.98 -2.74
C PRO A 66 -43.60 7.27 -1.95
N LEU A 67 -42.84 8.19 -2.52
CA LEU A 67 -42.82 9.58 -2.09
C LEU A 67 -44.06 10.30 -2.63
N PRO A 68 -44.34 11.53 -2.16
CA PRO A 68 -45.66 12.13 -2.44
C PRO A 68 -45.91 12.39 -3.91
N ARG A 69 -44.87 12.67 -4.70
CA ARG A 69 -45.00 12.67 -6.15
C ARG A 69 -44.76 11.29 -6.74
N ASN A 70 -45.02 10.25 -5.96
CA ASN A 70 -44.89 8.84 -6.34
C ASN A 70 -43.48 8.47 -6.76
N ARG A 71 -42.52 9.38 -6.64
CA ARG A 71 -41.13 9.01 -6.65
C ARG A 71 -40.90 7.97 -5.55
N VAL A 72 -39.81 7.23 -5.67
CA VAL A 72 -39.62 6.06 -4.82
C VAL A 72 -38.28 6.13 -4.09
N ASP A 73 -38.31 5.78 -2.81
CA ASP A 73 -37.12 5.40 -2.05
C ASP A 73 -37.02 3.89 -1.93
N LEU A 74 -35.86 3.34 -2.33
CA LEU A 74 -35.59 1.91 -2.22
C LEU A 74 -34.62 1.67 -1.06
N LYS A 75 -35.18 1.26 0.08
CA LYS A 75 -34.38 0.77 1.20
C LYS A 75 -34.01 -0.69 1.00
N LEU A 76 -32.79 -1.06 1.38
CA LEU A 76 -32.25 -2.40 1.16
C LEU A 76 -31.71 -2.95 2.47
N VAL A 77 -32.03 -4.20 2.78
CA VAL A 77 -31.82 -4.80 4.08
C VAL A 77 -31.09 -6.12 3.85
N PHE A 78 -30.10 -6.39 4.69
CA PHE A 78 -29.05 -7.34 4.33
C PHE A 78 -28.84 -8.41 5.39
N GLN A 79 -28.75 -9.67 4.97
CA GLN A 79 -28.85 -10.85 5.82
C GLN A 79 -27.64 -11.74 5.55
N GLU A 80 -27.08 -12.33 6.61
CA GLU A 80 -25.87 -13.14 6.44
C GLU A 80 -25.84 -14.34 7.40
N GLY A 81 -25.30 -15.44 6.90
CA GLY A 81 -24.62 -16.44 7.70
C GLY A 81 -23.12 -16.36 7.46
N VAL A 82 -22.35 -16.36 8.55
CA VAL A 82 -20.99 -15.85 8.52
C VAL A 82 -20.18 -16.61 7.48
N SER A 83 -19.98 -15.97 6.34
CA SER A 83 -19.76 -16.61 5.05
C SER A 83 -18.28 -16.89 4.77
N ALA A 84 -18.06 -17.77 3.79
CA ALA A 84 -16.74 -18.13 3.27
C ALA A 84 -15.76 -18.60 4.33
N GLU A 85 -16.23 -19.06 5.49
CA GLU A 85 -15.29 -19.67 6.43
C GLU A 85 -14.72 -20.93 5.80
N ILE A 86 -13.47 -21.25 6.12
CA ILE A 86 -12.72 -22.26 5.39
C ILE A 86 -12.45 -23.41 6.34
N GLN A 87 -12.87 -24.61 5.94
CA GLN A 87 -12.66 -25.79 6.78
C GLN A 87 -11.26 -26.34 6.59
N GLN A 88 -10.76 -26.27 5.37
CA GLN A 88 -9.56 -27.00 4.96
C GLN A 88 -8.84 -26.23 3.87
N ILE A 89 -7.53 -26.42 3.82
CA ILE A 89 -6.75 -26.17 2.63
C ILE A 89 -5.93 -27.42 2.34
N ASN A 90 -5.92 -27.83 1.08
CA ASN A 90 -5.52 -29.17 0.71
C ASN A 90 -4.73 -29.14 -0.58
N ILE A 91 -3.66 -29.93 -0.64
CA ILE A 91 -2.76 -29.96 -1.78
C ILE A 91 -2.42 -31.41 -2.07
N VAL A 92 -2.52 -31.83 -3.32
CA VAL A 92 -2.69 -33.23 -3.66
C VAL A 92 -1.78 -33.57 -4.82
N GLY A 93 -1.22 -34.79 -4.78
CA GLY A 93 -0.10 -35.15 -5.63
C GLY A 93 1.24 -34.72 -5.08
N ASN A 94 1.24 -33.75 -4.16
CA ASN A 94 2.42 -33.39 -3.38
C ASN A 94 3.08 -34.59 -2.71
N HIS A 95 4.40 -34.66 -2.83
CA HIS A 95 5.20 -35.58 -2.03
C HIS A 95 6.33 -34.83 -1.32
N ALA A 96 6.85 -33.77 -1.96
CA ALA A 96 8.10 -33.19 -1.50
C ALA A 96 7.97 -32.52 -0.14
N PHE A 97 6.83 -31.86 0.13
CA PHE A 97 6.66 -31.09 1.36
C PHE A 97 5.30 -31.39 1.97
N THR A 98 5.26 -31.51 3.29
CA THR A 98 3.97 -31.57 3.97
C THR A 98 3.22 -30.26 3.79
N THR A 99 1.90 -30.35 3.65
CA THR A 99 1.11 -29.25 3.10
C THR A 99 1.00 -28.08 4.07
N ASP A 100 1.14 -28.34 5.37
CA ASP A 100 1.31 -27.28 6.38
C ASP A 100 2.41 -26.28 6.02
N GLU A 101 3.55 -26.76 5.52
CA GLU A 101 4.62 -25.85 5.11
C GLU A 101 4.16 -24.92 3.99
N LEU A 102 3.51 -25.48 2.97
CA LEU A 102 3.02 -24.68 1.86
C LEU A 102 1.99 -23.66 2.31
N ILE A 103 0.93 -24.13 2.98
CA ILE A 103 -0.15 -23.24 3.35
C ILE A 103 0.33 -22.17 4.33
N SER A 104 1.42 -22.44 5.07
CA SER A 104 1.95 -21.39 5.92
C SER A 104 2.35 -20.17 5.11
N HIS A 105 2.70 -20.36 3.84
CA HIS A 105 3.00 -19.25 2.93
C HIS A 105 1.77 -18.64 2.26
N PHE A 106 0.63 -19.31 2.29
CA PHE A 106 -0.58 -18.71 1.72
C PHE A 106 -1.05 -17.51 2.53
N GLN A 107 -1.73 -16.60 1.84
CA GLN A 107 -2.55 -15.58 2.50
C GLN A 107 -3.84 -16.19 3.07
N LEU A 108 -4.30 -17.27 2.46
CA LEU A 108 -5.39 -18.07 3.01
C LEU A 108 -4.87 -18.85 4.21
N ARG A 109 -5.79 -19.28 5.07
CA ARG A 109 -5.39 -20.09 6.20
C ARG A 109 -6.51 -21.11 6.42
N ASP A 110 -6.17 -22.27 6.99
CA ASP A 110 -7.21 -23.24 7.33
C ASP A 110 -7.74 -23.10 8.74
N GLU A 111 -6.87 -22.93 9.74
CA GLU A 111 -7.27 -22.90 11.14
C GLU A 111 -6.52 -21.77 11.83
N VAL A 112 -7.17 -20.61 11.94
CA VAL A 112 -6.57 -19.48 12.63
C VAL A 112 -6.36 -19.87 14.09
N PRO A 113 -5.12 -19.89 14.58
CA PRO A 113 -4.82 -20.61 15.81
C PRO A 113 -5.24 -19.86 17.06
N TRP A 114 -5.46 -20.63 18.12
CA TRP A 114 -5.60 -20.07 19.46
C TRP A 114 -4.43 -19.16 19.81
N TRP A 115 -3.25 -19.46 19.26
CA TRP A 115 -2.07 -18.61 19.45
C TRP A 115 -2.21 -17.21 18.87
N ASN A 116 -3.02 -17.01 17.84
CA ASN A 116 -3.14 -15.67 17.28
C ASN A 116 -4.41 -15.50 16.46
N VAL A 117 -5.24 -14.53 16.86
CA VAL A 117 -6.47 -14.21 16.16
C VAL A 117 -6.27 -13.17 15.05
N VAL A 118 -5.06 -12.60 14.93
CA VAL A 118 -4.77 -11.68 13.85
C VAL A 118 -4.78 -12.40 12.51
N GLY A 119 -5.24 -11.72 11.47
CA GLY A 119 -5.65 -12.35 10.23
C GLY A 119 -7.05 -12.91 10.29
N ASP A 120 -7.36 -13.74 9.28
CA ASP A 120 -8.64 -14.41 9.23
C ASP A 120 -8.55 -15.58 8.26
N ARG A 121 -9.61 -16.39 8.23
CA ARG A 121 -9.76 -17.48 7.29
C ARG A 121 -11.06 -17.36 6.47
N LYS A 122 -11.48 -16.12 6.20
CA LYS A 122 -12.46 -15.88 5.15
C LYS A 122 -11.80 -15.98 3.77
N TYR A 123 -12.23 -16.96 2.98
CA TYR A 123 -11.79 -17.08 1.61
C TYR A 123 -12.16 -15.85 0.79
N GLN A 124 -11.32 -15.57 -0.21
CA GLN A 124 -11.59 -14.52 -1.19
C GLN A 124 -10.85 -14.90 -2.46
N LYS A 125 -11.57 -15.03 -3.57
CA LYS A 125 -10.93 -15.54 -4.78
C LYS A 125 -9.79 -14.63 -5.22
N GLN A 126 -9.89 -13.33 -4.93
CA GLN A 126 -8.79 -12.41 -5.19
C GLN A 126 -7.52 -12.79 -4.42
N LYS A 127 -7.67 -13.30 -3.19
CA LYS A 127 -6.51 -13.79 -2.46
C LYS A 127 -5.97 -15.09 -3.06
N LEU A 128 -6.86 -16.04 -3.37
CA LEU A 128 -6.42 -17.30 -3.96
C LEU A 128 -5.68 -17.08 -5.28
N ALA A 129 -6.21 -16.21 -6.13
CA ALA A 129 -5.58 -15.92 -7.41
C ALA A 129 -4.15 -15.41 -7.27
N GLY A 130 -3.76 -14.93 -6.10
CA GLY A 130 -2.36 -14.66 -5.78
C GLY A 130 -1.63 -15.79 -5.07
N ASP A 131 -2.34 -16.43 -4.15
CA ASP A 131 -1.75 -17.50 -3.37
C ASP A 131 -1.35 -18.71 -4.21
N LEU A 132 -2.09 -19.04 -5.26
CA LEU A 132 -1.60 -20.05 -6.20
C LEU A 132 -0.22 -19.70 -6.76
N GLU A 133 0.06 -18.42 -7.02
CA GLU A 133 1.41 -18.04 -7.44
C GLU A 133 2.39 -18.01 -6.28
N THR A 134 1.91 -17.80 -5.06
CA THR A 134 2.84 -17.94 -3.93
C THR A 134 3.28 -19.39 -3.78
N LEU A 135 2.36 -20.31 -4.01
CA LEU A 135 2.69 -21.73 -4.08
C LEU A 135 3.67 -22.02 -5.21
N ARG A 136 3.35 -21.53 -6.41
CA ARG A 136 4.17 -21.78 -7.59
C ARG A 136 5.57 -21.20 -7.43
N SER A 137 5.67 -20.00 -6.87
CA SER A 137 6.96 -19.37 -6.61
C SER A 137 7.73 -20.11 -5.52
N TYR A 138 7.07 -20.62 -4.49
CA TYR A 138 7.78 -21.43 -3.51
C TYR A 138 8.38 -22.66 -4.16
N TYR A 139 7.59 -23.39 -4.94
CA TYR A 139 8.10 -24.60 -5.59
C TYR A 139 9.19 -24.32 -6.61
N LEU A 140 9.07 -23.22 -7.36
CA LEU A 140 10.14 -22.87 -8.30
C LEU A 140 11.38 -22.37 -7.58
N ASP A 141 11.23 -21.70 -6.44
CA ASP A 141 12.41 -21.35 -5.66
C ASP A 141 13.12 -22.61 -5.17
N ARG A 142 12.39 -23.53 -4.57
CA ARG A 142 12.94 -24.85 -4.28
C ARG A 142 13.42 -25.57 -5.53
N GLY A 143 12.89 -25.24 -6.70
CA GLY A 143 13.53 -25.55 -7.95
C GLY A 143 12.86 -26.61 -8.81
N TYR A 144 11.58 -26.91 -8.57
CA TYR A 144 10.85 -27.95 -9.29
C TYR A 144 10.35 -27.36 -10.62
N ALA A 145 11.28 -27.24 -11.56
CA ALA A 145 11.01 -26.51 -12.80
C ALA A 145 9.83 -27.07 -13.59
N ARG A 146 9.54 -28.36 -13.47
CA ARG A 146 8.40 -28.93 -14.16
C ARG A 146 7.11 -28.88 -13.38
N PHE A 147 7.11 -28.27 -12.20
CA PHE A 147 5.89 -28.09 -11.43
C PHE A 147 4.76 -27.46 -12.23
N ASN A 148 3.59 -28.08 -12.13
CA ASN A 148 2.36 -27.56 -12.73
C ASN A 148 1.24 -27.66 -11.71
N ILE A 149 0.48 -26.58 -11.55
CA ILE A 149 -0.83 -26.61 -10.90
C ILE A 149 -1.81 -27.29 -11.84
N ASP A 150 -2.17 -28.53 -11.51
CA ASP A 150 -3.09 -29.32 -12.32
C ASP A 150 -4.53 -29.06 -11.90
N SER A 151 -5.26 -28.31 -12.73
CA SER A 151 -6.71 -28.19 -12.64
C SER A 151 -7.18 -27.81 -11.23
N THR A 152 -6.60 -26.75 -10.69
CA THR A 152 -6.88 -26.35 -9.31
C THR A 152 -8.38 -26.17 -9.08
N GLN A 153 -8.81 -26.50 -7.85
CA GLN A 153 -10.20 -26.77 -7.53
C GLN A 153 -10.59 -26.04 -6.25
N VAL A 154 -11.81 -25.52 -6.21
CA VAL A 154 -12.39 -24.95 -5.00
C VAL A 154 -13.75 -25.58 -4.77
N SER A 155 -14.02 -25.98 -3.53
CA SER A 155 -15.21 -26.74 -3.19
C SER A 155 -15.84 -26.03 -2.00
N LEU A 156 -17.15 -25.83 -2.03
CA LEU A 156 -17.82 -25.04 -1.00
C LEU A 156 -19.00 -25.79 -0.42
N THR A 157 -19.10 -25.75 0.90
CA THR A 157 -19.85 -26.74 1.67
C THR A 157 -21.35 -26.68 1.37
N PRO A 158 -22.05 -27.82 1.42
CA PRO A 158 -23.49 -27.81 1.13
C PRO A 158 -24.30 -26.94 2.06
N ASP A 159 -23.75 -26.56 3.20
CA ASP A 159 -24.12 -25.31 3.88
C ASP A 159 -23.17 -24.21 3.43
N LYS A 160 -23.73 -23.20 2.76
CA LYS A 160 -22.99 -22.31 1.89
C LYS A 160 -21.96 -21.47 2.63
N LYS A 161 -21.93 -21.52 3.96
CA LYS A 161 -20.91 -20.82 4.72
C LYS A 161 -19.53 -21.45 4.61
N GLY A 162 -19.42 -22.76 4.37
CA GLY A 162 -18.13 -23.43 4.42
C GLY A 162 -17.40 -23.48 3.09
N ILE A 163 -16.07 -23.44 3.16
CA ILE A 163 -15.21 -23.55 1.98
C ILE A 163 -14.05 -24.47 2.33
N TYR A 164 -13.57 -25.24 1.34
CA TYR A 164 -12.18 -25.66 1.29
C TYR A 164 -11.68 -25.75 -0.15
N VAL A 165 -10.38 -25.48 -0.31
CA VAL A 165 -9.72 -25.43 -1.61
C VAL A 165 -8.74 -26.58 -1.74
N THR A 166 -8.77 -27.26 -2.88
CA THR A 166 -7.85 -28.34 -3.20
C THR A 166 -7.09 -27.94 -4.46
N VAL A 167 -5.77 -27.77 -4.32
CA VAL A 167 -4.87 -27.52 -5.44
C VAL A 167 -4.16 -28.81 -5.78
N ASN A 168 -4.62 -29.53 -6.80
CA ASN A 168 -3.85 -30.68 -7.27
C ASN A 168 -2.58 -30.19 -7.97
N ILE A 169 -1.48 -30.92 -7.78
CA ILE A 169 -0.21 -30.61 -8.41
C ILE A 169 0.49 -31.87 -8.88
N THR A 170 1.34 -31.71 -9.90
CA THR A 170 2.49 -32.58 -10.13
C THR A 170 3.74 -31.79 -9.81
N GLU A 171 4.52 -32.26 -8.83
CA GLU A 171 5.72 -31.53 -8.43
C GLU A 171 6.84 -31.66 -9.46
N GLY A 172 6.86 -32.76 -10.20
CA GLY A 172 7.98 -33.06 -11.09
C GLY A 172 9.22 -33.52 -10.34
N ASP A 173 10.34 -32.83 -10.51
CA ASP A 173 11.48 -33.01 -9.64
C ASP A 173 12.28 -31.71 -9.55
N GLN A 174 13.01 -31.56 -8.45
CA GLN A 174 13.89 -30.41 -8.29
C GLN A 174 15.15 -30.60 -9.12
N TYR A 175 15.54 -29.56 -9.85
CA TYR A 175 16.64 -29.61 -10.81
C TYR A 175 17.77 -28.71 -10.36
N LYS A 176 19.01 -29.16 -10.60
CA LYS A 176 20.17 -28.29 -10.41
C LYS A 176 20.35 -27.37 -11.62
N LEU A 177 20.97 -26.21 -11.35
CA LEU A 177 21.32 -25.20 -12.35
C LEU A 177 22.67 -25.51 -13.02
N SER A 178 22.67 -26.61 -13.78
CA SER A 178 23.93 -27.11 -14.32
C SER A 178 24.56 -26.18 -15.35
N GLY A 179 23.79 -25.28 -15.96
CA GLY A 179 24.35 -24.29 -16.87
C GLY A 179 23.56 -22.99 -16.86
N VAL A 180 24.26 -21.88 -17.06
CA VAL A 180 23.63 -20.62 -17.46
C VAL A 180 24.32 -20.01 -18.67
N GLU A 181 23.52 -19.53 -19.62
CA GLU A 181 23.97 -19.00 -20.89
C GLU A 181 23.28 -17.64 -21.03
N VAL A 182 24.02 -16.62 -21.44
CA VAL A 182 23.45 -15.29 -21.58
C VAL A 182 23.99 -14.64 -22.86
N SER A 183 23.07 -14.16 -23.70
CA SER A 183 23.39 -13.82 -25.09
C SER A 183 22.53 -12.66 -25.55
N GLY A 184 23.11 -11.81 -26.40
CA GLY A 184 22.34 -10.82 -27.14
C GLY A 184 22.99 -9.45 -27.28
N ASN A 185 22.16 -8.42 -27.39
CA ASN A 185 22.64 -7.04 -27.62
C ASN A 185 23.11 -6.39 -26.32
N LEU A 186 24.08 -7.03 -25.67
CA LEU A 186 24.48 -6.63 -24.33
C LEU A 186 25.27 -5.32 -24.30
N ALA A 187 25.56 -4.75 -25.47
CA ALA A 187 26.38 -3.54 -25.58
C ALA A 187 27.69 -3.67 -24.81
N GLY A 188 28.25 -4.87 -24.82
CA GLY A 188 29.52 -5.15 -24.18
C GLY A 188 29.50 -5.30 -22.67
N HIS A 189 28.34 -5.17 -22.03
CA HIS A 189 28.26 -5.28 -20.58
C HIS A 189 28.38 -6.70 -20.06
N SER A 190 28.61 -7.69 -20.93
CA SER A 190 28.74 -9.08 -20.50
C SER A 190 29.71 -9.27 -19.34
N ALA A 191 30.79 -8.49 -19.32
CA ALA A 191 31.78 -8.60 -18.24
C ALA A 191 31.25 -8.23 -16.87
N GLU A 192 30.17 -7.47 -16.81
CA GLU A 192 29.41 -7.32 -15.58
C GLU A 192 28.22 -8.27 -15.51
N ILE A 193 27.56 -8.51 -16.64
CA ILE A 193 26.33 -9.29 -16.62
C ILE A 193 26.59 -10.70 -16.12
N GLU A 194 27.63 -11.35 -16.65
CA GLU A 194 27.94 -12.69 -16.19
C GLU A 194 28.37 -12.71 -14.73
N GLN A 195 28.88 -11.59 -14.21
CA GLN A 195 29.24 -11.52 -12.81
C GLN A 195 28.04 -11.28 -11.90
N LEU A 196 26.87 -10.98 -12.45
CA LEU A 196 25.63 -11.29 -11.76
C LEU A 196 25.36 -12.79 -11.80
N THR A 197 25.65 -13.40 -12.94
CA THR A 197 25.18 -14.73 -13.29
C THR A 197 25.99 -15.85 -12.65
N LYS A 198 27.18 -15.55 -12.13
CA LYS A 198 28.03 -16.59 -11.56
C LYS A 198 27.25 -17.49 -10.60
N ILE A 199 27.33 -18.80 -10.85
CA ILE A 199 26.77 -19.82 -9.98
C ILE A 199 27.69 -21.02 -10.04
N GLU A 200 27.72 -21.80 -8.96
CA GLU A 200 28.27 -23.16 -9.05
C GLU A 200 27.30 -24.05 -9.80
N PRO A 201 27.76 -24.80 -10.81
CA PRO A 201 26.83 -25.67 -11.56
C PRO A 201 26.06 -26.67 -10.72
N GLY A 202 26.54 -27.03 -9.52
CA GLY A 202 25.74 -27.83 -8.60
C GLY A 202 24.68 -27.10 -7.82
N GLU A 203 24.64 -25.76 -7.88
CA GLU A 203 23.61 -25.03 -7.17
C GLU A 203 22.22 -25.35 -7.70
N LEU A 204 21.23 -25.16 -6.83
CA LEU A 204 19.84 -25.40 -7.15
C LEU A 204 19.30 -24.34 -8.09
N TYR A 205 18.73 -24.78 -9.22
CA TYR A 205 17.94 -23.88 -10.05
C TYR A 205 16.76 -23.34 -9.26
N ASN A 206 16.38 -22.10 -9.53
CA ASN A 206 15.53 -21.38 -8.58
C ASN A 206 14.79 -20.26 -9.30
N GLY A 207 13.45 -20.35 -9.26
CA GLY A 207 12.60 -19.32 -9.85
C GLY A 207 12.83 -17.93 -9.28
N THR A 208 12.98 -17.83 -7.96
CA THR A 208 13.39 -16.57 -7.35
C THR A 208 14.76 -16.13 -7.84
N LYS A 209 15.73 -17.05 -7.92
CA LYS A 209 17.06 -16.67 -8.36
C LYS A 209 17.06 -16.15 -9.79
N VAL A 210 16.37 -16.84 -10.70
CA VAL A 210 16.25 -16.32 -12.06
C VAL A 210 15.44 -15.02 -12.12
N THR A 211 14.46 -14.85 -11.24
CA THR A 211 13.73 -13.58 -11.19
C THR A 211 14.64 -12.43 -10.78
N LYS A 212 15.43 -12.64 -9.73
CA LYS A 212 16.37 -11.60 -9.31
C LYS A 212 17.50 -11.40 -10.31
N MET A 213 17.94 -12.46 -10.98
CA MET A 213 18.92 -12.30 -12.06
C MET A 213 18.37 -11.46 -13.20
N GLU A 214 17.10 -11.67 -13.58
CA GLU A 214 16.44 -10.81 -14.55
C GLU A 214 16.38 -9.36 -14.07
N ASP A 215 15.91 -9.15 -12.84
CA ASP A 215 15.86 -7.79 -12.29
C ASP A 215 17.24 -7.15 -12.23
N ASP A 216 18.26 -7.91 -11.84
CA ASP A 216 19.62 -7.39 -11.82
C ASP A 216 20.15 -7.04 -13.21
N ILE A 217 19.81 -7.83 -14.23
CA ILE A 217 20.19 -7.44 -15.60
C ILE A 217 19.49 -6.16 -16.02
N LYS A 218 18.19 -6.04 -15.70
CA LYS A 218 17.49 -4.78 -15.93
C LYS A 218 18.08 -3.64 -15.12
N LYS A 219 18.65 -3.93 -13.96
CA LYS A 219 19.36 -2.91 -13.18
C LYS A 219 20.65 -2.47 -13.84
N LEU A 220 21.48 -3.41 -14.29
CA LEU A 220 22.73 -3.04 -14.93
C LEU A 220 22.47 -2.22 -16.20
N LEU A 221 21.61 -2.73 -17.08
CA LEU A 221 21.25 -1.94 -18.25
C LEU A 221 20.60 -0.62 -17.88
N GLY A 222 19.81 -0.58 -16.80
CA GLY A 222 19.36 0.71 -16.28
C GLY A 222 20.51 1.63 -15.96
N ARG A 223 21.54 1.10 -15.30
CA ARG A 223 22.68 1.93 -14.91
C ARG A 223 23.29 2.58 -16.14
N TYR A 224 23.51 1.81 -17.19
CA TYR A 224 24.18 2.37 -18.35
C TYR A 224 23.21 3.02 -19.34
N GLY A 225 21.92 3.00 -19.03
CA GLY A 225 20.91 3.74 -19.76
C GLY A 225 20.09 2.95 -20.75
N TYR A 226 20.30 1.65 -20.86
CA TYR A 226 19.41 0.77 -21.60
C TYR A 226 18.16 0.58 -20.75
N ALA A 227 17.31 1.60 -20.73
CA ALA A 227 16.24 1.66 -19.72
C ALA A 227 15.14 0.63 -19.95
N TYR A 228 14.80 0.31 -21.19
CA TYR A 228 13.70 -0.61 -21.49
C TYR A 228 14.22 -1.78 -22.32
N PRO A 229 15.08 -2.61 -21.75
CA PRO A 229 15.51 -3.82 -22.44
C PRO A 229 14.39 -4.84 -22.52
N ARG A 230 14.33 -5.56 -23.63
CA ARG A 230 13.73 -6.89 -23.61
C ARG A 230 14.68 -7.84 -22.89
N VAL A 231 14.17 -8.50 -21.85
CA VAL A 231 14.88 -9.56 -21.15
C VAL A 231 14.00 -10.79 -21.05
N GLN A 232 14.53 -11.93 -21.49
CA GLN A 232 13.81 -13.15 -21.71
C GLN A 232 14.55 -14.26 -20.97
N SER A 233 13.82 -15.16 -20.34
CA SER A 233 14.43 -16.27 -19.62
C SER A 233 13.81 -17.57 -20.05
N MET A 234 14.65 -18.53 -20.44
CA MET A 234 14.16 -19.81 -20.91
C MET A 234 15.07 -20.90 -20.36
N PRO A 235 14.53 -21.91 -19.68
CA PRO A 235 15.36 -23.07 -19.30
C PRO A 235 15.49 -24.03 -20.47
N GLU A 236 16.72 -24.45 -20.77
CA GLU A 236 16.90 -25.75 -21.39
C GLU A 236 16.82 -26.77 -20.27
N ILE A 237 15.99 -27.79 -20.45
CA ILE A 237 15.69 -28.75 -19.39
C ILE A 237 16.16 -30.12 -19.84
N ASN A 238 17.08 -30.72 -19.07
CA ASN A 238 17.41 -32.13 -19.17
C ASN A 238 16.62 -32.88 -18.09
N ASP A 239 15.42 -33.32 -18.46
CA ASP A 239 14.61 -34.11 -17.52
C ASP A 239 15.28 -35.44 -17.23
N ALA A 240 15.88 -36.07 -18.23
CA ALA A 240 16.50 -37.36 -18.00
C ALA A 240 17.59 -37.24 -16.95
N ASP A 241 18.41 -36.18 -17.02
CA ASP A 241 19.41 -35.93 -16.00
C ASP A 241 18.92 -34.93 -14.95
N LYS A 242 17.69 -34.43 -15.08
CA LYS A 242 17.06 -33.59 -14.06
C LYS A 242 17.89 -32.35 -13.72
N THR A 243 18.33 -31.61 -14.74
CA THR A 243 19.01 -30.34 -14.50
C THR A 243 18.56 -29.30 -15.51
N VAL A 244 18.72 -28.03 -15.14
CA VAL A 244 18.43 -26.89 -16.00
C VAL A 244 19.74 -26.29 -16.47
N LYS A 245 19.89 -26.15 -17.78
CA LYS A 245 20.88 -25.27 -18.39
C LYS A 245 20.14 -23.99 -18.77
N LEU A 246 20.16 -23.02 -17.86
CA LEU A 246 19.35 -21.84 -18.01
C LEU A 246 19.88 -20.96 -19.14
N ARG A 247 18.96 -20.25 -19.79
CA ARG A 247 19.30 -19.29 -20.83
C ARG A 247 18.66 -17.96 -20.47
N VAL A 248 19.40 -16.88 -20.67
CA VAL A 248 18.86 -15.53 -20.53
C VAL A 248 19.24 -14.76 -21.77
N ASN A 249 18.26 -14.10 -22.39
CA ASN A 249 18.39 -13.53 -23.71
C ASN A 249 17.95 -12.09 -23.62
N VAL A 250 18.80 -11.17 -24.05
CA VAL A 250 18.61 -9.76 -23.75
C VAL A 250 18.85 -8.96 -25.01
N ASP A 251 17.87 -8.16 -25.40
CA ASP A 251 18.04 -7.12 -26.40
C ASP A 251 17.86 -5.80 -25.69
N ALA A 252 18.93 -5.02 -25.62
CA ALA A 252 18.95 -3.90 -24.69
C ALA A 252 18.03 -2.76 -25.09
N GLY A 253 17.52 -2.76 -26.31
CA GLY A 253 16.93 -1.54 -26.84
C GLY A 253 17.98 -0.46 -27.01
N ASN A 254 17.48 0.76 -27.20
CA ASN A 254 18.37 1.90 -27.32
C ASN A 254 18.79 2.39 -25.94
N ARG A 255 19.92 3.09 -25.90
CA ARG A 255 20.35 3.82 -24.70
C ARG A 255 19.51 5.08 -24.55
N PHE A 256 18.56 5.06 -23.62
CA PHE A 256 17.63 6.17 -23.52
C PHE A 256 18.30 7.43 -22.99
N TYR A 257 17.89 8.57 -23.51
CA TYR A 257 18.31 9.89 -23.05
C TYR A 257 17.14 10.58 -22.34
N VAL A 258 17.43 11.23 -21.22
CA VAL A 258 16.41 11.97 -20.48
C VAL A 258 16.23 13.34 -21.12
N ARG A 259 15.18 13.45 -21.94
CA ARG A 259 14.87 14.67 -22.66
C ARG A 259 14.44 15.78 -21.70
N LYS A 260 13.56 15.46 -20.77
CA LYS A 260 13.12 16.39 -19.73
C LYS A 260 13.11 15.64 -18.41
N ILE A 261 13.48 16.33 -17.32
CA ILE A 261 13.09 15.91 -15.98
C ILE A 261 11.93 16.77 -15.53
N ARG A 262 10.82 16.14 -15.17
CA ARG A 262 9.60 16.83 -14.81
C ARG A 262 9.24 16.50 -13.37
N PHE A 263 9.02 17.53 -12.56
CA PHE A 263 8.49 17.41 -11.22
C PHE A 263 7.03 17.83 -11.22
N GLU A 264 6.14 16.90 -10.87
CA GLU A 264 4.70 17.14 -10.81
C GLU A 264 4.22 16.95 -9.39
N GLY A 265 3.60 17.99 -8.82
CA GLY A 265 3.46 18.14 -7.39
C GLY A 265 4.08 19.43 -6.93
N ASN A 266 4.95 19.38 -5.92
CA ASN A 266 5.94 20.42 -5.57
C ASN A 266 5.30 21.79 -5.37
N ASP A 267 4.00 21.86 -5.08
CA ASP A 267 3.29 23.12 -5.30
C ASP A 267 3.79 24.23 -4.40
N THR A 268 4.44 23.92 -3.28
CA THR A 268 5.14 24.92 -2.49
C THR A 268 6.63 24.99 -2.83
N SER A 269 7.24 23.83 -3.08
CA SER A 269 8.68 23.76 -3.32
C SER A 269 9.01 24.44 -4.63
N LYS A 270 9.91 25.42 -4.61
CA LYS A 270 10.45 25.88 -5.88
C LYS A 270 11.06 24.69 -6.60
N ASP A 271 10.80 24.59 -7.89
CA ASP A 271 11.33 23.49 -8.69
C ASP A 271 12.82 23.29 -8.41
N ALA A 272 13.56 24.38 -8.23
CA ALA A 272 14.97 24.30 -7.85
C ALA A 272 15.25 23.35 -6.68
N VAL A 273 14.44 23.43 -5.61
CA VAL A 273 14.73 22.59 -4.43
C VAL A 273 14.35 21.13 -4.58
N LEU A 274 13.68 20.74 -5.67
CA LEU A 274 13.67 19.33 -6.07
C LEU A 274 14.77 19.00 -7.07
N ARG A 275 14.99 19.88 -8.03
CA ARG A 275 15.87 19.58 -9.15
C ARG A 275 17.33 19.51 -8.72
N ARG A 276 17.72 20.32 -7.73
CA ARG A 276 19.03 20.18 -7.12
C ARG A 276 19.21 18.86 -6.39
N GLU A 277 18.15 18.17 -6.01
CA GLU A 277 18.25 16.85 -5.40
C GLU A 277 18.34 15.71 -6.41
N MET A 278 18.46 16.02 -7.70
CA MET A 278 18.75 15.01 -8.70
C MET A 278 20.23 14.66 -8.70
N ARG A 279 20.51 13.40 -9.05
CA ARG A 279 21.84 12.98 -9.49
C ARG A 279 21.88 12.78 -10.99
N GLN A 280 20.91 12.03 -11.52
CA GLN A 280 20.72 11.94 -12.96
C GLN A 280 20.27 13.27 -13.53
N MET A 281 20.90 13.70 -14.62
CA MET A 281 20.69 15.03 -15.19
C MET A 281 19.74 14.90 -16.37
N GLU A 282 18.84 15.86 -16.54
CA GLU A 282 18.16 15.96 -17.84
C GLU A 282 19.21 16.15 -18.92
N GLY A 283 18.83 15.81 -20.15
CA GLY A 283 19.76 16.00 -21.26
C GLY A 283 21.03 15.19 -21.17
N ALA A 284 20.93 13.97 -20.66
CA ALA A 284 22.05 13.06 -20.54
C ALA A 284 21.47 11.66 -20.65
N TRP A 285 22.33 10.66 -20.78
CA TRP A 285 21.82 9.30 -20.74
C TRP A 285 21.20 9.02 -19.38
N LEU A 286 20.12 8.24 -19.40
CA LEU A 286 19.54 7.77 -18.16
C LEU A 286 20.54 6.92 -17.38
N GLY A 287 20.45 6.98 -16.06
CA GLY A 287 20.88 5.87 -15.24
C GLY A 287 19.79 5.53 -14.25
N SER A 288 19.24 4.32 -14.37
CA SER A 288 18.09 3.97 -13.55
C SER A 288 18.43 4.07 -12.07
N ASP A 289 19.60 3.58 -11.67
CA ASP A 289 20.04 3.76 -10.29
C ASP A 289 20.33 5.22 -9.95
N LEU A 290 20.82 6.00 -10.91
CA LEU A 290 20.96 7.44 -10.67
C LEU A 290 19.61 8.12 -10.43
N VAL A 291 18.60 7.73 -11.20
CA VAL A 291 17.25 8.23 -10.95
C VAL A 291 16.74 7.77 -9.59
N ASP A 292 17.01 6.52 -9.23
CA ASP A 292 16.61 6.04 -7.91
C ASP A 292 17.31 6.79 -6.79
N GLN A 293 18.59 7.14 -6.98
CA GLN A 293 19.29 7.99 -6.02
C GLN A 293 18.69 9.39 -5.96
N GLY A 294 18.19 9.90 -7.08
CA GLY A 294 17.38 11.12 -7.02
C GLY A 294 16.13 10.95 -6.18
N LYS A 295 15.40 9.87 -6.41
CA LYS A 295 14.22 9.55 -5.62
C LYS A 295 14.55 9.47 -4.14
N GLU A 296 15.67 8.82 -3.80
CA GLU A 296 16.10 8.72 -2.41
C GLU A 296 16.48 10.08 -1.85
N ARG A 297 17.09 10.96 -2.65
CA ARG A 297 17.39 12.30 -2.17
C ARG A 297 16.13 13.09 -1.89
N LEU A 298 15.13 12.99 -2.77
CA LEU A 298 13.83 13.63 -2.50
C LEU A 298 13.19 13.07 -1.23
N ASN A 299 13.29 11.76 -1.00
CA ASN A 299 12.86 11.20 0.28
C ASN A 299 13.63 11.80 1.45
N ARG A 300 14.96 11.78 1.37
CA ARG A 300 15.80 12.28 2.45
C ARG A 300 15.49 13.74 2.77
N LEU A 301 15.19 14.54 1.76
CA LEU A 301 14.78 15.91 2.02
C LEU A 301 13.51 15.97 2.87
N GLY A 302 12.65 14.95 2.77
CA GLY A 302 11.50 14.82 3.64
C GLY A 302 10.34 15.75 3.36
N PHE A 303 10.48 16.67 2.41
CA PHE A 303 9.37 17.54 2.02
C PHE A 303 8.20 16.79 1.39
N PHE A 304 8.36 15.50 1.07
CA PHE A 304 7.38 14.79 0.25
C PHE A 304 6.86 13.54 0.93
N GLU A 305 5.53 13.45 1.05
CA GLU A 305 4.90 12.27 1.65
C GLU A 305 5.02 11.05 0.74
N THR A 306 4.95 11.26 -0.57
CA THR A 306 5.28 10.22 -1.54
C THR A 306 6.13 10.81 -2.65
N VAL A 307 7.07 10.01 -3.14
CA VAL A 307 7.86 10.30 -4.33
C VAL A 307 7.78 9.10 -5.26
N ASP A 308 7.39 9.36 -6.51
CA ASP A 308 7.11 8.32 -7.50
C ASP A 308 7.75 8.75 -8.81
N THR A 309 8.28 7.79 -9.57
CA THR A 309 8.99 8.09 -10.79
C THR A 309 8.43 7.27 -11.92
N ASP A 310 8.02 7.94 -12.99
CA ASP A 310 7.69 7.29 -14.26
C ASP A 310 8.71 7.70 -15.32
N THR A 311 9.44 6.71 -15.84
CA THR A 311 10.43 6.95 -16.88
C THR A 311 9.74 6.84 -18.24
N GLN A 312 8.82 7.78 -18.47
CA GLN A 312 7.89 7.69 -19.58
C GLN A 312 8.62 7.83 -20.91
N ARG A 313 8.43 6.89 -21.81
CA ARG A 313 8.98 7.05 -23.16
C ARG A 313 8.34 8.25 -23.84
N VAL A 314 9.17 9.00 -24.57
CA VAL A 314 8.68 10.23 -25.20
C VAL A 314 7.73 9.88 -26.35
N PRO A 315 6.55 10.48 -26.42
CA PRO A 315 5.68 10.24 -27.57
C PRO A 315 6.28 10.82 -28.84
N GLY A 316 6.26 10.03 -29.91
CA GLY A 316 6.74 10.46 -31.20
C GLY A 316 8.21 10.25 -31.48
N SER A 317 8.97 9.67 -30.54
CA SER A 317 10.38 9.45 -30.83
C SER A 317 10.93 8.32 -29.96
N PRO A 318 11.70 7.40 -30.54
CA PRO A 318 12.35 6.36 -29.73
C PRO A 318 13.61 6.86 -29.05
N ASP A 319 13.98 6.15 -27.98
CA ASP A 319 15.19 6.24 -27.14
C ASP A 319 15.27 7.51 -26.30
N GLN A 320 14.21 8.31 -26.21
CA GLN A 320 14.17 9.39 -25.24
C GLN A 320 13.05 9.14 -24.23
N VAL A 321 13.33 9.50 -22.97
CA VAL A 321 12.35 9.42 -21.89
C VAL A 321 12.26 10.77 -21.20
N ASP A 322 11.09 11.05 -20.64
CA ASP A 322 10.93 12.04 -19.59
C ASP A 322 10.83 11.31 -18.26
N VAL A 323 11.64 11.72 -17.29
CA VAL A 323 11.53 11.23 -15.91
C VAL A 323 10.56 12.15 -15.18
N VAL A 324 9.31 11.71 -15.04
CA VAL A 324 8.34 12.43 -14.22
C VAL A 324 8.54 11.96 -12.78
N TYR A 325 9.14 12.81 -11.96
CA TYR A 325 9.06 12.70 -10.50
C TYR A 325 7.74 13.30 -10.03
N LYS A 326 6.72 12.47 -9.92
CA LYS A 326 5.52 12.89 -9.20
C LYS A 326 5.85 12.93 -7.72
N VAL A 327 5.40 13.98 -7.03
CA VAL A 327 5.57 14.06 -5.59
C VAL A 327 4.29 14.58 -4.94
N LYS A 328 4.12 14.25 -3.67
CA LYS A 328 3.10 14.88 -2.83
C LYS A 328 3.80 15.57 -1.66
N GLU A 329 3.58 16.87 -1.50
CA GLU A 329 4.30 17.58 -0.44
C GLU A 329 3.71 17.26 0.93
N ARG A 330 4.60 16.95 1.87
CA ARG A 330 4.26 16.97 3.27
C ARG A 330 3.79 18.37 3.67
N ASN A 331 2.89 18.43 4.66
CA ASN A 331 2.32 19.65 5.23
C ASN A 331 1.41 20.41 4.25
N THR A 332 1.00 19.77 3.15
CA THR A 332 -0.16 20.18 2.37
C THR A 332 -0.20 21.69 2.08
N LEU A 333 0.94 22.27 1.74
CA LEU A 333 1.01 23.68 1.33
C LEU A 333 0.63 24.67 2.44
N VAL A 334 0.62 24.28 3.70
CA VAL A 334 0.10 25.22 4.72
C VAL A 334 1.00 26.45 4.75
N PRO A 335 0.44 27.66 4.93
CA PRO A 335 1.25 28.88 4.98
C PRO A 335 2.35 28.83 6.03
N ARG A 336 3.38 29.64 5.79
CA ARG A 336 4.64 29.61 6.55
C ARG A 336 5.30 28.24 6.50
N GLY A 337 5.03 27.49 5.45
CA GLY A 337 5.73 26.24 5.21
C GLY A 337 5.70 25.31 6.40
N SER A 338 6.77 24.53 6.54
CA SER A 338 7.00 23.78 7.77
C SER A 338 7.12 24.70 8.97
N PHE A 339 6.30 24.42 9.98
CA PHE A 339 5.91 25.34 11.04
C PHE A 339 6.14 24.61 12.35
N ASN A 340 6.43 25.36 13.41
CA ASN A 340 6.70 24.76 14.71
C ASN A 340 5.83 25.42 15.76
N PHE A 341 5.14 24.60 16.54
CA PHE A 341 4.63 24.99 17.83
C PHE A 341 4.70 23.75 18.70
N GLY A 342 4.99 23.95 19.98
CA GLY A 342 5.07 22.84 20.91
C GLY A 342 4.58 23.22 22.28
N ILE A 343 3.95 22.28 22.97
CA ILE A 343 3.88 22.30 24.41
C ILE A 343 4.31 20.93 24.94
N GLY A 344 5.27 20.94 25.87
CA GLY A 344 5.77 19.72 26.47
C GLY A 344 4.84 19.21 27.55
N TYR A 345 3.55 19.22 27.28
CA TYR A 345 2.56 19.04 28.33
C TYR A 345 2.57 17.58 28.81
N GLY A 346 2.89 17.36 30.09
CA GLY A 346 2.96 16.00 30.65
C GLY A 346 2.32 15.93 32.02
N THR A 347 2.75 14.99 32.87
CA THR A 347 2.19 14.80 34.24
C THR A 347 2.52 16.03 35.10
N GLU A 348 3.60 16.76 34.79
CA GLU A 348 4.04 17.94 35.58
C GLU A 348 2.95 19.02 35.56
N SER A 349 2.83 19.81 36.64
CA SER A 349 1.85 20.88 36.73
C SER A 349 2.22 22.07 35.84
N GLY A 350 3.48 22.51 35.90
CA GLY A 350 3.97 23.47 34.93
C GLY A 350 4.36 22.81 33.62
N VAL A 351 4.67 23.63 32.61
CA VAL A 351 5.00 23.10 31.30
C VAL A 351 5.95 24.05 30.57
N SER A 352 6.77 23.49 29.69
CA SER A 352 7.56 24.21 28.69
C SER A 352 6.81 24.34 27.37
N PHE A 353 7.07 25.41 26.63
CA PHE A 353 6.45 25.56 25.31
C PHE A 353 7.38 26.25 24.32
N GLN A 354 7.07 26.07 23.03
CA GLN A 354 7.95 26.43 21.92
C GLN A 354 7.14 26.94 20.72
N ALA A 355 7.79 27.74 19.87
CA ALA A 355 7.21 28.27 18.64
C ALA A 355 8.31 28.47 17.60
N GLY A 356 7.94 28.49 16.33
CA GLY A 356 8.92 28.77 15.29
C GLY A 356 8.43 28.44 13.89
N VAL A 357 9.37 28.57 12.95
CA VAL A 357 9.20 28.16 11.55
C VAL A 357 10.55 27.68 11.03
N GLN A 358 10.55 26.68 10.13
CA GLN A 358 11.64 26.58 9.15
C GLN A 358 11.15 25.96 7.85
N GLN A 359 11.13 26.78 6.78
CA GLN A 359 11.19 26.31 5.40
C GLN A 359 11.77 27.45 4.56
N ASP A 360 12.57 27.10 3.54
CA ASP A 360 13.34 28.10 2.80
C ASP A 360 12.56 29.05 1.88
N ASN A 361 11.25 29.15 2.03
CA ASN A 361 10.43 30.11 1.28
C ASN A 361 10.53 31.53 1.87
N TRP A 362 11.73 32.12 1.82
CA TRP A 362 11.89 33.47 2.36
C TRP A 362 12.67 34.39 1.44
N LEU A 363 12.93 35.59 1.97
CA LEU A 363 13.09 36.85 1.25
C LEU A 363 14.43 36.95 0.49
N GLY A 364 14.61 38.13 -0.10
CA GLY A 364 15.85 38.54 -0.76
C GLY A 364 16.21 37.71 -1.97
N THR A 365 17.45 37.23 -1.99
CA THR A 365 17.91 36.30 -3.03
C THR A 365 17.41 34.88 -2.80
N GLY A 366 16.40 34.72 -1.96
CA GLY A 366 15.82 33.42 -1.72
C GLY A 366 16.53 32.61 -0.66
N TYR A 367 17.18 33.26 0.30
CA TYR A 367 17.64 32.56 1.48
C TYR A 367 16.44 32.00 2.25
N ALA A 368 16.66 30.87 2.91
CA ALA A 368 15.78 30.42 3.97
C ALA A 368 15.92 31.29 5.21
N VAL A 369 14.84 31.36 5.98
CA VAL A 369 14.84 31.81 7.37
C VAL A 369 14.10 30.79 8.22
N GLY A 370 14.65 30.48 9.38
CA GLY A 370 14.01 29.64 10.38
C GLY A 370 14.21 30.18 11.78
N ILE A 371 13.15 30.33 12.54
CA ILE A 371 13.18 31.03 13.81
C ILE A 371 12.56 30.14 14.87
N ASN A 372 13.14 30.18 16.07
CA ASN A 372 12.68 29.35 17.18
C ASN A 372 12.65 30.15 18.48
N GLY A 373 11.59 29.98 19.26
CA GLY A 373 11.47 30.68 20.52
C GLY A 373 10.77 29.83 21.56
N THR A 374 11.29 29.81 22.79
CA THR A 374 10.87 28.80 23.76
C THR A 374 10.91 29.40 25.15
N LYS A 375 10.10 28.80 26.03
CA LYS A 375 10.28 28.92 27.46
C LYS A 375 10.30 27.55 28.11
N ASN A 376 11.26 27.41 29.03
CA ASN A 376 11.44 26.27 29.91
C ASN A 376 11.99 26.84 31.20
N ASP A 377 11.66 26.21 32.32
CA ASP A 377 11.90 26.88 33.59
C ASP A 377 11.18 28.23 33.53
N TYR A 378 11.81 29.30 34.02
CA TYR A 378 11.45 30.66 33.64
C TYR A 378 12.32 31.20 32.51
N GLN A 379 12.93 30.34 31.71
CA GLN A 379 13.81 30.81 30.64
C GLN A 379 13.07 31.71 29.65
N THR A 380 13.87 32.41 28.83
CA THR A 380 13.48 32.82 27.48
C THR A 380 14.63 32.40 26.56
N TYR A 381 14.34 31.64 25.52
CA TYR A 381 15.41 31.34 24.55
C TYR A 381 14.91 31.42 23.12
N ALA A 382 15.57 32.22 22.29
CA ALA A 382 15.03 32.59 20.99
C ALA A 382 16.17 32.79 20.00
N GLU A 383 15.93 32.41 18.75
CA GLU A 383 16.99 32.43 17.76
C GLU A 383 16.44 32.63 16.35
N LEU A 384 17.26 33.31 15.55
CA LEU A 384 17.15 33.44 14.10
C LEU A 384 18.18 32.54 13.44
N SER A 385 17.77 31.82 12.40
CA SER A 385 18.70 31.15 11.50
C SER A 385 18.38 31.48 10.05
N VAL A 386 19.43 31.62 9.25
CA VAL A 386 19.35 32.02 7.85
C VAL A 386 20.18 31.00 7.08
N THR A 387 19.59 30.38 6.06
CA THR A 387 20.19 29.18 5.51
C THR A 387 20.03 29.12 4.00
N ASN A 388 21.03 28.57 3.33
CA ASN A 388 20.92 28.18 1.92
C ASN A 388 21.69 26.88 1.74
N PRO A 389 21.00 25.73 1.75
CA PRO A 389 21.70 24.45 1.59
C PRO A 389 22.41 24.33 0.25
N TYR A 390 22.17 25.26 -0.68
CA TYR A 390 22.84 25.30 -1.97
C TYR A 390 23.38 26.71 -2.22
N PHE A 391 24.18 27.17 -1.26
CA PHE A 391 24.93 28.41 -1.41
C PHE A 391 25.60 28.51 -2.77
N THR A 392 25.98 27.38 -3.35
CA THR A 392 26.03 27.23 -4.80
C THR A 392 25.60 25.82 -5.15
N VAL A 393 25.31 25.61 -6.43
CA VAL A 393 24.49 24.49 -6.88
C VAL A 393 25.24 23.16 -6.81
N ASP A 394 26.49 23.19 -6.36
CA ASP A 394 27.11 21.94 -5.94
C ASP A 394 26.46 21.35 -4.70
N GLY A 395 25.67 22.14 -3.98
CA GLY A 395 25.15 21.74 -2.69
C GLY A 395 26.04 22.06 -1.51
N VAL A 396 27.15 22.76 -1.73
CA VAL A 396 27.79 23.49 -0.63
C VAL A 396 26.82 24.51 -0.06
N SER A 397 26.78 24.59 1.26
CA SER A 397 25.67 25.12 2.04
C SER A 397 26.19 26.23 2.94
N LEU A 398 25.31 27.17 3.27
CA LEU A 398 25.58 28.17 4.30
C LEU A 398 24.46 28.21 5.32
N GLY A 399 24.83 28.34 6.59
CA GLY A 399 23.86 28.57 7.64
C GLY A 399 24.40 29.44 8.75
N GLY A 400 23.72 30.52 9.07
CA GLY A 400 24.14 31.38 10.17
C GLY A 400 22.97 31.65 11.10
N ARG A 401 23.25 31.64 12.39
CA ARG A 401 22.18 31.85 13.36
C ARG A 401 22.64 32.75 14.49
N LEU A 402 21.70 33.55 14.98
CA LEU A 402 21.93 34.50 16.07
C LEU A 402 20.86 34.26 17.12
N PHE A 403 21.27 34.08 18.37
CA PHE A 403 20.41 33.51 19.39
C PHE A 403 20.69 34.17 20.74
N TYR A 404 19.62 34.28 21.53
CA TYR A 404 19.63 34.89 22.85
C TYR A 404 19.00 33.92 23.81
N ASN A 405 19.61 33.78 24.99
CA ASN A 405 19.14 32.87 26.03
C ASN A 405 19.21 33.57 27.38
N ASP A 406 18.14 33.41 28.17
CA ASP A 406 18.08 33.80 29.57
C ASP A 406 17.51 32.65 30.41
N PHE A 407 18.10 32.44 31.58
CA PHE A 407 17.69 31.44 32.55
C PHE A 407 17.50 32.11 33.90
N GLN A 408 16.33 31.94 34.48
CA GLN A 408 16.04 32.36 35.86
C GLN A 408 15.63 31.11 36.62
N ALA A 409 16.42 30.76 37.63
CA ALA A 409 16.48 29.41 38.21
C ALA A 409 15.42 29.19 39.28
N ASP A 410 14.16 29.43 38.95
CA ASP A 410 13.06 29.05 39.82
C ASP A 410 12.67 27.58 39.60
N ASP A 411 13.41 26.71 40.27
CA ASP A 411 13.26 25.24 40.22
C ASP A 411 13.34 24.74 38.77
N ALA A 412 12.46 23.81 38.40
CA ALA A 412 12.53 23.09 37.12
C ALA A 412 13.88 22.40 36.92
N ASP A 413 14.49 21.96 38.02
CA ASP A 413 15.86 21.46 38.09
C ASP A 413 16.90 22.45 37.60
N LEU A 414 16.52 23.70 37.34
CA LEU A 414 17.47 24.71 36.90
C LEU A 414 18.31 25.14 38.09
N SER A 415 19.61 24.88 38.04
CA SER A 415 20.49 25.21 39.16
C SER A 415 20.56 26.71 39.36
N ASP A 416 20.72 27.10 40.62
CA ASP A 416 20.21 28.39 41.09
C ASP A 416 21.13 29.53 40.66
N TYR A 417 20.70 30.30 39.67
CA TYR A 417 21.45 31.44 39.17
C TYR A 417 20.51 32.32 38.34
N THR A 418 21.03 33.46 37.88
CA THR A 418 20.62 34.14 36.66
C THR A 418 21.71 33.96 35.61
N ASN A 419 21.36 33.40 34.46
CA ASN A 419 22.36 33.12 33.43
C ASN A 419 21.87 33.56 32.06
N LYS A 420 22.71 34.28 31.32
CA LYS A 420 22.35 34.75 29.99
C LYS A 420 23.47 34.34 29.05
N SER A 421 23.10 33.98 27.81
CA SER A 421 24.08 33.74 26.77
C SER A 421 23.50 34.13 25.42
N TYR A 422 24.21 34.95 24.67
CA TYR A 422 23.80 35.28 23.31
C TYR A 422 24.97 35.13 22.35
N GLY A 423 24.66 34.53 21.20
CA GLY A 423 25.64 33.77 20.44
C GLY A 423 25.30 33.83 18.97
N THR A 424 26.33 33.76 18.13
CA THR A 424 26.09 33.53 16.71
C THR A 424 26.92 32.35 16.22
N ASP A 425 26.46 31.80 15.10
CA ASP A 425 27.21 30.86 14.28
C ASP A 425 27.16 31.36 12.84
N VAL A 426 28.26 31.14 12.12
CA VAL A 426 28.26 31.10 10.66
C VAL A 426 28.94 29.81 10.22
N THR A 427 28.26 29.02 9.41
CA THR A 427 28.69 27.69 9.04
C THR A 427 28.64 27.51 7.53
N LEU A 428 29.60 26.77 7.01
CA LEU A 428 29.62 26.32 5.62
C LEU A 428 29.63 24.80 5.61
N GLY A 429 28.65 24.23 4.91
CA GLY A 429 28.54 22.80 4.73
C GLY A 429 29.13 22.38 3.39
N PHE A 430 30.03 21.41 3.42
CA PHE A 430 30.49 20.80 2.18
C PHE A 430 29.87 19.42 2.10
N PRO A 431 29.11 19.05 1.06
CA PRO A 431 28.88 17.61 0.86
C PRO A 431 30.10 16.96 0.24
N ILE A 432 30.72 16.05 1.00
CA ILE A 432 32.00 15.44 0.60
C ILE A 432 31.79 14.05 0.03
N ASN A 433 30.57 13.52 0.10
CA ASN A 433 30.20 12.35 -0.67
C ASN A 433 28.68 12.37 -0.80
N GLU A 434 28.18 11.53 -1.71
CA GLU A 434 26.74 11.53 -1.98
C GLU A 434 25.92 11.41 -0.71
N TYR A 435 26.37 10.60 0.25
CA TYR A 435 25.66 10.36 1.49
C TYR A 435 26.24 11.08 2.70
N ASN A 436 27.08 12.10 2.49
CA ASN A 436 27.88 12.68 3.56
C ASN A 436 27.81 14.20 3.55
N SER A 437 28.21 14.78 4.67
CA SER A 437 28.45 16.22 4.74
C SER A 437 29.53 16.52 5.77
N LEU A 438 30.16 17.67 5.61
CA LEU A 438 31.08 18.28 6.56
C LEU A 438 30.55 19.67 6.90
N ARG A 439 30.84 20.16 8.10
CA ARG A 439 30.49 21.53 8.48
C ARG A 439 31.69 22.24 9.12
N ALA A 440 31.92 23.49 8.72
CA ALA A 440 32.97 24.32 9.32
C ALA A 440 32.46 25.75 9.48
N GLY A 441 32.67 26.37 10.65
CA GLY A 441 32.06 27.66 10.91
C GLY A 441 32.69 28.39 12.06
N LEU A 442 32.57 29.71 12.03
CA LEU A 442 32.78 30.52 13.23
C LEU A 442 31.60 30.38 14.20
N GLY A 443 31.90 30.39 15.49
CA GLY A 443 30.91 30.72 16.50
C GLY A 443 31.38 31.83 17.42
N TYR A 444 30.42 32.49 18.05
CA TYR A 444 30.64 33.47 19.10
C TYR A 444 29.61 33.24 20.19
N VAL A 445 29.99 33.46 21.45
CA VAL A 445 29.00 33.54 22.52
C VAL A 445 29.46 34.53 23.59
N HIS A 446 28.52 35.34 24.07
CA HIS A 446 28.68 36.16 25.28
C HIS A 446 27.80 35.59 26.38
N ASN A 447 28.41 35.17 27.50
CA ASN A 447 27.69 34.60 28.64
C ASN A 447 27.93 35.43 29.90
N SER A 448 26.84 35.90 30.51
CA SER A 448 26.92 36.76 31.68
C SER A 448 25.97 36.23 32.75
N LEU A 449 26.39 36.28 34.00
CA LEU A 449 25.70 35.59 35.08
C LEU A 449 25.66 36.47 36.32
N SER A 450 24.58 36.32 37.08
CA SER A 450 24.37 37.02 38.34
C SER A 450 23.61 36.09 39.27
N ASN A 451 23.46 36.52 40.52
CA ASN A 451 22.80 35.72 41.56
C ASN A 451 23.35 34.30 41.67
N MET A 452 24.63 34.13 41.32
CA MET A 452 25.28 32.82 41.19
C MET A 452 25.37 32.04 42.49
N GLN A 453 24.59 30.95 42.63
CA GLN A 453 24.71 30.08 43.79
C GLN A 453 26.00 29.28 43.75
N PRO A 454 26.80 29.28 44.81
CA PRO A 454 28.01 28.45 44.84
C PRO A 454 27.66 26.98 44.69
N GLN A 455 28.27 26.34 43.69
CA GLN A 455 27.79 25.08 43.17
C GLN A 455 29.00 24.31 42.65
N VAL A 456 29.33 23.20 43.32
CA VAL A 456 30.61 22.54 43.10
C VAL A 456 30.86 22.32 41.61
N ALA A 457 29.87 21.77 40.91
CA ALA A 457 30.09 21.41 39.51
C ALA A 457 30.31 22.64 38.65
N MET A 458 29.62 23.74 38.96
CA MET A 458 29.89 25.02 38.31
C MET A 458 31.18 25.66 38.83
N TRP A 459 31.31 25.76 40.15
CA TRP A 459 32.34 26.61 40.73
C TRP A 459 33.74 26.04 40.56
N ARG A 460 33.86 24.72 40.51
CA ARG A 460 35.13 24.11 40.11
C ARG A 460 35.61 24.64 38.76
N TYR A 461 34.69 24.80 37.79
CA TYR A 461 35.03 25.49 36.56
C TYR A 461 35.35 26.95 36.83
N LEU A 462 34.49 27.65 37.57
CA LEU A 462 34.67 29.09 37.75
C LEU A 462 36.06 29.39 38.31
N TYR A 463 36.45 28.70 39.37
CA TYR A 463 37.73 28.95 40.01
C TYR A 463 38.89 28.35 39.24
N SER A 464 38.65 27.39 38.34
CA SER A 464 39.71 27.04 37.41
C SER A 464 39.80 28.03 36.25
N MET A 465 38.84 28.94 36.12
CA MET A 465 39.04 30.17 35.36
C MET A 465 39.61 31.31 36.22
N GLY A 466 39.15 31.46 37.45
CA GLY A 466 39.48 32.63 38.26
C GLY A 466 38.44 33.74 38.17
N GLU A 467 38.58 34.69 39.11
CA GLU A 467 37.59 35.74 39.34
C GLU A 467 36.22 35.15 39.66
N HIS A 468 36.22 34.16 40.55
CA HIS A 468 34.99 33.60 41.08
C HIS A 468 34.26 34.62 41.95
N PRO A 469 32.93 34.48 42.09
CA PRO A 469 32.22 35.24 43.12
C PRO A 469 32.48 34.64 44.49
N SER A 470 32.12 35.39 45.53
CA SER A 470 32.29 34.89 46.89
C SER A 470 31.32 33.74 47.17
N THR A 471 31.87 32.66 47.73
CA THR A 471 31.08 31.69 48.48
C THR A 471 30.52 32.34 49.74
N SER A 472 29.63 31.61 50.43
CA SER A 472 28.86 32.17 51.53
C SER A 472 27.95 33.30 51.05
N ASP A 473 27.70 33.35 49.75
CA ASP A 473 26.91 34.42 49.15
C ASP A 473 26.25 33.87 47.88
N GLN A 474 25.23 34.58 47.43
CA GLN A 474 24.56 34.27 46.17
C GLN A 474 24.38 35.47 45.26
N ASP A 475 24.49 36.70 45.76
CA ASP A 475 24.34 37.91 44.95
C ASP A 475 25.63 38.15 44.17
N ASN A 476 25.84 37.30 43.15
CA ASN A 476 27.17 36.93 42.67
C ASN A 476 27.20 36.99 41.15
N SER A 477 28.28 37.56 40.60
CA SER A 477 28.39 37.87 39.18
C SER A 477 29.56 37.13 38.54
N PHE A 478 29.39 36.81 37.24
CA PHE A 478 30.46 36.19 36.46
C PHE A 478 30.22 36.51 34.98
N LYS A 479 31.29 36.46 34.18
CA LYS A 479 31.13 36.69 32.75
C LYS A 479 32.22 35.94 31.97
N THR A 480 31.87 35.55 30.74
CA THR A 480 32.83 35.01 29.77
C THR A 480 32.44 35.38 28.35
N ASP A 481 33.44 35.61 27.51
CA ASP A 481 33.25 36.00 26.12
C ASP A 481 34.08 35.07 25.25
N ASP A 482 33.47 34.57 24.16
CA ASP A 482 33.99 33.40 23.47
C ASP A 482 33.92 33.55 21.96
N PHE A 483 34.96 33.06 21.29
CA PHE A 483 35.02 32.90 19.85
C PHE A 483 35.51 31.48 19.59
N THR A 484 34.91 30.81 18.61
CA THR A 484 35.11 29.37 18.49
C THR A 484 35.15 28.96 17.02
N PHE A 485 35.85 27.86 16.77
CA PHE A 485 35.56 26.97 15.66
C PHE A 485 34.38 26.09 16.05
N ASN A 486 33.32 26.13 15.24
CA ASN A 486 32.24 25.16 15.25
C ASN A 486 32.43 24.22 14.08
N TYR A 487 32.37 22.92 14.33
CA TYR A 487 32.73 21.96 13.31
C TYR A 487 31.85 20.73 13.43
N GLY A 488 31.70 20.03 12.32
CA GLY A 488 30.84 18.87 12.33
C GLY A 488 30.98 18.04 11.08
N TRP A 489 30.23 16.95 11.08
CA TRP A 489 30.30 15.92 10.06
C TRP A 489 28.97 15.20 10.05
N THR A 490 28.64 14.61 8.91
CA THR A 490 27.40 13.88 8.80
C THR A 490 27.61 12.74 7.82
N TYR A 491 26.87 11.68 8.03
CA TYR A 491 26.59 10.67 7.02
C TYR A 491 25.08 10.57 7.05
N ASN A 492 24.43 10.67 5.91
CA ASN A 492 23.00 10.41 5.87
C ASN A 492 22.66 9.54 4.67
N LYS A 493 22.01 8.41 4.96
CA LYS A 493 21.21 7.68 3.99
C LYS A 493 19.99 7.16 4.73
N LEU A 494 18.81 7.52 4.24
CA LEU A 494 17.57 6.99 4.80
C LEU A 494 16.59 6.77 3.67
N ASP A 495 16.07 5.54 3.56
CA ASP A 495 14.90 5.31 2.73
C ASP A 495 13.73 5.88 3.52
N ARG A 496 13.49 7.18 3.32
CA ARG A 496 12.88 7.97 4.38
C ARG A 496 11.36 7.86 4.42
N GLY A 497 10.70 7.71 3.27
CA GLY A 497 9.29 8.04 3.26
C GLY A 497 9.20 9.44 3.82
N TYR A 498 8.54 9.63 4.96
CA TYR A 498 8.91 10.72 5.85
C TYR A 498 9.58 10.24 7.13
N PHE A 499 8.96 9.31 7.86
CA PHE A 499 9.65 8.66 8.96
C PHE A 499 10.40 7.44 8.44
N PRO A 500 11.72 7.41 8.57
CA PRO A 500 12.53 6.47 7.81
C PRO A 500 12.27 5.02 8.17
N THR A 501 12.59 4.14 7.23
CA THR A 501 12.45 2.70 7.39
C THR A 501 13.78 1.96 7.29
N ASP A 502 14.76 2.51 6.60
CA ASP A 502 16.00 1.81 6.33
C ASP A 502 17.14 2.81 6.15
N GLY A 503 18.36 2.31 6.33
CA GLY A 503 19.54 3.14 6.23
C GLY A 503 19.94 3.81 7.52
N SER A 504 21.11 4.44 7.50
CA SER A 504 21.67 5.08 8.67
C SER A 504 21.82 6.59 8.51
N ARG A 505 21.67 7.27 9.63
CA ARG A 505 21.94 8.69 9.83
C ARG A 505 22.87 8.86 11.02
N VAL A 506 23.96 9.56 10.79
CA VAL A 506 24.93 9.91 11.82
C VAL A 506 25.24 11.39 11.67
N ASN A 507 25.27 12.11 12.79
CA ASN A 507 25.58 13.52 12.81
C ASN A 507 26.59 13.70 13.92
N LEU A 508 27.66 14.44 13.66
CA LEU A 508 28.66 14.69 14.68
C LEU A 508 28.91 16.19 14.72
N THR A 509 28.78 16.79 15.89
CA THR A 509 28.85 18.25 16.00
C THR A 509 29.65 18.62 17.24
N GLY A 510 30.61 19.51 17.07
CA GLY A 510 31.55 19.83 18.13
C GLY A 510 32.06 21.23 17.95
N LYS A 511 32.91 21.63 18.88
CA LYS A 511 33.52 22.94 18.82
C LYS A 511 34.86 22.92 19.56
N VAL A 512 35.65 23.97 19.30
CA VAL A 512 36.77 24.34 20.16
C VAL A 512 36.94 25.84 20.05
N THR A 513 37.42 26.46 21.12
CA THR A 513 37.56 27.91 21.06
C THR A 513 38.75 28.29 20.18
N ILE A 514 38.82 29.56 19.80
CA ILE A 514 40.09 30.18 19.42
C ILE A 514 41.01 30.23 20.63
N PRO A 515 42.32 30.23 20.43
CA PRO A 515 43.25 30.18 21.57
C PRO A 515 43.01 31.33 22.53
N GLY A 516 43.09 31.02 23.82
CA GLY A 516 42.98 32.03 24.87
C GLY A 516 41.60 32.60 25.09
N SER A 517 40.58 32.06 24.44
CA SER A 517 39.22 32.49 24.69
C SER A 517 38.87 32.25 26.16
N ASP A 518 37.75 32.83 26.60
CA ASP A 518 37.37 32.64 28.00
C ASP A 518 36.86 31.25 28.28
N ASN A 519 36.94 30.36 27.30
CA ASN A 519 37.02 28.93 27.55
C ASN A 519 38.08 28.37 26.60
N GLU A 520 38.58 27.17 26.91
CA GLU A 520 39.31 26.42 25.90
C GLU A 520 39.01 24.92 26.00
N TYR A 521 37.80 24.56 26.40
CA TYR A 521 37.26 23.24 26.15
C TYR A 521 37.24 22.91 24.66
N TYR A 522 37.48 21.64 24.36
CA TYR A 522 36.92 21.02 23.17
C TYR A 522 35.68 20.23 23.54
N LYS A 523 34.72 20.20 22.60
CA LYS A 523 33.49 19.45 22.75
C LYS A 523 33.18 18.65 21.49
N VAL A 524 32.79 17.39 21.68
CA VAL A 524 32.36 16.52 20.61
C VAL A 524 30.98 15.97 20.95
N THR A 525 30.11 15.89 19.94
CA THR A 525 28.82 15.21 20.03
C THR A 525 28.72 14.26 18.85
N LEU A 526 28.10 13.11 19.06
CA LEU A 526 27.64 12.24 17.99
C LEU A 526 26.19 11.85 18.23
N ASP A 527 25.44 11.76 17.14
CA ASP A 527 24.01 11.47 17.11
C ASP A 527 23.84 10.43 16.01
N THR A 528 22.99 9.44 16.25
CA THR A 528 22.75 8.44 15.23
C THR A 528 21.32 7.94 15.35
N ALA A 529 20.73 7.63 14.19
CA ALA A 529 19.66 6.64 14.09
C ALA A 529 19.95 5.74 12.90
N THR A 530 19.94 4.44 13.13
CA THR A 530 20.01 3.43 12.08
C THR A 530 18.68 2.72 12.03
N TYR A 531 18.10 2.63 10.83
CA TYR A 531 16.83 1.96 10.65
C TYR A 531 17.06 0.72 9.79
N VAL A 532 16.29 -0.32 10.11
CA VAL A 532 16.27 -1.55 9.32
C VAL A 532 14.84 -2.00 9.10
N PRO A 533 14.45 -2.40 7.89
CA PRO A 533 13.16 -3.03 7.67
C PRO A 533 13.22 -4.50 8.06
N ILE A 534 12.43 -4.89 9.06
CA ILE A 534 12.32 -6.30 9.40
C ILE A 534 11.77 -7.06 8.21
N ASP A 535 12.25 -8.28 8.03
CA ASP A 535 11.95 -9.11 6.86
C ASP A 535 12.35 -8.43 5.55
N ASP A 536 13.20 -7.41 5.63
CA ASP A 536 13.75 -6.72 4.47
C ASP A 536 12.70 -6.03 3.60
N ASP A 537 11.45 -5.94 4.06
CA ASP A 537 10.44 -5.15 3.39
C ASP A 537 9.98 -4.02 4.31
N HIS A 538 9.82 -2.83 3.72
CA HIS A 538 9.92 -1.57 4.46
C HIS A 538 8.81 -1.34 5.48
N LYS A 539 7.76 -2.15 5.50
CA LYS A 539 6.61 -1.81 6.33
C LYS A 539 6.83 -2.10 7.81
N TRP A 540 7.65 -3.10 8.15
CA TRP A 540 7.88 -3.49 9.54
C TRP A 540 9.34 -3.19 9.85
N VAL A 541 9.59 -2.40 10.90
CA VAL A 541 10.87 -1.73 11.04
C VAL A 541 11.35 -1.76 12.50
N VAL A 542 12.68 -1.79 12.64
CA VAL A 542 13.34 -1.63 13.92
C VAL A 542 14.42 -0.55 13.81
N LEU A 543 14.60 0.19 14.90
CA LEU A 543 15.38 1.41 14.93
C LEU A 543 16.38 1.32 16.07
N GLY A 544 17.59 1.80 15.84
CA GLY A 544 18.56 2.02 16.90
C GLY A 544 19.16 3.41 16.86
N ARG A 545 19.08 4.14 17.97
CA ARG A 545 19.45 5.54 18.01
C ARG A 545 20.41 5.73 19.17
N THR A 546 21.43 6.56 18.98
CA THR A 546 22.42 6.78 20.02
C THR A 546 22.87 8.23 20.03
N ARG A 547 23.18 8.74 21.21
CA ARG A 547 23.87 10.01 21.34
C ARG A 547 25.07 9.85 22.25
N TRP A 548 26.16 10.54 21.93
CA TRP A 548 27.39 10.44 22.68
C TRP A 548 27.99 11.83 22.76
N GLY A 549 28.64 12.14 23.86
CA GLY A 549 29.27 13.45 23.97
C GLY A 549 30.43 13.44 24.94
N TYR A 550 31.33 14.39 24.71
CA TYR A 550 32.52 14.64 25.52
C TYR A 550 32.79 16.13 25.50
N GLY A 551 33.29 16.64 26.61
CA GLY A 551 33.99 17.91 26.58
C GLY A 551 35.07 17.99 27.64
N ASP A 552 36.26 18.47 27.26
CA ASP A 552 37.34 18.62 28.22
C ASP A 552 38.23 19.81 27.88
N GLY A 553 38.73 20.45 28.93
CA GLY A 553 39.47 21.69 28.77
C GLY A 553 40.81 21.48 28.08
N LEU A 554 41.06 22.26 27.04
CA LEU A 554 42.35 22.25 26.35
C LEU A 554 43.23 23.34 26.96
N GLY A 555 44.29 22.93 27.66
CA GLY A 555 45.08 23.85 28.44
C GLY A 555 44.40 24.34 29.71
N GLY A 556 43.68 23.45 30.38
CA GLY A 556 42.77 23.87 31.44
C GLY A 556 41.46 24.36 30.86
N LYS A 557 40.75 25.15 31.65
CA LYS A 557 39.49 25.76 31.21
C LYS A 557 38.50 24.69 30.77
N GLU A 558 38.10 23.86 31.72
CA GLU A 558 37.16 22.79 31.45
C GLU A 558 35.86 23.35 30.88
N MET A 559 35.08 22.46 30.30
CA MET A 559 33.83 22.85 29.66
C MET A 559 32.92 23.57 30.64
N PRO A 560 32.41 24.77 30.30
CA PRO A 560 31.49 25.46 31.20
C PRO A 560 30.20 24.68 31.44
N PHE A 561 29.72 24.80 32.68
CA PHE A 561 28.41 24.29 33.07
C PHE A 561 27.28 24.77 32.16
N TYR A 562 27.32 26.02 31.72
CA TYR A 562 26.29 26.57 30.84
C TYR A 562 26.28 25.97 29.44
N GLU A 563 27.20 25.08 29.09
CA GLU A 563 27.09 24.30 27.86
C GLU A 563 27.16 22.78 28.06
N ASN A 564 27.01 22.28 29.29
CA ASN A 564 27.02 20.84 29.50
C ASN A 564 25.87 20.16 28.75
N PHE A 565 26.03 18.86 28.53
CA PHE A 565 25.00 18.02 27.94
C PHE A 565 23.91 17.77 28.97
N TYR A 566 22.78 18.46 28.79
CA TYR A 566 21.53 17.99 29.35
C TYR A 566 21.07 16.74 28.60
N ALA A 567 20.40 15.85 29.31
CA ALA A 567 19.59 14.82 28.68
C ALA A 567 18.38 14.53 29.57
N GLY A 568 17.51 13.66 29.08
CA GLY A 568 16.14 13.60 29.57
C GLY A 568 15.18 14.52 28.85
N GLY A 569 15.61 15.22 27.81
CA GLY A 569 14.67 15.72 26.83
C GLY A 569 13.84 14.58 26.26
N SER A 570 12.54 14.83 26.12
CA SER A 570 11.61 13.79 25.70
C SER A 570 11.88 13.32 24.28
N SER A 571 12.69 14.04 23.52
CA SER A 571 13.22 13.53 22.26
C SER A 571 14.35 12.53 22.48
N THR A 572 15.12 12.69 23.56
CA THR A 572 16.37 11.95 23.74
C THR A 572 16.15 10.66 24.53
N VAL A 573 15.55 10.75 25.71
CA VAL A 573 14.94 9.60 26.37
C VAL A 573 13.62 10.04 26.99
N ARG A 574 12.57 9.25 26.75
CA ARG A 574 11.24 9.62 27.21
C ARG A 574 11.05 9.25 28.68
N GLY A 575 10.09 9.90 29.31
CA GLY A 575 9.73 9.66 30.70
C GLY A 575 10.52 10.50 31.70
N PHE A 576 11.85 10.54 31.55
CA PHE A 576 12.65 11.48 32.30
C PHE A 576 12.27 12.91 31.96
N GLN A 577 12.35 13.77 32.97
CA GLN A 577 12.04 15.18 32.79
C GLN A 577 13.15 15.88 32.00
N SER A 578 12.75 16.93 31.29
CA SER A 578 13.47 17.44 30.13
C SER A 578 14.96 17.66 30.37
N ASN A 579 15.37 17.90 31.62
CA ASN A 579 16.79 18.15 31.91
C ASN A 579 17.35 17.34 33.06
N THR A 580 16.65 16.30 33.52
CA THR A 580 16.83 15.80 34.87
C THR A 580 18.04 14.87 35.02
N ILE A 581 18.41 14.16 33.96
CA ILE A 581 19.19 12.93 34.12
C ILE A 581 20.65 13.27 34.43
N GLY A 582 21.37 12.26 34.90
CA GLY A 582 22.79 12.36 35.16
C GLY A 582 23.14 13.01 36.49
N PRO A 583 24.15 13.87 36.51
CA PRO A 583 24.57 14.46 37.79
C PRO A 583 23.52 15.43 38.31
N LYS A 584 23.32 15.40 39.62
CA LYS A 584 22.53 16.42 40.30
C LYS A 584 23.45 17.32 41.12
N ALA A 585 23.14 18.61 41.11
CA ALA A 585 24.03 19.65 41.59
C ALA A 585 24.16 19.60 43.11
N VAL A 586 25.33 20.00 43.61
CA VAL A 586 25.58 20.14 45.04
C VAL A 586 26.00 21.57 45.33
N TYR A 587 25.18 22.28 46.11
CA TYR A 587 25.45 23.66 46.51
C TYR A 587 26.33 23.75 47.74
N PHE A 588 27.15 24.80 47.79
CA PHE A 588 27.80 25.21 49.02
C PHE A 588 26.81 25.96 49.91
N PRO A 589 27.06 26.01 51.22
CA PRO A 589 26.12 26.69 52.12
C PRO A 589 26.20 28.20 52.09
N HIS A 590 25.04 28.84 52.17
CA HIS A 590 24.88 30.23 52.59
C HIS A 590 23.51 30.32 53.25
N GLN A 591 23.35 31.24 54.19
CA GLN A 591 22.01 31.41 54.76
C GLN A 591 21.03 31.94 53.73
N ALA A 592 21.33 33.09 53.12
CA ALA A 592 20.63 33.52 51.91
C ALA A 592 21.36 34.73 51.34
N SER A 593 21.06 35.03 50.07
CA SER A 593 21.24 36.37 49.53
C SER A 593 20.13 36.68 48.55
N ASN A 594 19.69 37.94 48.53
CA ASN A 594 18.63 38.39 47.64
C ASN A 594 17.44 37.43 47.65
N TYR A 595 16.86 37.25 48.83
CA TYR A 595 15.94 36.16 49.10
C TYR A 595 14.59 36.70 49.58
N ASP A 596 13.53 35.95 49.26
CA ASP A 596 12.17 36.28 49.65
C ASP A 596 11.64 35.24 50.62
N PRO A 597 11.37 35.58 51.89
CA PRO A 597 10.91 34.57 52.86
C PRO A 597 9.54 33.98 52.54
N ASP A 598 8.80 34.56 51.60
CA ASP A 598 7.55 33.99 51.13
C ASP A 598 7.76 33.00 49.98
N TYR A 599 9.01 32.76 49.58
CA TYR A 599 9.32 32.05 48.35
C TYR A 599 10.50 31.13 48.64
N ASP A 600 10.73 30.17 47.75
CA ASP A 600 11.63 29.05 48.02
C ASP A 600 12.92 29.14 47.21
N TYR A 601 14.05 29.07 47.90
CA TYR A 601 15.38 29.03 47.29
C TYR A 601 16.21 28.04 48.09
N GLU A 602 16.48 26.88 47.50
CA GLU A 602 16.94 25.70 48.21
C GLU A 602 18.31 25.91 48.86
N CYS A 603 18.58 25.10 49.88
CA CYS A 603 19.85 25.08 50.61
C CYS A 603 20.21 26.43 51.23
N ALA A 604 19.24 27.34 51.34
CA ALA A 604 19.35 28.44 52.29
C ALA A 604 19.34 27.87 53.71
N THR A 605 20.38 28.16 54.48
CA THR A 605 20.46 27.60 55.83
C THR A 605 19.31 28.02 56.72
N GLN A 606 18.56 29.05 56.33
CA GLN A 606 17.32 29.38 57.03
C GLN A 606 16.17 28.49 56.58
N ASP A 607 16.37 27.71 55.52
CA ASP A 607 15.46 26.63 55.14
C ASP A 607 16.12 25.25 55.18
N GLY A 608 17.44 25.18 55.12
CA GLY A 608 18.14 23.90 55.07
C GLY A 608 19.41 23.88 55.90
N ALA A 609 20.34 22.99 55.54
CA ALA A 609 21.55 22.78 56.31
C ALA A 609 22.54 23.93 56.09
N LYS A 610 23.71 23.79 56.70
CA LYS A 610 24.84 24.69 56.50
C LYS A 610 26.07 23.98 55.92
N ASP A 611 25.86 22.87 55.23
CA ASP A 611 26.95 22.06 54.68
C ASP A 611 26.56 21.59 53.28
N LEU A 612 27.58 21.21 52.51
CA LEU A 612 27.43 20.99 51.07
C LEU A 612 26.17 20.20 50.75
N CYS A 613 25.25 20.86 50.04
CA CYS A 613 23.84 20.54 50.05
C CYS A 613 23.42 20.16 48.64
N LYS A 614 22.92 18.93 48.48
CA LYS A 614 22.35 18.53 47.21
C LYS A 614 21.11 19.37 46.90
N SER A 615 20.81 19.49 45.62
CA SER A 615 19.46 19.70 45.14
C SER A 615 19.18 18.69 44.03
N ASP A 616 17.90 18.58 43.66
CA ASP A 616 17.53 17.88 42.44
C ASP A 616 17.63 18.75 41.20
N ASP A 617 18.29 19.91 41.29
CA ASP A 617 18.78 20.56 40.09
C ASP A 617 19.78 19.67 39.38
N ALA A 618 19.83 19.82 38.06
CA ALA A 618 20.83 19.15 37.22
C ALA A 618 21.47 20.18 36.31
N VAL A 619 22.80 20.09 36.20
CA VAL A 619 23.56 20.90 35.27
C VAL A 619 23.98 20.08 34.05
N GLY A 620 23.30 18.97 33.79
CA GLY A 620 23.77 17.96 32.88
C GLY A 620 25.11 17.38 33.31
N GLY A 621 25.85 16.87 32.32
CA GLY A 621 27.21 16.44 32.56
C GLY A 621 28.08 16.72 31.35
N ASN A 622 29.39 16.68 31.59
CA ASN A 622 30.36 16.97 30.52
C ASN A 622 30.50 15.81 29.55
N ALA A 623 30.00 14.63 29.89
CA ALA A 623 30.07 13.50 28.99
C ALA A 623 28.75 12.73 29.04
N MET A 624 28.42 12.09 27.93
CA MET A 624 27.10 11.48 27.79
C MET A 624 27.19 10.26 26.89
N ALA A 625 26.33 9.27 27.17
CA ALA A 625 25.97 8.22 26.23
C ALA A 625 24.50 7.91 26.38
N VAL A 626 23.81 7.74 25.26
CA VAL A 626 22.38 7.49 25.21
C VAL A 626 22.13 6.47 24.11
N ALA A 627 21.16 5.58 24.32
CA ALA A 627 20.63 4.75 23.26
C ALA A 627 19.12 4.65 23.38
N SER A 628 18.47 4.46 22.23
CA SER A 628 17.12 3.93 22.17
C SER A 628 17.13 2.75 21.20
N LEU A 629 16.67 1.59 21.64
CA LEU A 629 16.22 0.56 20.70
C LEU A 629 14.71 0.60 20.58
N GLU A 630 14.20 0.65 19.35
CA GLU A 630 12.82 1.08 19.13
C GLU A 630 12.16 0.22 18.05
N PHE A 631 10.92 -0.17 18.31
CA PHE A 631 10.23 -1.22 17.57
C PHE A 631 8.97 -0.59 16.99
N ILE A 632 8.86 -0.55 15.64
CA ILE A 632 7.93 0.35 14.96
C ILE A 632 6.70 -0.44 14.52
N THR A 633 5.52 0.15 14.75
CA THR A 633 4.25 -0.48 14.39
C THR A 633 3.25 0.57 13.98
N PRO A 634 2.38 0.26 13.03
CA PRO A 634 1.23 1.11 12.70
C PRO A 634 0.12 0.96 13.75
N THR A 635 -0.99 1.68 13.52
CA THR A 635 -2.18 1.55 14.36
C THR A 635 -3.44 1.92 13.58
N PRO A 636 -4.31 0.95 13.29
CA PRO A 636 -5.57 1.25 12.61
C PRO A 636 -6.56 2.02 13.49
N PHE A 637 -7.32 2.89 12.83
CA PHE A 637 -8.45 3.58 13.45
C PHE A 637 -9.34 4.08 12.31
N ILE A 638 -10.33 4.92 12.63
CA ILE A 638 -11.09 5.62 11.58
C ILE A 638 -10.16 6.46 10.72
N SER A 639 -9.09 6.98 11.31
CA SER A 639 -7.88 7.33 10.55
C SER A 639 -7.08 6.04 10.37
N ASP A 640 -7.36 5.33 9.29
CA ASP A 640 -6.84 3.99 9.10
C ASP A 640 -5.37 4.03 8.69
N LYS A 641 -4.75 2.85 8.73
CA LYS A 641 -3.31 2.70 8.47
C LYS A 641 -2.88 3.38 7.19
N TYR A 642 -3.53 3.07 6.07
CA TYR A 642 -3.11 3.62 4.78
C TYR A 642 -3.44 5.10 4.65
N ALA A 643 -4.61 5.53 5.11
CA ALA A 643 -5.04 6.91 4.86
C ALA A 643 -4.20 7.93 5.63
N ASN A 644 -3.63 7.57 6.78
CA ASN A 644 -2.90 8.55 7.60
C ASN A 644 -1.48 8.15 7.98
N SER A 645 -1.07 6.90 7.79
CA SER A 645 0.33 6.50 8.00
C SER A 645 0.88 6.92 9.37
N VAL A 646 0.00 6.99 10.38
CA VAL A 646 0.43 7.33 11.72
C VAL A 646 1.46 6.30 12.19
N ARG A 647 2.60 6.78 12.69
CA ARG A 647 3.64 5.89 13.23
C ARG A 647 3.52 5.79 14.74
N THR A 648 3.65 4.59 15.30
CA THR A 648 3.86 4.48 16.74
C THR A 648 4.90 3.40 17.01
N SER A 649 5.50 3.45 18.20
CA SER A 649 6.66 2.62 18.46
C SER A 649 6.83 2.35 19.95
N PHE A 650 7.15 1.10 20.28
CA PHE A 650 7.70 0.76 21.59
C PHE A 650 9.18 1.11 21.60
N PHE A 651 9.72 1.39 22.79
CA PHE A 651 11.15 1.57 22.87
C PHE A 651 11.71 1.24 24.26
N TRP A 652 12.94 0.70 24.20
CA TRP A 652 13.91 0.57 25.28
C TRP A 652 14.84 1.78 25.21
N ASP A 653 14.44 2.87 25.85
CA ASP A 653 15.33 4.00 26.08
C ASP A 653 16.35 3.68 27.15
N MET A 654 17.57 4.19 26.95
CA MET A 654 18.71 4.03 27.84
C MET A 654 19.48 5.35 27.84
N GLY A 655 19.90 5.80 29.03
CA GLY A 655 20.66 7.04 29.12
C GLY A 655 21.65 7.07 30.28
N THR A 656 22.85 7.62 30.06
CA THR A 656 23.74 7.98 31.14
C THR A 656 24.46 9.28 30.82
N VAL A 657 24.56 10.15 31.82
CA VAL A 657 25.27 11.41 31.71
C VAL A 657 26.13 11.57 32.95
N TRP A 658 27.38 12.00 32.78
CA TRP A 658 28.31 12.04 33.89
C TRP A 658 29.33 13.15 33.67
N ASP A 659 30.28 13.23 34.61
CA ASP A 659 31.25 14.32 34.71
C ASP A 659 32.66 13.73 34.88
N THR A 660 33.42 13.70 33.80
CA THR A 660 34.76 13.12 33.83
C THR A 660 35.72 13.89 34.74
N ASN A 661 35.30 15.04 35.27
CA ASN A 661 36.13 15.87 36.13
C ASN A 661 35.63 15.91 37.57
N TRP A 662 34.75 14.97 37.94
CA TRP A 662 34.30 14.85 39.32
C TRP A 662 35.44 14.35 40.22
N ASP A 663 35.81 15.18 41.21
CA ASP A 663 36.85 14.84 42.18
C ASP A 663 36.27 13.98 43.29
N SER A 664 36.01 12.72 42.95
CA SER A 664 35.32 11.79 43.84
C SER A 664 36.04 11.58 45.16
N SER A 665 37.35 11.86 45.23
CA SER A 665 38.07 11.82 46.49
C SER A 665 37.94 13.12 47.29
N GLN A 666 37.71 14.25 46.64
CA GLN A 666 37.67 15.52 47.35
C GLN A 666 36.25 15.89 47.79
N TYR A 667 35.33 16.01 46.84
CA TYR A 667 33.92 16.23 47.16
C TYR A 667 33.19 14.89 47.28
N SER A 668 33.72 14.06 48.18
CA SER A 668 33.50 12.61 48.15
C SER A 668 32.20 12.18 48.80
N GLY A 669 31.54 13.04 49.57
CA GLY A 669 30.41 12.61 50.38
C GLY A 669 29.12 12.34 49.63
N TYR A 670 29.18 12.21 48.31
CA TYR A 670 28.03 12.36 47.44
C TYR A 670 28.12 11.33 46.33
N PRO A 671 27.02 11.09 45.62
CA PRO A 671 27.05 10.14 44.49
C PRO A 671 28.19 10.47 43.52
N ASP A 672 28.94 9.44 43.17
CA ASP A 672 30.14 9.58 42.35
C ASP A 672 29.74 9.74 40.89
N TYR A 673 29.80 10.97 40.39
CA TYR A 673 29.49 11.25 38.99
C TYR A 673 30.67 11.02 38.05
N SER A 674 31.80 10.52 38.55
CA SER A 674 32.93 10.26 37.67
C SER A 674 32.70 9.08 36.75
N ASP A 675 31.78 8.18 37.11
CA ASP A 675 31.53 6.98 36.32
C ASP A 675 30.07 6.91 35.88
N PRO A 676 29.80 6.28 34.73
CA PRO A 676 28.43 6.22 34.21
C PRO A 676 27.54 5.18 34.88
N SER A 677 28.01 4.56 35.96
CA SER A 677 27.39 3.34 36.49
C SER A 677 25.92 3.51 36.83
N ASN A 678 25.45 4.72 37.12
CA ASN A 678 24.02 5.01 37.06
C ASN A 678 23.57 5.22 35.60
N ILE A 679 23.70 4.15 34.81
CA ILE A 679 22.88 4.01 33.62
C ILE A 679 21.40 4.05 34.01
N ARG A 680 20.58 4.51 33.08
CA ARG A 680 19.14 4.62 33.28
C ARG A 680 18.46 3.87 32.15
N MET A 681 17.33 3.23 32.45
CA MET A 681 16.48 2.63 31.42
C MET A 681 15.04 3.07 31.62
N SER A 682 14.35 3.31 30.49
CA SER A 682 12.91 3.56 30.47
C SER A 682 12.28 2.82 29.29
N ALA A 683 11.04 2.36 29.49
CA ALA A 683 10.35 1.52 28.52
C ALA A 683 9.01 2.15 28.21
N GLY A 684 8.74 2.37 26.92
CA GLY A 684 7.86 3.46 26.51
C GLY A 684 7.14 3.15 25.21
N ILE A 685 6.02 3.81 24.99
CA ILE A 685 5.37 3.84 23.68
C ILE A 685 5.14 5.30 23.28
N ALA A 686 5.47 5.61 22.04
CA ALA A 686 5.34 6.95 21.48
C ALA A 686 4.61 6.93 20.15
N LEU A 687 3.78 7.94 19.93
CA LEU A 687 2.81 7.95 18.83
C LEU A 687 2.97 9.27 18.08
N GLN A 688 3.06 9.20 16.75
CA GLN A 688 3.36 10.36 15.92
C GLN A 688 2.36 10.49 14.78
N TRP A 689 1.79 11.69 14.69
CA TRP A 689 0.63 12.05 13.88
C TRP A 689 0.83 13.49 13.44
N MET A 690 0.32 13.83 12.25
CA MET A 690 0.82 14.97 11.49
C MET A 690 -0.32 15.88 11.07
N SER A 691 -0.07 17.19 11.09
CA SER A 691 -1.11 18.20 11.09
C SER A 691 -0.58 19.42 10.34
N PRO A 692 -1.44 20.41 10.06
CA PRO A 692 -0.96 21.66 9.45
C PRO A 692 0.21 22.31 10.19
N LEU A 693 0.40 21.97 11.47
CA LEU A 693 1.62 22.34 12.16
C LEU A 693 2.80 21.53 11.62
N GLY A 694 2.71 20.21 11.71
CA GLY A 694 3.85 19.34 11.54
C GLY A 694 3.60 18.00 12.17
N PRO A 695 4.65 17.30 12.59
CA PRO A 695 4.47 16.05 13.35
C PRO A 695 4.28 16.32 14.84
N LEU A 696 3.06 16.05 15.33
CA LEU A 696 2.84 15.92 16.76
C LEU A 696 3.35 14.56 17.23
N VAL A 697 3.79 14.50 18.49
CA VAL A 697 4.11 13.23 19.14
C VAL A 697 3.48 13.21 20.52
N PHE A 698 2.76 12.14 20.83
CA PHE A 698 2.36 11.80 22.18
C PHE A 698 3.27 10.67 22.65
N SER A 699 3.83 10.79 23.86
CA SER A 699 4.71 9.74 24.36
C SER A 699 4.27 9.30 25.74
N TYR A 700 4.34 7.98 25.96
CA TYR A 700 4.26 7.38 27.28
C TYR A 700 5.59 6.69 27.55
N ALA A 701 6.15 6.94 28.73
CA ALA A 701 7.26 6.13 29.21
C ALA A 701 7.42 6.31 30.71
N GLN A 702 7.63 5.20 31.42
CA GLN A 702 8.07 5.23 32.79
C GLN A 702 9.40 4.48 32.92
N PRO A 703 10.23 4.83 33.89
CA PRO A 703 11.52 4.15 34.03
C PRO A 703 11.38 2.65 34.23
N PHE A 704 12.35 1.92 33.66
CA PHE A 704 12.70 0.60 34.17
C PHE A 704 13.71 0.72 35.32
N LYS A 705 14.53 1.75 35.30
CA LYS A 705 15.47 2.04 36.38
C LYS A 705 15.41 3.53 36.67
N LYS A 706 15.37 3.87 37.95
CA LYS A 706 15.14 5.26 38.35
C LYS A 706 15.94 5.52 39.62
N TYR A 707 16.89 6.43 39.52
CA TYR A 707 17.73 6.84 40.64
C TYR A 707 17.21 8.15 41.23
N ASP A 708 17.77 8.52 42.39
CA ASP A 708 17.21 9.61 43.18
C ASP A 708 17.05 10.88 42.36
N GLY A 709 17.98 11.14 41.43
CA GLY A 709 17.89 12.30 40.59
C GLY A 709 16.88 12.24 39.47
N ASP A 710 16.29 11.06 39.22
CA ASP A 710 15.58 10.80 37.96
C ASP A 710 14.12 11.23 38.04
N LYS A 711 13.92 12.56 38.03
CA LYS A 711 12.57 13.11 38.07
C LYS A 711 11.86 12.76 36.77
N ALA A 712 10.61 12.30 36.84
CA ALA A 712 9.98 11.72 35.66
C ALA A 712 8.49 12.03 35.63
N GLU A 713 7.94 12.03 34.41
CA GLU A 713 6.50 12.06 34.17
C GLU A 713 6.15 10.97 33.16
N GLN A 714 5.17 10.13 33.50
CA GLN A 714 4.89 8.93 32.73
C GLN A 714 4.29 9.20 31.35
N PHE A 715 3.89 10.43 31.05
CA PHE A 715 3.55 10.80 29.68
C PHE A 715 3.99 12.23 29.40
N GLN A 716 4.21 12.53 28.12
CA GLN A 716 4.41 13.91 27.67
C GLN A 716 4.05 14.05 26.20
N PHE A 717 3.16 15.00 25.91
CA PHE A 717 2.97 15.50 24.56
C PHE A 717 4.11 16.43 24.16
N ASN A 718 4.48 16.39 22.88
CA ASN A 718 5.51 17.27 22.33
C ASN A 718 5.31 17.36 20.83
N ILE A 719 6.04 18.28 20.19
CA ILE A 719 5.90 18.49 18.76
C ILE A 719 7.27 18.77 18.14
N GLY A 720 7.44 18.34 16.88
CA GLY A 720 8.49 18.86 16.00
C GLY A 720 9.78 18.03 16.05
N LYS A 721 10.83 18.65 16.56
CA LYS A 721 12.24 18.35 16.30
C LYS A 721 12.64 18.59 14.84
N THR A 722 11.78 18.18 13.89
CA THR A 722 11.99 18.40 12.46
C THR A 722 13.20 17.71 11.84
N TRP A 723 14.23 17.44 12.62
CA TRP A 723 15.44 16.79 12.10
C TRP A 723 16.06 15.84 13.11
N LEU B 1 -20.74 -4.73 21.93
CA LEU B 1 -20.07 -3.90 20.90
C LEU B 1 -20.51 -4.35 19.49
N PHE B 2 -19.69 -5.16 18.82
CA PHE B 2 -19.98 -5.59 17.46
C PHE B 2 -20.62 -6.97 17.38
N ASN B 3 -20.52 -7.77 18.43
CA ASN B 3 -21.03 -9.15 18.40
C ASN B 3 -22.48 -9.20 17.94
N SER B 4 -23.30 -8.26 18.39
CA SER B 4 -24.73 -8.22 18.07
C SER B 4 -25.04 -7.61 16.71
N GLU B 5 -24.07 -6.94 16.07
CA GLU B 5 -24.29 -6.41 14.72
C GLU B 5 -24.04 -7.46 13.65
N GLU B 6 -23.23 -8.48 13.95
CA GLU B 6 -23.14 -9.66 13.11
C GLU B 6 -24.49 -10.40 13.11
N ASP B 7 -24.66 -11.30 12.13
CA ASP B 7 -25.93 -11.97 11.92
C ASP B 7 -25.72 -13.45 11.67
N VAL B 8 -26.80 -14.22 11.92
CA VAL B 8 -26.87 -15.65 11.63
C VAL B 8 -28.28 -15.98 11.14
N VAL B 9 -28.44 -16.13 9.82
CA VAL B 9 -29.72 -16.50 9.24
C VAL B 9 -30.24 -17.80 9.84
N LYS B 10 -31.49 -17.77 10.30
CA LYS B 10 -32.00 -18.65 11.35
C LYS B 10 -31.99 -20.12 10.92
N MET B 11 -31.69 -20.99 11.88
CA MET B 11 -31.84 -22.44 11.76
C MET B 11 -32.92 -22.88 12.72
N SER B 12 -33.99 -23.47 12.18
CA SER B 12 -35.31 -23.42 12.80
C SER B 12 -35.44 -24.35 14.00
N PRO B 13 -36.49 -24.13 14.81
CA PRO B 13 -36.69 -24.96 16.01
C PRO B 13 -36.98 -26.41 15.70
N LEU B 14 -36.71 -27.24 16.72
CA LEU B 14 -37.00 -28.66 16.74
C LEU B 14 -38.50 -28.98 16.81
N PRO B 15 -39.04 -29.83 15.92
CA PRO B 15 -40.45 -30.19 15.96
C PRO B 15 -40.89 -31.22 17.00
N THR B 16 -42.13 -31.67 16.83
CA THR B 16 -42.86 -32.51 17.77
C THR B 16 -42.04 -33.69 18.27
N VAL B 17 -41.83 -33.73 19.58
CA VAL B 17 -41.14 -34.86 20.22
C VAL B 17 -42.05 -36.08 20.30
N GLU B 18 -43.34 -35.89 20.58
CA GLU B 18 -44.27 -37.00 20.76
C GLU B 18 -44.33 -37.89 19.52
N ASN B 19 -44.46 -39.20 19.74
CA ASN B 19 -43.97 -40.20 18.81
C ASN B 19 -44.88 -41.42 18.81
N GLN B 20 -44.83 -42.16 17.70
CA GLN B 20 -45.48 -43.47 17.61
C GLN B 20 -44.78 -44.52 18.46
N PHE B 21 -43.45 -44.45 18.54
CA PHE B 21 -42.67 -45.33 19.42
C PHE B 21 -41.34 -44.65 19.71
N THR B 22 -40.67 -45.13 20.76
CA THR B 22 -39.39 -44.57 21.16
C THR B 22 -38.22 -45.43 20.67
N PRO B 23 -37.25 -44.85 19.98
CA PRO B 23 -36.00 -45.55 19.68
C PRO B 23 -35.00 -45.46 20.82
N THR B 24 -33.91 -46.21 20.70
CA THR B 24 -32.84 -46.16 21.69
C THR B 24 -31.50 -46.39 21.02
N THR B 25 -30.45 -45.84 21.64
CA THR B 25 -29.05 -46.05 21.28
C THR B 25 -28.54 -47.38 21.85
N ALA B 26 -28.64 -48.44 21.06
CA ALA B 26 -28.33 -49.78 21.57
C ALA B 26 -26.86 -49.93 21.94
N TRP B 27 -25.96 -49.29 21.19
CA TRP B 27 -24.55 -49.21 21.56
C TRP B 27 -23.87 -48.07 20.81
N SER B 28 -22.69 -47.69 21.29
CA SER B 28 -21.91 -46.64 20.64
C SER B 28 -20.43 -46.79 20.97
N THR B 29 -19.59 -46.20 20.14
CA THR B 29 -18.15 -46.27 20.35
C THR B 29 -17.50 -44.98 19.88
N SER B 30 -16.35 -44.65 20.48
CA SER B 30 -15.44 -43.68 19.89
C SER B 30 -14.67 -44.25 18.71
N VAL B 31 -14.46 -43.42 17.69
CA VAL B 31 -13.76 -43.83 16.48
C VAL B 31 -12.56 -42.94 16.19
N GLY B 32 -12.67 -41.63 16.45
CA GLY B 32 -11.50 -40.79 16.32
C GLY B 32 -11.80 -39.36 16.72
N SER B 33 -10.86 -38.47 16.37
CA SER B 33 -11.17 -37.04 16.46
C SER B 33 -12.09 -36.60 15.34
N GLY B 34 -11.75 -36.97 14.10
CA GLY B 34 -12.74 -37.15 13.07
C GLY B 34 -13.15 -35.88 12.35
N ILE B 35 -14.44 -35.85 11.96
CA ILE B 35 -14.95 -34.83 11.06
C ILE B 35 -14.83 -33.43 11.63
N GLY B 36 -14.64 -33.30 12.94
CA GLY B 36 -14.08 -32.10 13.54
C GLY B 36 -14.63 -30.80 12.97
N ASN B 37 -13.73 -29.86 12.69
CA ASN B 37 -14.06 -28.60 12.04
C ASN B 37 -14.23 -28.75 10.54
N PHE B 38 -14.38 -29.98 10.06
CA PHE B 38 -13.97 -30.37 8.70
C PHE B 38 -15.08 -31.21 8.10
N TYR B 39 -15.97 -30.57 7.34
CA TYR B 39 -17.00 -31.32 6.62
C TYR B 39 -16.38 -32.18 5.53
N SER B 40 -16.67 -33.47 5.56
CA SER B 40 -16.53 -34.32 4.38
C SER B 40 -17.42 -35.54 4.54
N ASN B 41 -17.69 -36.20 3.42
CA ASN B 41 -18.43 -37.47 3.43
C ASN B 41 -17.52 -38.56 3.98
N LEU B 42 -17.83 -39.09 5.15
CA LEU B 42 -17.22 -40.31 5.65
C LEU B 42 -18.24 -41.12 6.45
N HIS B 43 -19.32 -41.54 5.82
CA HIS B 43 -20.20 -42.48 6.48
C HIS B 43 -19.54 -43.86 6.61
N PRO B 44 -19.89 -44.63 7.64
CA PRO B 44 -19.35 -45.98 7.81
C PRO B 44 -19.97 -47.01 6.89
N ALA B 45 -19.70 -48.29 7.14
CA ALA B 45 -20.34 -49.35 6.38
C ALA B 45 -20.63 -50.52 7.30
N LEU B 46 -21.57 -51.37 6.88
CA LEU B 46 -21.90 -52.58 7.62
C LEU B 46 -22.01 -53.76 6.67
N ALA B 47 -21.39 -54.87 7.06
CA ALA B 47 -21.68 -56.15 6.43
C ALA B 47 -21.21 -57.24 7.38
N ASP B 48 -21.66 -58.47 7.11
CA ASP B 48 -21.16 -59.64 7.84
C ASP B 48 -21.33 -59.48 9.35
N ASN B 49 -22.37 -58.76 9.76
CA ASN B 49 -22.61 -58.42 11.16
C ASN B 49 -21.44 -57.68 11.80
N VAL B 50 -20.67 -56.94 11.00
CA VAL B 50 -19.54 -56.15 11.47
C VAL B 50 -19.70 -54.76 10.88
N VAL B 51 -19.53 -53.75 11.74
CA VAL B 51 -19.53 -52.35 11.34
C VAL B 51 -18.10 -51.92 11.03
N TYR B 52 -17.84 -51.57 9.78
CA TYR B 52 -16.56 -50.99 9.37
C TYR B 52 -16.68 -49.48 9.50
N ALA B 53 -16.56 -49.01 10.74
CA ALA B 53 -16.46 -47.58 11.01
C ALA B 53 -15.08 -47.08 10.60
N ALA B 54 -15.00 -45.81 10.23
CA ALA B 54 -13.72 -45.22 9.90
C ALA B 54 -13.79 -43.72 10.15
N ASP B 55 -12.65 -43.11 10.48
CA ASP B 55 -12.68 -41.73 10.91
C ASP B 55 -11.42 -40.97 10.52
N ARG B 56 -11.66 -39.66 10.31
CA ARG B 56 -10.85 -38.75 9.52
C ARG B 56 -9.39 -38.68 9.93
N ALA B 57 -9.07 -38.99 11.19
CA ALA B 57 -7.67 -39.12 11.55
C ALA B 57 -6.96 -40.06 10.58
N GLY B 58 -7.69 -41.03 10.04
CA GLY B 58 -7.10 -42.17 9.37
C GLY B 58 -7.33 -43.46 10.11
N LEU B 59 -8.05 -43.42 11.23
CA LEU B 59 -8.33 -44.65 11.95
C LEU B 59 -9.41 -45.44 11.21
N VAL B 60 -9.22 -46.75 11.11
CA VAL B 60 -10.23 -47.71 10.68
C VAL B 60 -10.52 -48.65 11.84
N LYS B 61 -11.81 -48.87 12.11
CA LYS B 61 -12.32 -49.51 13.33
C LYS B 61 -13.47 -50.44 12.96
N ALA B 62 -13.17 -51.73 12.85
CA ALA B 62 -14.22 -52.73 12.77
C ALA B 62 -14.78 -52.98 14.17
N LEU B 63 -16.12 -53.01 14.28
CA LEU B 63 -16.82 -53.30 15.52
C LEU B 63 -17.80 -54.45 15.32
N ASN B 64 -17.93 -55.31 16.31
CA ASN B 64 -18.95 -56.34 16.25
C ASN B 64 -20.32 -55.66 16.28
N ALA B 65 -21.10 -55.84 15.22
CA ALA B 65 -22.21 -54.93 14.97
C ALA B 65 -23.32 -55.01 16.01
N ASP B 66 -23.33 -56.03 16.86
CA ASP B 66 -24.26 -56.10 17.99
C ASP B 66 -23.71 -55.45 19.26
N ASP B 67 -22.49 -54.94 19.25
CA ASP B 67 -21.81 -54.62 20.51
C ASP B 67 -20.90 -53.42 20.35
N GLY B 68 -20.59 -52.77 21.49
CA GLY B 68 -19.54 -51.73 21.50
C GLY B 68 -18.26 -52.49 21.72
N LYS B 69 -18.19 -53.72 21.20
CA LYS B 69 -16.99 -54.60 21.28
C LYS B 69 -16.22 -54.30 20.00
N GLU B 70 -14.94 -54.63 19.92
CA GLU B 70 -14.09 -54.19 18.78
C GLU B 70 -13.52 -55.33 17.93
N ILE B 71 -13.23 -55.05 16.65
CA ILE B 71 -12.61 -56.01 15.69
C ILE B 71 -11.34 -55.33 15.18
N TRP B 72 -10.53 -55.94 14.30
CA TRP B 72 -9.21 -55.34 13.89
C TRP B 72 -9.33 -53.83 13.58
N SER B 73 -8.23 -53.06 13.66
CA SER B 73 -8.23 -51.61 13.61
C SER B 73 -6.82 -51.10 13.36
N VAL B 74 -6.72 -49.99 12.62
CA VAL B 74 -5.42 -49.42 12.27
C VAL B 74 -5.54 -47.90 12.25
N SER B 75 -4.40 -47.22 12.34
CA SER B 75 -4.26 -45.87 11.83
C SER B 75 -3.38 -45.84 10.59
N LEU B 76 -3.86 -45.16 9.55
CA LEU B 76 -3.13 -44.98 8.30
C LEU B 76 -2.38 -43.66 8.23
N ALA B 77 -2.40 -42.85 9.30
CA ALA B 77 -1.65 -41.60 9.32
C ALA B 77 -0.17 -41.81 9.03
N GLU B 78 0.45 -40.76 8.49
CA GLU B 78 1.85 -40.83 8.09
C GLU B 78 2.76 -41.18 9.25
N LYS B 79 3.61 -42.17 9.04
CA LYS B 79 4.66 -42.51 10.00
C LYS B 79 5.66 -41.35 10.09
N ASP B 80 5.82 -40.78 11.29
CA ASP B 80 6.24 -39.39 11.40
C ASP B 80 7.70 -39.15 11.00
N GLY B 81 8.56 -40.17 11.10
CA GLY B 81 9.88 -40.12 10.47
C GLY B 81 10.72 -38.90 10.82
N TRP B 82 10.46 -38.30 11.97
CA TRP B 82 11.04 -37.00 12.35
C TRP B 82 10.63 -35.88 11.39
N PHE B 83 9.50 -36.03 10.71
CA PHE B 83 8.87 -34.92 10.01
C PHE B 83 7.49 -34.67 10.62
N SER B 84 6.75 -33.73 10.04
CA SER B 84 5.40 -33.44 10.51
C SER B 84 4.50 -34.65 10.30
N LYS B 85 4.00 -35.22 11.39
CA LYS B 85 3.06 -36.33 11.32
C LYS B 85 1.73 -35.84 10.75
N GLU B 86 1.32 -36.41 9.63
CA GLU B 86 0.15 -35.93 8.89
C GLU B 86 -0.99 -36.92 8.99
N PRO B 87 -2.15 -36.53 9.52
CA PRO B 87 -3.31 -37.42 9.46
C PRO B 87 -3.74 -37.69 8.03
N ALA B 88 -4.35 -38.86 7.82
CA ALA B 88 -4.69 -39.28 6.47
C ALA B 88 -5.71 -38.37 5.81
N LEU B 89 -6.43 -37.56 6.58
CA LEU B 89 -7.64 -36.92 6.09
C LEU B 89 -8.56 -37.96 5.45
N LEU B 90 -8.76 -39.05 6.20
CA LEU B 90 -9.56 -40.17 5.74
C LEU B 90 -10.95 -39.71 5.32
N SER B 91 -11.45 -40.22 4.20
CA SER B 91 -12.60 -39.63 3.54
C SER B 91 -13.17 -40.61 2.52
N GLY B 92 -14.28 -40.21 1.90
CA GLY B 92 -14.98 -41.03 0.94
C GLY B 92 -15.55 -42.32 1.50
N GLY B 93 -16.24 -42.21 2.63
CA GLY B 93 -17.09 -43.27 3.13
C GLY B 93 -16.32 -44.56 3.36
N VAL B 94 -17.07 -45.65 3.45
CA VAL B 94 -16.49 -46.99 3.58
C VAL B 94 -17.28 -47.95 2.69
N THR B 95 -16.59 -48.90 2.08
CA THR B 95 -17.20 -49.91 1.24
C THR B 95 -16.47 -51.22 1.44
N VAL B 96 -17.22 -52.31 1.37
CA VAL B 96 -16.69 -53.65 1.65
C VAL B 96 -17.11 -54.58 0.53
N SER B 97 -16.17 -55.39 0.05
CA SER B 97 -16.52 -56.61 -0.66
C SER B 97 -15.42 -57.64 -0.46
N GLY B 98 -15.82 -58.89 -0.35
CA GLY B 98 -14.91 -60.02 -0.42
C GLY B 98 -13.75 -59.93 0.56
N GLY B 99 -12.54 -59.87 0.01
CA GLY B 99 -11.32 -59.75 0.78
C GLY B 99 -10.95 -58.36 1.24
N HIS B 100 -11.69 -57.30 0.89
CA HIS B 100 -11.21 -55.95 1.14
C HIS B 100 -12.31 -55.01 1.60
N VAL B 101 -11.89 -53.99 2.34
CA VAL B 101 -12.69 -52.80 2.67
C VAL B 101 -11.96 -51.58 2.10
N TYR B 102 -12.64 -50.84 1.21
CA TYR B 102 -12.05 -49.71 0.50
C TYR B 102 -12.50 -48.35 1.03
N ILE B 103 -11.54 -47.45 1.31
CA ILE B 103 -11.83 -46.15 1.92
C ILE B 103 -10.99 -45.10 1.21
N GLY B 104 -11.60 -43.97 0.84
CA GLY B 104 -10.85 -42.91 0.19
C GLY B 104 -10.11 -42.03 1.19
N SER B 105 -9.49 -40.98 0.66
CA SER B 105 -8.99 -39.90 1.52
C SER B 105 -9.03 -38.59 0.77
N GLU B 106 -8.88 -37.50 1.53
CA GLU B 106 -8.76 -36.16 0.95
C GLU B 106 -7.38 -35.87 0.39
N LYS B 107 -6.49 -36.85 0.37
CA LYS B 107 -5.26 -36.73 -0.38
C LYS B 107 -5.27 -37.86 -1.41
N ALA B 108 -4.15 -38.05 -2.11
CA ALA B 108 -4.17 -38.92 -3.27
C ALA B 108 -4.57 -40.35 -2.93
N GLN B 109 -4.44 -40.76 -1.67
CA GLN B 109 -4.61 -42.16 -1.30
C GLN B 109 -6.07 -42.62 -1.23
N VAL B 110 -6.33 -43.75 -1.89
CA VAL B 110 -7.38 -44.68 -1.48
C VAL B 110 -6.69 -45.90 -0.89
N TYR B 111 -7.13 -46.31 0.30
CA TYR B 111 -6.61 -47.50 0.97
C TYR B 111 -7.65 -48.62 0.94
N ALA B 112 -7.23 -49.77 0.43
CA ALA B 112 -7.86 -51.05 0.68
C ALA B 112 -7.22 -51.75 1.86
N LEU B 113 -8.00 -51.89 2.93
CA LEU B 113 -7.73 -52.84 4.00
C LEU B 113 -8.25 -54.21 3.59
N ASN B 114 -7.75 -55.25 4.25
CA ASN B 114 -8.41 -56.55 4.17
C ASN B 114 -9.72 -56.53 4.97
N THR B 115 -10.56 -57.53 4.72
CA THR B 115 -11.63 -57.88 5.64
C THR B 115 -11.19 -58.90 6.68
N SER B 116 -10.11 -59.63 6.42
CA SER B 116 -9.61 -60.65 7.34
C SER B 116 -8.71 -60.06 8.41
N ASP B 117 -7.96 -59.00 8.10
CA ASP B 117 -7.05 -58.39 9.05
C ASP B 117 -6.88 -56.92 8.74
N GLY B 118 -6.39 -56.18 9.73
CA GLY B 118 -6.35 -54.73 9.67
C GLY B 118 -5.27 -54.16 8.77
N THR B 119 -4.39 -54.98 8.21
CA THR B 119 -3.31 -54.45 7.39
C THR B 119 -3.88 -53.82 6.13
N VAL B 120 -3.27 -52.72 5.69
CA VAL B 120 -3.55 -52.19 4.36
C VAL B 120 -3.14 -53.21 3.32
N ALA B 121 -4.10 -53.63 2.50
CA ALA B 121 -3.82 -54.59 1.44
C ALA B 121 -3.30 -53.92 0.17
N TRP B 122 -3.93 -52.84 -0.27
CA TRP B 122 -3.34 -52.08 -1.37
C TRP B 122 -3.72 -50.60 -1.22
N GLN B 123 -2.81 -49.73 -1.64
CA GLN B 123 -3.06 -48.30 -1.63
C GLN B 123 -2.73 -47.73 -3.01
N THR B 124 -3.57 -46.79 -3.46
CA THR B 124 -3.41 -46.23 -4.80
C THR B 124 -3.54 -44.72 -4.75
N LYS B 125 -2.59 -44.06 -5.43
CA LYS B 125 -2.52 -42.61 -5.55
C LYS B 125 -3.39 -42.18 -6.73
N VAL B 126 -4.70 -42.12 -6.50
CA VAL B 126 -5.65 -41.77 -7.55
C VAL B 126 -5.57 -40.29 -7.93
N ALA B 127 -6.22 -39.94 -9.03
CA ALA B 127 -6.09 -38.64 -9.66
C ALA B 127 -6.84 -37.56 -8.90
N GLY B 128 -6.16 -36.88 -7.97
CA GLY B 128 -6.86 -36.05 -7.01
C GLY B 128 -7.61 -36.87 -5.98
N GLU B 129 -8.02 -36.23 -4.89
CA GLU B 129 -8.43 -36.96 -3.70
C GLU B 129 -9.81 -37.59 -3.84
N ALA B 130 -9.95 -38.76 -3.22
CA ALA B 130 -11.13 -39.62 -3.28
C ALA B 130 -12.25 -39.14 -2.36
N LEU B 131 -12.81 -37.96 -2.65
CA LEU B 131 -13.96 -37.52 -1.87
C LEU B 131 -15.13 -38.49 -1.95
N SER B 132 -15.29 -39.18 -3.08
CA SER B 132 -16.47 -40.00 -3.22
C SER B 132 -16.28 -41.33 -2.50
N ARG B 133 -17.38 -41.85 -1.99
CA ARG B 133 -17.45 -43.26 -1.64
C ARG B 133 -16.99 -44.10 -2.83
N PRO B 134 -16.05 -45.03 -2.64
CA PRO B 134 -15.82 -46.05 -3.65
C PRO B 134 -16.96 -47.05 -3.71
N VAL B 135 -17.19 -47.58 -4.91
CA VAL B 135 -18.21 -48.62 -5.08
C VAL B 135 -17.56 -49.83 -5.73
N VAL B 136 -18.09 -51.01 -5.40
CA VAL B 136 -17.61 -52.27 -5.93
C VAL B 136 -18.36 -52.62 -7.21
N SER B 137 -17.73 -53.41 -8.08
CA SER B 137 -18.44 -54.18 -9.10
C SER B 137 -17.61 -55.43 -9.40
N ASP B 138 -17.68 -56.39 -8.48
CA ASP B 138 -17.35 -57.80 -8.73
C ASP B 138 -15.96 -57.96 -9.35
N GLY B 139 -15.04 -57.07 -9.03
CA GLY B 139 -13.76 -57.06 -9.71
C GLY B 139 -13.25 -55.70 -10.14
N LEU B 140 -14.14 -54.74 -10.30
CA LEU B 140 -13.80 -53.33 -10.33
C LEU B 140 -14.03 -52.67 -8.99
N VAL B 141 -13.32 -51.57 -8.76
CA VAL B 141 -13.75 -50.50 -7.89
C VAL B 141 -13.88 -49.23 -8.71
N LEU B 142 -14.93 -48.46 -8.47
CA LEU B 142 -15.12 -47.22 -9.18
C LEU B 142 -15.19 -46.07 -8.18
N ILE B 143 -14.60 -44.94 -8.56
CA ILE B 143 -14.25 -43.87 -7.64
C ILE B 143 -14.46 -42.56 -8.39
N HIS B 144 -14.68 -41.48 -7.64
CA HIS B 144 -14.71 -40.15 -8.22
C HIS B 144 -14.04 -39.19 -7.24
N THR B 145 -13.62 -38.03 -7.73
CA THR B 145 -12.59 -37.26 -7.04
C THR B 145 -12.90 -35.77 -7.07
N SER B 146 -12.29 -35.08 -6.10
CA SER B 146 -12.34 -33.62 -6.04
C SER B 146 -12.04 -32.96 -7.39
N ASN B 147 -11.16 -33.55 -8.18
CA ASN B 147 -10.85 -32.99 -9.48
C ASN B 147 -11.85 -33.39 -10.55
N GLY B 148 -13.01 -33.91 -10.14
CA GLY B 148 -14.03 -34.34 -11.07
C GLY B 148 -13.71 -35.59 -11.82
N GLN B 149 -12.46 -36.06 -11.80
CA GLN B 149 -12.11 -37.26 -12.53
C GLN B 149 -12.74 -38.48 -11.87
N LEU B 150 -13.23 -39.38 -12.70
CA LEU B 150 -13.61 -40.72 -12.30
C LEU B 150 -12.48 -41.69 -12.58
N GLN B 151 -12.29 -42.63 -11.67
CA GLN B 151 -11.26 -43.64 -11.80
C GLN B 151 -11.90 -45.01 -11.62
N ALA B 152 -11.37 -45.98 -12.35
CA ALA B 152 -11.76 -47.36 -12.17
C ALA B 152 -10.48 -48.18 -11.99
N LEU B 153 -10.55 -49.05 -11.00
CA LEU B 153 -9.45 -49.69 -10.32
C LEU B 153 -9.73 -51.18 -10.26
N ASN B 154 -8.69 -51.99 -10.16
CA ASN B 154 -8.82 -53.43 -10.31
C ASN B 154 -8.70 -54.03 -8.91
N GLU B 155 -9.73 -54.80 -8.54
CA GLU B 155 -10.11 -54.93 -7.14
C GLU B 155 -9.10 -55.74 -6.34
N ALA B 156 -8.30 -56.58 -7.01
CA ALA B 156 -7.26 -57.33 -6.31
C ALA B 156 -6.17 -56.42 -5.77
N ASP B 157 -5.66 -55.51 -6.62
CA ASP B 157 -4.42 -54.80 -6.30
C ASP B 157 -4.44 -53.34 -6.72
N GLY B 158 -5.61 -52.76 -6.94
CA GLY B 158 -5.73 -51.31 -6.93
C GLY B 158 -5.20 -50.59 -8.16
N ALA B 159 -4.71 -51.31 -9.17
CA ALA B 159 -4.29 -50.64 -10.40
C ALA B 159 -5.51 -50.01 -11.08
N VAL B 160 -5.33 -48.79 -11.59
CA VAL B 160 -6.39 -48.11 -12.31
C VAL B 160 -6.60 -48.80 -13.65
N LYS B 161 -7.81 -49.29 -13.88
CA LYS B 161 -8.18 -49.71 -15.23
C LYS B 161 -8.37 -48.52 -16.16
N TRP B 162 -9.16 -47.53 -15.76
CA TRP B 162 -9.33 -46.36 -16.62
C TRP B 162 -9.62 -45.09 -15.83
N THR B 163 -9.43 -43.95 -16.50
CA THR B 163 -9.78 -42.63 -15.99
C THR B 163 -10.69 -41.91 -16.98
N VAL B 164 -11.59 -41.08 -16.45
CA VAL B 164 -12.42 -40.19 -17.26
C VAL B 164 -12.42 -38.81 -16.60
N ASN B 165 -12.21 -37.77 -17.38
CA ASN B 165 -12.47 -36.41 -16.92
C ASN B 165 -13.95 -36.04 -17.05
N LEU B 166 -14.60 -35.76 -15.92
CA LEU B 166 -15.85 -35.00 -15.91
C LEU B 166 -15.57 -33.60 -15.37
N ASP B 167 -15.96 -32.58 -16.13
CA ASP B 167 -15.44 -31.23 -15.93
C ASP B 167 -15.99 -30.60 -14.66
N MET B 168 -15.33 -29.54 -14.21
CA MET B 168 -15.66 -28.84 -12.98
C MET B 168 -15.87 -27.36 -13.22
N PRO B 169 -16.77 -26.72 -12.46
CA PRO B 169 -16.82 -25.26 -12.43
C PRO B 169 -15.92 -24.70 -11.34
N SER B 170 -15.53 -23.44 -11.53
CA SER B 170 -15.08 -22.65 -10.38
C SER B 170 -16.18 -22.58 -9.33
N LEU B 171 -15.77 -22.62 -8.06
CA LEU B 171 -16.68 -22.79 -6.94
C LEU B 171 -17.59 -24.00 -7.15
N SER B 172 -16.96 -25.17 -7.26
CA SER B 172 -17.70 -26.40 -7.05
C SER B 172 -18.25 -26.42 -5.63
N LEU B 173 -19.19 -27.32 -5.37
CA LEU B 173 -19.54 -27.60 -3.98
C LEU B 173 -18.77 -28.79 -3.41
N ARG B 174 -18.50 -29.82 -4.21
CA ARG B 174 -17.72 -30.95 -3.72
C ARG B 174 -16.69 -31.36 -4.76
N GLY B 175 -17.10 -31.47 -6.02
CA GLY B 175 -16.44 -32.38 -6.92
C GLY B 175 -16.50 -33.78 -6.37
N GLU B 176 -17.72 -34.26 -6.12
CA GLU B 176 -17.90 -35.58 -5.50
C GLU B 176 -19.28 -36.10 -5.84
N SER B 177 -19.32 -37.31 -6.41
CA SER B 177 -20.43 -38.23 -6.27
C SER B 177 -19.88 -39.63 -6.33
N ALA B 178 -20.53 -40.57 -5.65
CA ALA B 178 -20.24 -41.96 -5.92
C ALA B 178 -20.74 -42.33 -7.31
N PRO B 179 -19.99 -43.13 -8.07
CA PRO B 179 -20.60 -43.84 -9.18
C PRO B 179 -21.62 -44.86 -8.70
N THR B 180 -22.65 -45.09 -9.52
CA THR B 180 -23.59 -46.17 -9.29
C THR B 180 -23.50 -47.12 -10.46
N THR B 181 -23.60 -48.42 -10.19
CA THR B 181 -23.38 -49.44 -11.21
C THR B 181 -24.64 -50.28 -11.35
N ALA B 182 -25.30 -50.17 -12.49
CA ALA B 182 -26.61 -50.78 -12.66
C ALA B 182 -26.82 -51.15 -14.12
N PHE B 183 -27.56 -52.23 -14.34
CA PHE B 183 -27.83 -52.77 -15.68
C PHE B 183 -26.54 -52.91 -16.50
N GLY B 184 -25.40 -53.04 -15.83
CA GLY B 184 -24.10 -53.11 -16.48
C GLY B 184 -23.43 -51.80 -16.83
N ALA B 185 -23.96 -50.66 -16.40
CA ALA B 185 -23.42 -49.35 -16.74
C ALA B 185 -23.08 -48.57 -15.48
N ALA B 186 -22.06 -47.73 -15.58
CA ALA B 186 -21.80 -46.71 -14.58
C ALA B 186 -22.65 -45.47 -14.87
N VAL B 187 -23.11 -44.83 -13.81
CA VAL B 187 -23.69 -43.49 -13.88
C VAL B 187 -23.03 -42.66 -12.78
N VAL B 188 -22.66 -41.43 -13.13
CA VAL B 188 -21.92 -40.56 -12.22
C VAL B 188 -22.33 -39.12 -12.51
N GLY B 189 -22.25 -38.27 -11.50
CA GLY B 189 -22.60 -36.87 -11.65
C GLY B 189 -21.49 -35.90 -11.25
N GLY B 190 -21.38 -34.83 -12.00
CA GLY B 190 -20.24 -33.94 -11.91
C GLY B 190 -20.69 -32.50 -11.77
N ASP B 191 -19.92 -31.75 -10.98
CA ASP B 191 -20.33 -30.43 -10.47
C ASP B 191 -20.55 -29.39 -11.54
N ASN B 192 -20.25 -29.67 -12.80
CA ASN B 192 -20.70 -28.74 -13.83
C ASN B 192 -22.19 -28.86 -14.08
N GLY B 193 -22.85 -29.82 -13.42
CA GLY B 193 -24.23 -30.12 -13.66
C GLY B 193 -24.40 -31.11 -14.78
N ARG B 194 -23.60 -32.17 -14.79
CA ARG B 194 -23.73 -33.22 -15.79
C ARG B 194 -23.80 -34.58 -15.13
N VAL B 195 -24.49 -35.50 -15.78
CA VAL B 195 -24.49 -36.91 -15.38
C VAL B 195 -24.11 -37.72 -16.61
N SER B 196 -23.19 -38.67 -16.41
CA SER B 196 -22.56 -39.40 -17.49
C SER B 196 -22.62 -40.88 -17.18
N ALA B 197 -22.77 -41.69 -18.24
CA ALA B 197 -22.83 -43.13 -18.08
C ALA B 197 -21.85 -43.80 -19.03
N VAL B 198 -21.23 -44.86 -18.51
CA VAL B 198 -20.15 -45.59 -19.18
C VAL B 198 -20.45 -47.08 -19.19
N LEU B 199 -19.86 -47.79 -20.17
CA LEU B 199 -20.09 -49.20 -20.44
C LEU B 199 -19.33 -50.18 -19.53
N MET B 200 -18.77 -49.77 -18.38
CA MET B 200 -17.91 -50.62 -17.55
C MET B 200 -16.64 -51.08 -18.25
N GLU B 201 -16.16 -50.38 -19.26
CA GLU B 201 -14.82 -50.66 -19.76
C GLU B 201 -14.30 -49.46 -20.53
N GLN B 202 -12.97 -49.38 -20.63
CA GLN B 202 -12.33 -48.52 -21.62
C GLN B 202 -12.63 -47.04 -21.37
N GLY B 203 -13.38 -46.73 -20.32
CA GLY B 203 -13.82 -45.36 -20.13
C GLY B 203 -14.79 -44.86 -21.17
N GLN B 204 -15.31 -45.72 -22.03
CA GLN B 204 -16.15 -45.30 -23.14
C GLN B 204 -17.60 -45.17 -22.67
N MET B 205 -18.24 -44.13 -23.16
CA MET B 205 -19.52 -43.65 -22.65
C MET B 205 -20.71 -44.42 -23.17
N ILE B 206 -21.77 -44.50 -22.34
CA ILE B 206 -23.13 -44.61 -22.88
C ILE B 206 -23.71 -43.24 -23.21
N TRP B 207 -23.54 -42.25 -22.33
CA TRP B 207 -24.11 -40.92 -22.62
C TRP B 207 -23.55 -39.86 -21.68
N GLN B 208 -23.86 -38.59 -21.99
CA GLN B 208 -23.98 -37.51 -21.01
C GLN B 208 -25.31 -36.79 -21.18
N GLN B 209 -25.89 -36.41 -20.05
CA GLN B 209 -27.07 -35.58 -19.98
C GLN B 209 -26.77 -34.46 -19.00
N ARG B 210 -27.31 -33.28 -19.25
CA ARG B 210 -26.87 -32.08 -18.54
C ARG B 210 -28.05 -31.46 -17.81
N ILE B 211 -27.87 -31.26 -16.51
CA ILE B 211 -28.93 -30.87 -15.60
C ILE B 211 -28.44 -29.59 -14.94
N SER B 212 -28.91 -28.46 -15.46
CA SER B 212 -28.15 -27.20 -15.38
C SER B 212 -29.10 -26.00 -15.44
N GLN B 213 -30.38 -26.20 -15.17
CA GLN B 213 -31.40 -25.17 -15.20
C GLN B 213 -31.19 -24.06 -14.18
N ALA B 214 -32.10 -23.09 -14.19
CA ALA B 214 -31.97 -21.79 -13.53
C ALA B 214 -30.85 -20.93 -14.13
N THR B 215 -29.73 -21.53 -14.50
CA THR B 215 -28.72 -20.86 -15.33
C THR B 215 -28.37 -19.47 -14.79
N GLY B 216 -28.44 -19.29 -13.48
CA GLY B 216 -28.10 -17.98 -12.92
C GLY B 216 -26.67 -17.61 -13.22
N SER B 217 -26.47 -16.32 -13.54
CA SER B 217 -25.14 -15.86 -13.93
C SER B 217 -24.14 -15.98 -12.79
N THR B 218 -24.59 -15.73 -11.56
CA THR B 218 -23.72 -15.89 -10.41
C THR B 218 -23.46 -17.36 -10.14
N GLU B 219 -22.20 -17.70 -9.91
CA GLU B 219 -21.81 -19.09 -9.66
C GLU B 219 -22.48 -19.65 -8.41
N ILE B 220 -22.85 -18.80 -7.48
CA ILE B 220 -23.40 -19.28 -6.21
C ILE B 220 -24.83 -19.77 -6.37
N ASP B 221 -25.58 -19.18 -7.29
CA ASP B 221 -26.83 -19.79 -7.75
C ASP B 221 -26.55 -21.00 -8.62
N ARG B 222 -25.39 -21.02 -9.26
CA ARG B 222 -25.00 -21.98 -10.29
C ARG B 222 -23.80 -22.79 -9.82
N LEU B 223 -23.86 -23.31 -8.59
CA LEU B 223 -22.82 -24.25 -8.10
C LEU B 223 -22.78 -25.34 -9.17
N SER B 224 -23.86 -25.49 -9.95
CA SER B 224 -23.95 -26.39 -11.14
C SER B 224 -24.50 -27.79 -10.82
N ASP B 225 -25.50 -27.93 -9.94
CA ASP B 225 -26.29 -29.19 -9.79
C ASP B 225 -25.69 -30.37 -9.02
N VAL B 226 -25.62 -31.58 -9.61
CA VAL B 226 -25.35 -32.84 -8.93
C VAL B 226 -24.01 -32.88 -8.21
N ASP B 227 -24.06 -33.39 -6.99
CA ASP B 227 -22.97 -34.11 -6.32
C ASP B 227 -23.46 -35.44 -5.80
N THR B 228 -24.75 -35.55 -5.55
CA THR B 228 -25.37 -36.69 -4.89
C THR B 228 -25.35 -37.91 -5.80
N THR B 229 -24.89 -39.04 -5.27
CA THR B 229 -24.81 -40.26 -6.06
C THR B 229 -26.13 -40.54 -6.78
N PRO B 230 -26.15 -40.55 -8.12
CA PRO B 230 -27.35 -41.00 -8.84
C PRO B 230 -27.61 -42.47 -8.57
N VAL B 231 -28.86 -42.89 -8.82
CA VAL B 231 -29.23 -44.27 -8.53
C VAL B 231 -30.17 -44.79 -9.62
N VAL B 232 -30.28 -46.11 -9.73
CA VAL B 232 -31.01 -46.71 -10.84
C VAL B 232 -31.84 -47.89 -10.34
N VAL B 233 -33.06 -48.00 -10.85
CA VAL B 233 -33.88 -49.21 -10.71
C VAL B 233 -34.64 -49.42 -12.02
N ASN B 234 -34.73 -50.67 -12.47
CA ASN B 234 -35.26 -50.99 -13.80
C ASN B 234 -34.56 -50.23 -14.93
N GLY B 235 -33.33 -49.80 -14.71
CA GLY B 235 -32.67 -48.90 -15.65
C GLY B 235 -33.28 -47.53 -15.76
N VAL B 236 -34.15 -47.16 -14.83
CA VAL B 236 -34.58 -45.79 -14.63
C VAL B 236 -33.62 -45.15 -13.63
N VAL B 237 -32.87 -44.15 -14.08
CA VAL B 237 -31.90 -43.43 -13.27
C VAL B 237 -32.61 -42.26 -12.59
N PHE B 238 -32.06 -41.84 -11.46
CA PHE B 238 -32.42 -40.58 -10.83
C PHE B 238 -31.16 -39.80 -10.50
N ALA B 239 -31.25 -38.49 -10.72
CA ALA B 239 -30.20 -37.51 -10.47
C ALA B 239 -30.85 -36.21 -10.02
N LEU B 240 -30.07 -35.36 -9.36
CA LEU B 240 -30.62 -34.27 -8.56
C LEU B 240 -29.54 -33.23 -8.29
N ALA B 241 -29.99 -32.06 -7.85
CA ALA B 241 -29.31 -30.80 -8.09
C ALA B 241 -29.22 -30.03 -6.78
N TYR B 242 -28.02 -29.53 -6.47
CA TYR B 242 -27.90 -28.57 -5.38
C TYR B 242 -28.79 -27.37 -5.62
N ASN B 243 -28.83 -26.92 -6.86
CA ASN B 243 -29.85 -26.00 -7.38
C ASN B 243 -29.95 -26.32 -8.85
N GLY B 244 -31.12 -26.07 -9.43
CA GLY B 244 -31.52 -26.88 -10.58
C GLY B 244 -32.57 -27.87 -10.13
N ASN B 245 -32.66 -29.02 -10.79
CA ASN B 245 -33.86 -29.84 -10.68
C ASN B 245 -33.53 -31.32 -10.62
N LEU B 246 -34.26 -32.03 -9.76
CA LEU B 246 -34.28 -33.49 -9.82
C LEU B 246 -34.82 -33.94 -11.17
N THR B 247 -34.33 -35.09 -11.64
CA THR B 247 -34.90 -35.75 -12.79
C THR B 247 -34.75 -37.28 -12.73
N ALA B 248 -35.77 -37.94 -13.27
CA ALA B 248 -35.73 -39.32 -13.69
C ALA B 248 -35.29 -39.40 -15.16
N LEU B 249 -34.45 -40.39 -15.46
CA LEU B 249 -33.86 -40.54 -16.79
C LEU B 249 -33.85 -42.00 -17.23
N ASP B 250 -33.73 -42.19 -18.54
CA ASP B 250 -33.29 -43.46 -19.09
C ASP B 250 -31.83 -43.72 -18.73
N LEU B 251 -31.44 -45.00 -18.81
CA LEU B 251 -30.04 -45.38 -18.78
C LEU B 251 -29.52 -45.80 -20.14
N ARG B 252 -30.37 -46.37 -20.99
CA ARG B 252 -29.91 -46.93 -22.25
C ARG B 252 -29.55 -45.81 -23.21
N SER B 253 -30.41 -44.80 -23.30
CA SER B 253 -30.05 -43.45 -23.68
C SER B 253 -29.98 -42.57 -22.43
N GLY B 254 -29.57 -41.32 -22.63
CA GLY B 254 -29.62 -40.29 -21.62
C GLY B 254 -30.88 -39.46 -21.60
N GLN B 255 -31.94 -39.89 -22.29
CA GLN B 255 -33.14 -39.08 -22.42
C GLN B 255 -33.78 -38.84 -21.05
N ILE B 256 -34.24 -37.61 -20.85
CA ILE B 256 -35.00 -37.28 -19.64
C ILE B 256 -36.32 -38.02 -19.66
N MET B 257 -36.60 -38.77 -18.59
CA MET B 257 -37.96 -39.26 -18.36
C MET B 257 -38.85 -38.17 -17.77
N TRP B 258 -38.40 -37.52 -16.71
CA TRP B 258 -39.05 -36.28 -16.29
C TRP B 258 -38.12 -35.48 -15.40
N LYS B 259 -38.48 -34.20 -15.21
CA LYS B 259 -37.70 -33.22 -14.47
C LYS B 259 -38.62 -32.51 -13.48
N ARG B 260 -38.09 -32.23 -12.28
CA ARG B 260 -38.91 -31.85 -11.14
C ARG B 260 -38.34 -30.62 -10.44
N GLU B 261 -39.21 -29.93 -9.72
CA GLU B 261 -38.91 -28.65 -9.07
C GLU B 261 -37.72 -28.73 -8.10
N LEU B 262 -37.20 -29.91 -7.79
CA LEU B 262 -36.39 -30.11 -6.58
C LEU B 262 -34.92 -29.70 -6.78
N GLY B 263 -34.64 -28.42 -6.58
CA GLY B 263 -33.32 -27.96 -6.16
C GLY B 263 -33.16 -27.92 -4.65
N SER B 264 -32.06 -27.30 -4.22
CA SER B 264 -31.67 -27.26 -2.81
C SER B 264 -31.59 -28.66 -2.22
N VAL B 265 -30.92 -29.57 -2.93
CA VAL B 265 -30.73 -30.93 -2.45
C VAL B 265 -29.34 -31.46 -2.78
N ASN B 266 -28.73 -32.13 -1.78
CA ASN B 266 -27.46 -32.83 -1.91
C ASN B 266 -27.54 -34.29 -1.48
N ASP B 267 -28.73 -34.82 -1.23
CA ASP B 267 -28.86 -36.04 -0.44
C ASP B 267 -30.21 -36.67 -0.73
N PHE B 268 -30.22 -37.96 -1.06
CA PHE B 268 -31.49 -38.63 -1.31
C PHE B 268 -31.31 -40.14 -1.22
N ILE B 269 -32.42 -40.87 -1.37
CA ILE B 269 -32.45 -42.32 -1.50
C ILE B 269 -33.67 -42.69 -2.33
N VAL B 270 -33.78 -43.97 -2.69
CA VAL B 270 -34.96 -44.48 -3.39
C VAL B 270 -35.39 -45.80 -2.74
N ASP B 271 -36.57 -46.27 -3.14
CA ASP B 271 -36.97 -47.65 -2.86
C ASP B 271 -37.52 -48.35 -4.10
N GLY B 272 -38.16 -49.51 -3.92
CA GLY B 272 -38.70 -50.24 -5.06
C GLY B 272 -39.77 -49.49 -5.83
N ASN B 273 -40.30 -48.40 -5.29
CA ASN B 273 -41.35 -47.63 -5.95
C ASN B 273 -41.21 -46.13 -5.80
N ARG B 274 -40.36 -45.64 -4.89
CA ARG B 274 -40.44 -44.25 -4.48
C ARG B 274 -39.05 -43.64 -4.36
N ILE B 275 -39.06 -42.31 -4.35
CA ILE B 275 -37.90 -41.46 -4.08
C ILE B 275 -38.15 -40.87 -2.71
N TYR B 276 -37.09 -40.74 -1.91
CA TYR B 276 -37.16 -39.98 -0.68
C TYR B 276 -35.99 -39.02 -0.65
N LEU B 277 -36.25 -37.78 -0.24
CA LEU B 277 -35.32 -36.71 -0.53
C LEU B 277 -35.28 -35.71 0.60
N VAL B 278 -34.09 -35.11 0.77
CA VAL B 278 -33.76 -34.14 1.80
C VAL B 278 -33.11 -32.97 1.07
N ASP B 279 -32.94 -31.85 1.79
CA ASP B 279 -32.92 -30.56 1.13
C ASP B 279 -31.97 -29.63 1.88
N GLN B 280 -31.54 -28.57 1.19
CA GLN B 280 -30.68 -27.57 1.81
C GLN B 280 -31.50 -26.55 2.58
N ASN B 281 -32.78 -26.43 2.25
CA ASN B 281 -33.76 -25.87 3.17
C ASN B 281 -34.16 -26.92 4.21
N ASP B 282 -33.71 -28.16 4.00
CA ASP B 282 -34.01 -29.33 4.83
C ASP B 282 -35.51 -29.62 4.90
N ARG B 283 -36.27 -29.15 3.93
CA ARG B 283 -37.49 -29.84 3.56
C ARG B 283 -37.18 -31.32 3.36
N VAL B 284 -38.16 -32.18 3.61
CA VAL B 284 -38.06 -33.61 3.31
C VAL B 284 -39.33 -34.03 2.59
N MET B 285 -39.18 -34.89 1.58
CA MET B 285 -40.31 -35.20 0.73
C MET B 285 -40.14 -36.55 0.03
N ALA B 286 -41.27 -37.06 -0.47
CA ALA B 286 -41.35 -38.35 -1.13
C ALA B 286 -42.08 -38.25 -2.46
N LEU B 287 -41.63 -39.05 -3.42
CA LEU B 287 -42.14 -39.08 -4.80
C LEU B 287 -42.25 -40.52 -5.28
N THR B 288 -42.95 -40.70 -6.39
CA THR B 288 -42.96 -41.96 -7.11
C THR B 288 -41.77 -42.00 -8.08
N ILE B 289 -41.29 -43.21 -8.38
CA ILE B 289 -40.23 -43.35 -9.39
C ILE B 289 -40.73 -42.93 -10.77
N ASP B 290 -41.93 -43.37 -11.16
CA ASP B 290 -42.52 -42.86 -12.40
C ASP B 290 -42.87 -41.38 -12.26
N GLY B 291 -42.39 -40.58 -13.23
CA GLY B 291 -42.63 -39.16 -13.27
C GLY B 291 -42.03 -38.34 -12.16
N GLY B 292 -41.47 -38.95 -11.12
CA GLY B 292 -41.02 -38.17 -9.98
C GLY B 292 -42.15 -37.44 -9.28
N VAL B 293 -43.36 -37.98 -9.31
CA VAL B 293 -44.54 -37.23 -8.91
C VAL B 293 -44.62 -37.19 -7.39
N THR B 294 -44.91 -36.01 -6.85
CA THR B 294 -44.87 -35.82 -5.41
C THR B 294 -45.87 -36.71 -4.67
N LEU B 295 -45.33 -37.53 -3.77
CA LEU B 295 -46.18 -38.31 -2.88
C LEU B 295 -46.57 -37.50 -1.64
N TRP B 296 -45.58 -36.85 -1.02
CA TRP B 296 -45.84 -35.86 0.01
C TRP B 296 -44.61 -34.98 0.19
N THR B 297 -44.81 -33.82 0.83
CA THR B 297 -43.73 -32.90 1.15
C THR B 297 -43.97 -32.27 2.51
N GLN B 298 -42.90 -32.08 3.29
CA GLN B 298 -43.03 -31.41 4.57
C GLN B 298 -41.74 -30.63 4.83
N SER B 299 -41.82 -29.63 5.72
CA SER B 299 -40.76 -28.63 5.84
C SER B 299 -40.37 -28.31 7.28
N ASP B 300 -40.88 -29.04 8.28
CA ASP B 300 -40.68 -28.69 9.68
C ASP B 300 -39.24 -28.85 10.16
N LEU B 301 -38.36 -29.51 9.40
CA LEU B 301 -36.93 -29.50 9.66
C LEU B 301 -36.20 -28.42 8.87
N LEU B 302 -36.86 -27.30 8.62
CA LEU B 302 -36.28 -26.19 7.87
C LEU B 302 -34.87 -25.81 8.36
N HIS B 303 -33.94 -25.76 7.41
CA HIS B 303 -32.53 -25.42 7.64
C HIS B 303 -31.87 -26.21 8.78
N ARG B 304 -32.31 -27.44 9.01
CA ARG B 304 -31.72 -28.27 10.06
C ARG B 304 -30.44 -28.95 9.61
N LEU B 305 -29.91 -28.63 8.42
CA LEU B 305 -28.65 -29.19 7.91
C LEU B 305 -28.66 -30.71 7.99
N LEU B 306 -29.77 -31.29 7.52
CA LEU B 306 -30.03 -32.72 7.67
C LEU B 306 -29.04 -33.56 6.87
N THR B 307 -28.93 -34.83 7.30
CA THR B 307 -28.20 -35.84 6.56
C THR B 307 -28.98 -36.26 5.32
N SER B 308 -28.33 -37.07 4.50
CA SER B 308 -29.07 -37.95 3.60
C SER B 308 -30.04 -38.84 4.37
N PRO B 309 -31.22 -39.12 3.82
CA PRO B 309 -32.17 -40.01 4.48
C PRO B 309 -31.81 -41.47 4.20
N VAL B 310 -32.42 -42.35 4.99
CA VAL B 310 -32.50 -43.75 4.57
C VAL B 310 -33.90 -44.27 4.88
N LEU B 311 -34.36 -45.22 4.08
CA LEU B 311 -35.46 -46.08 4.51
C LEU B 311 -34.92 -47.03 5.57
N TYR B 312 -35.54 -47.01 6.76
CA TYR B 312 -35.14 -47.90 7.84
C TYR B 312 -36.35 -48.46 8.57
N ASN B 313 -36.36 -49.79 8.74
CA ASN B 313 -37.40 -50.52 9.46
C ASN B 313 -38.81 -50.11 9.05
N GLY B 314 -39.02 -49.88 7.75
CA GLY B 314 -40.32 -49.47 7.23
C GLY B 314 -40.71 -48.02 7.45
N ASN B 315 -39.77 -47.16 7.83
CA ASN B 315 -40.00 -45.72 7.94
C ASN B 315 -38.90 -45.03 7.13
N LEU B 316 -38.98 -43.71 7.02
CA LEU B 316 -37.81 -42.90 6.72
C LEU B 316 -37.10 -42.52 8.03
N VAL B 317 -35.79 -42.31 7.95
CA VAL B 317 -35.06 -41.64 9.02
C VAL B 317 -34.03 -40.68 8.44
N VAL B 318 -33.75 -39.62 9.22
CA VAL B 318 -32.76 -38.63 8.84
C VAL B 318 -32.05 -38.10 10.08
N GLY B 319 -30.79 -37.72 9.90
CA GLY B 319 -30.01 -37.09 10.93
C GLY B 319 -30.11 -35.58 10.89
N ASP B 320 -29.91 -34.96 12.04
CA ASP B 320 -30.16 -33.53 12.22
C ASP B 320 -28.95 -32.93 12.93
N SER B 321 -28.57 -31.73 12.46
CA SER B 321 -27.27 -31.13 12.77
C SER B 321 -27.10 -30.75 14.23
N GLU B 322 -28.18 -30.70 15.01
CA GLU B 322 -28.01 -30.52 16.45
C GLU B 322 -27.82 -31.86 17.14
N GLY B 323 -27.72 -32.94 16.36
CA GLY B 323 -27.44 -34.26 16.88
C GLY B 323 -28.65 -35.17 16.93
N TYR B 324 -29.78 -34.74 16.39
CA TYR B 324 -31.00 -35.54 16.48
C TYR B 324 -31.13 -36.54 15.34
N LEU B 325 -32.03 -37.50 15.54
CA LEU B 325 -32.58 -38.34 14.49
C LEU B 325 -34.09 -38.16 14.46
N HIS B 326 -34.64 -38.02 13.26
CA HIS B 326 -36.07 -37.96 13.04
C HIS B 326 -36.52 -39.16 12.21
N TRP B 327 -37.46 -39.93 12.75
CA TRP B 327 -38.16 -40.97 12.00
C TRP B 327 -39.43 -40.36 11.45
N ILE B 328 -39.67 -40.58 10.16
CA ILE B 328 -40.74 -39.96 9.37
C ILE B 328 -41.54 -41.07 8.69
N ASN B 329 -42.85 -40.83 8.54
CA ASN B 329 -43.71 -41.86 7.97
C ASN B 329 -43.48 -42.00 6.47
N VAL B 330 -43.69 -43.23 6.00
CA VAL B 330 -43.51 -43.57 4.58
C VAL B 330 -44.40 -42.71 3.69
N GLU B 331 -45.66 -42.53 4.08
CA GLU B 331 -46.69 -41.99 3.20
C GLU B 331 -47.30 -40.68 3.68
N ASP B 332 -47.14 -40.33 4.95
CA ASP B 332 -47.80 -39.18 5.53
C ASP B 332 -46.88 -37.98 5.67
N GLY B 333 -45.57 -38.20 5.80
CA GLY B 333 -44.64 -37.15 6.14
C GLY B 333 -44.69 -36.70 7.58
N ARG B 334 -45.59 -37.27 8.39
CA ARG B 334 -45.58 -36.97 9.81
C ARG B 334 -44.28 -37.46 10.42
N PHE B 335 -43.91 -36.85 11.55
CA PHE B 335 -42.88 -37.44 12.40
C PHE B 335 -43.40 -38.70 13.07
N VAL B 336 -42.64 -39.78 12.93
CA VAL B 336 -42.94 -41.03 13.62
C VAL B 336 -42.25 -41.08 14.98
N ALA B 337 -41.02 -40.60 15.06
CA ALA B 337 -40.30 -40.63 16.34
C ALA B 337 -39.10 -39.69 16.25
N GLN B 338 -38.50 -39.39 17.39
CA GLN B 338 -37.30 -38.57 17.38
C GLN B 338 -36.40 -38.96 18.56
N GLN B 339 -35.09 -38.71 18.41
CA GLN B 339 -34.16 -38.91 19.51
C GLN B 339 -33.01 -37.91 19.38
N LYS B 340 -32.36 -37.60 20.50
CA LYS B 340 -31.08 -36.91 20.50
C LYS B 340 -29.97 -37.87 20.86
N VAL B 341 -28.94 -37.93 20.02
CA VAL B 341 -27.90 -38.96 20.13
C VAL B 341 -26.54 -38.30 20.26
N ASP B 342 -26.12 -37.58 19.22
CA ASP B 342 -24.92 -36.76 19.25
C ASP B 342 -25.14 -35.49 20.07
N SER B 343 -24.01 -34.85 20.44
CA SER B 343 -24.03 -33.54 21.09
C SER B 343 -22.90 -32.63 20.61
N SER B 344 -22.35 -32.89 19.43
CA SER B 344 -21.13 -32.24 18.95
C SER B 344 -21.15 -31.89 17.47
N GLY B 345 -22.06 -32.48 16.69
CA GLY B 345 -22.28 -32.12 15.30
C GLY B 345 -22.60 -33.38 14.53
N PHE B 346 -23.57 -33.32 13.61
CA PHE B 346 -24.04 -34.54 12.96
C PHE B 346 -24.74 -34.23 11.63
N GLN B 347 -23.94 -34.16 10.56
CA GLN B 347 -24.49 -34.13 9.21
C GLN B 347 -23.95 -35.22 8.29
N THR B 348 -22.98 -36.01 8.74
CA THR B 348 -22.57 -37.21 8.01
C THR B 348 -23.69 -38.25 8.01
N GLU B 349 -23.86 -38.91 6.86
CA GLU B 349 -25.13 -39.58 6.59
C GLU B 349 -25.27 -40.89 7.36
N PRO B 350 -26.51 -41.27 7.68
CA PRO B 350 -26.79 -42.60 8.22
C PRO B 350 -26.50 -43.74 7.26
N VAL B 351 -26.39 -44.92 7.85
CA VAL B 351 -26.14 -46.19 7.16
C VAL B 351 -27.04 -47.21 7.83
N ALA B 352 -27.66 -48.08 7.05
CA ALA B 352 -28.60 -49.02 7.65
C ALA B 352 -28.54 -50.39 6.99
N ALA B 353 -28.37 -51.42 7.81
CA ALA B 353 -28.46 -52.79 7.30
C ALA B 353 -28.63 -53.72 8.49
N ASP B 354 -29.04 -54.95 8.20
CA ASP B 354 -29.22 -55.98 9.23
C ASP B 354 -30.16 -55.51 10.33
N GLY B 355 -31.04 -54.56 10.01
CA GLY B 355 -31.90 -53.89 10.97
C GLY B 355 -31.21 -52.90 11.88
N LYS B 356 -29.89 -52.77 11.78
CA LYS B 356 -29.14 -51.77 12.52
C LYS B 356 -29.29 -50.43 11.80
N LEU B 357 -29.48 -49.35 12.56
CA LEU B 357 -29.19 -48.01 12.08
C LEU B 357 -27.89 -47.54 12.70
N LEU B 358 -26.97 -47.09 11.86
CA LEU B 358 -25.68 -46.58 12.30
C LEU B 358 -25.48 -45.17 11.81
N ILE B 359 -24.87 -44.35 12.65
CA ILE B 359 -24.40 -43.04 12.23
C ILE B 359 -22.99 -42.89 12.77
N GLN B 360 -22.17 -42.12 12.07
CA GLN B 360 -21.01 -41.50 12.68
C GLN B 360 -21.27 -40.01 12.76
N ALA B 361 -21.29 -39.48 13.96
CA ALA B 361 -21.37 -38.04 14.15
C ALA B 361 -20.04 -37.41 13.80
N LYS B 362 -20.06 -36.09 13.69
CA LYS B 362 -18.80 -35.38 13.88
C LYS B 362 -18.33 -35.62 15.32
N ASP B 363 -17.13 -35.13 15.62
CA ASP B 363 -16.45 -35.51 16.86
C ASP B 363 -16.24 -37.02 16.93
N GLY B 364 -16.19 -37.67 15.77
CA GLY B 364 -15.53 -38.96 15.64
C GLY B 364 -16.10 -40.12 16.44
N THR B 365 -17.42 -40.16 16.59
CA THR B 365 -18.05 -41.22 17.39
C THR B 365 -19.23 -41.82 16.62
N VAL B 366 -19.37 -43.15 16.72
CA VAL B 366 -20.41 -43.90 16.04
C VAL B 366 -21.48 -44.29 17.05
N TYR B 367 -22.75 -44.16 16.63
CA TYR B 367 -23.90 -44.62 17.41
C TYR B 367 -24.72 -45.60 16.60
N SER B 368 -25.13 -46.69 17.26
CA SER B 368 -26.04 -47.70 16.73
C SER B 368 -27.42 -47.61 17.38
N ILE B 369 -28.45 -47.56 16.54
CA ILE B 369 -29.82 -47.22 16.93
C ILE B 369 -30.73 -48.35 16.43
N THR B 370 -31.79 -48.58 17.19
CA THR B 370 -32.83 -49.55 16.84
C THR B 370 -34.19 -49.02 17.25
N ARG B 371 -35.21 -49.43 16.51
CA ARG B 371 -36.60 -49.16 16.89
C ARG B 371 -37.48 -50.35 16.57
N CYS C 1 -15.64 30.54 9.79
CA CYS C 1 -15.61 31.11 8.45
C CYS C 1 -15.18 32.57 8.54
N SER C 2 -14.63 33.07 7.43
CA SER C 2 -14.39 34.50 7.24
C SER C 2 -14.45 34.82 5.76
N SER C 3 -14.84 36.05 5.43
CA SER C 3 -14.97 36.45 4.04
C SER C 3 -14.92 37.97 3.91
N ASP C 4 -14.62 38.42 2.69
CA ASP C 4 -14.52 39.84 2.35
C ASP C 4 -15.87 40.46 2.01
N SER C 5 -16.94 39.65 2.04
CA SER C 5 -18.33 40.12 2.01
C SER C 5 -18.77 40.88 0.77
N ARG C 6 -17.88 41.17 -0.18
CA ARG C 6 -18.33 41.82 -1.41
C ARG C 6 -17.53 41.31 -2.60
N TYR C 7 -18.07 41.57 -3.79
CA TYR C 7 -17.39 41.32 -5.06
C TYR C 7 -17.05 39.83 -5.21
N LYS C 8 -18.11 39.02 -5.22
CA LYS C 8 -18.04 37.57 -5.23
C LYS C 8 -17.48 36.99 -6.52
N ARG C 9 -17.19 37.84 -7.51
CA ARG C 9 -16.57 37.43 -8.77
C ARG C 9 -15.07 37.20 -8.70
N GLN C 10 -14.39 37.69 -7.66
CA GLN C 10 -12.94 37.85 -7.74
C GLN C 10 -12.19 36.53 -7.54
N VAL C 11 -10.91 36.56 -7.90
CA VAL C 11 -10.15 35.41 -8.38
C VAL C 11 -9.75 34.43 -7.29
N SER C 12 -9.83 34.82 -6.01
CA SER C 12 -9.24 34.05 -4.92
C SER C 12 -7.71 34.04 -5.00
N GLY C 13 -7.15 33.82 -6.18
CA GLY C 13 -5.84 34.35 -6.50
C GLY C 13 -5.90 35.84 -6.80
N ASP C 14 -4.80 36.35 -7.36
CA ASP C 14 -4.67 37.78 -7.58
C ASP C 14 -5.22 38.22 -8.94
N GLU C 15 -5.61 39.50 -8.99
CA GLU C 15 -5.96 40.19 -10.23
C GLU C 15 -4.77 40.30 -11.20
N ALA C 16 -3.55 40.07 -10.71
CA ALA C 16 -2.36 40.57 -11.37
C ALA C 16 -2.26 40.12 -12.83
N TYR C 17 -2.82 38.97 -13.17
CA TYR C 17 -2.68 38.45 -14.53
C TYR C 17 -3.09 39.48 -15.57
N LEU C 18 -4.02 40.37 -15.24
CA LEU C 18 -4.46 41.34 -16.25
C LEU C 18 -3.41 42.37 -16.63
N GLU C 19 -2.35 42.55 -15.83
CA GLU C 19 -1.25 43.43 -16.19
C GLU C 19 0.11 42.75 -16.28
N ALA C 20 0.29 41.59 -15.65
CA ALA C 20 1.62 41.09 -15.32
C ALA C 20 2.46 40.66 -16.52
N ALA C 21 1.92 40.62 -17.74
CA ALA C 21 2.85 40.55 -18.88
C ALA C 21 2.27 41.09 -20.18
N PRO C 22 2.96 42.00 -20.87
CA PRO C 22 2.72 42.16 -22.31
C PRO C 22 3.15 40.94 -23.11
N LEU C 23 2.53 40.82 -24.29
CA LEU C 23 2.81 39.73 -25.24
C LEU C 23 4.08 40.04 -26.04
N ALA C 24 5.18 40.21 -25.31
CA ALA C 24 6.44 40.66 -25.89
C ALA C 24 6.99 39.69 -26.94
N GLU C 25 7.11 40.17 -28.18
CA GLU C 25 7.51 39.36 -29.32
C GLU C 25 9.02 39.10 -29.33
N LEU C 26 9.44 38.23 -30.26
CA LEU C 26 10.84 37.94 -30.54
C LEU C 26 11.06 37.90 -32.05
N HIS C 27 12.17 38.50 -32.51
CA HIS C 27 12.39 38.78 -33.93
C HIS C 27 13.81 38.40 -34.33
N ALA C 28 13.97 37.21 -34.91
CA ALA C 28 15.29 36.72 -35.31
C ALA C 28 15.84 37.52 -36.49
N PRO C 29 17.17 37.66 -36.59
CA PRO C 29 17.78 38.40 -37.70
C PRO C 29 17.91 37.54 -38.96
N ALA C 30 18.41 38.17 -40.02
CA ALA C 30 18.64 37.50 -41.29
C ALA C 30 19.56 36.30 -41.15
N GLY C 31 19.39 35.34 -42.06
CA GLY C 31 20.09 34.07 -42.04
C GLY C 31 19.58 33.08 -41.03
N MET C 32 19.08 33.57 -39.91
CA MET C 32 18.48 32.70 -38.92
C MET C 32 17.03 32.41 -39.25
N ILE C 33 16.57 31.22 -38.89
CA ILE C 33 15.15 30.93 -38.76
C ILE C 33 14.89 30.75 -37.27
N LEU C 34 13.95 31.51 -36.74
CA LEU C 34 13.43 31.20 -35.42
C LEU C 34 12.64 29.89 -35.48
N PRO C 35 12.89 28.94 -34.57
CA PRO C 35 12.25 27.63 -34.72
C PRO C 35 10.74 27.73 -34.65
N VAL C 36 10.08 26.74 -35.26
CA VAL C 36 8.63 26.81 -35.47
C VAL C 36 7.92 26.96 -34.13
N THR C 37 6.98 27.91 -34.06
CA THR C 37 6.40 28.41 -32.81
C THR C 37 5.42 27.40 -32.15
N SER C 38 5.36 26.16 -32.67
CA SER C 38 4.89 24.99 -31.94
C SER C 38 3.44 25.15 -31.45
N GLY C 39 2.54 25.21 -32.43
CA GLY C 39 1.18 24.74 -32.23
C GLY C 39 0.36 25.41 -31.16
N ASP C 40 -0.07 24.60 -30.19
CA ASP C 40 -1.07 25.00 -29.19
C ASP C 40 -0.68 26.26 -28.43
N TYR C 41 0.62 26.50 -28.21
CA TYR C 41 1.04 27.67 -27.47
C TYR C 41 0.98 28.97 -28.28
N ALA C 42 0.75 28.89 -29.59
CA ALA C 42 0.33 30.07 -30.33
C ALA C 42 -1.11 30.41 -29.96
N ILE C 43 -1.41 31.71 -29.93
CA ILE C 43 -2.75 32.19 -29.58
C ILE C 43 -3.22 33.24 -30.58
N PRO C 44 -4.52 33.37 -30.82
CA PRO C 44 -5.01 34.29 -31.85
C PRO C 44 -4.74 35.75 -31.51
N VAL C 45 -5.02 36.60 -32.50
CA VAL C 45 -5.30 38.02 -32.28
C VAL C 45 -6.79 38.14 -31.95
N THR C 46 -7.11 38.17 -30.66
CA THR C 46 -8.49 38.19 -30.22
C THR C 46 -9.17 39.51 -30.59
N ASN C 47 -10.52 39.50 -30.55
CA ASN C 47 -11.29 40.70 -30.85
C ASN C 47 -10.87 41.89 -30.00
N GLY C 48 -10.52 41.65 -28.73
CA GLY C 48 -10.11 42.74 -27.86
C GLY C 48 -11.21 43.31 -26.98
N SER C 49 -12.37 43.67 -27.57
CA SER C 49 -13.38 44.46 -26.89
C SER C 49 -14.16 43.67 -25.84
N GLY C 50 -13.97 42.36 -25.74
CA GLY C 50 -14.53 41.63 -24.61
C GLY C 50 -14.01 42.13 -23.28
N ALA C 51 -14.78 41.85 -22.23
CA ALA C 51 -14.46 42.31 -20.89
C ALA C 51 -13.26 41.55 -20.32
N VAL C 52 -12.78 42.03 -19.17
CA VAL C 52 -11.67 41.43 -18.44
C VAL C 52 -12.14 41.10 -17.02
N GLY C 53 -11.55 40.06 -16.44
CA GLY C 53 -12.06 39.42 -15.24
C GLY C 53 -11.95 40.25 -13.97
N LYS C 54 -11.48 41.49 -14.06
CA LYS C 54 -11.79 42.48 -13.04
C LYS C 54 -13.31 42.66 -12.90
N ALA C 55 -14.00 42.77 -14.04
CA ALA C 55 -15.36 43.31 -14.09
C ALA C 55 -16.34 42.37 -14.77
N LEU C 56 -15.85 41.27 -15.34
CA LEU C 56 -16.72 40.26 -15.94
C LEU C 56 -17.64 39.61 -14.91
N ASP C 57 -18.87 39.37 -15.34
CA ASP C 57 -19.90 38.72 -14.52
C ASP C 57 -19.69 37.21 -14.53
N ILE C 58 -18.71 36.75 -13.73
CA ILE C 58 -18.40 35.33 -13.66
C ILE C 58 -19.58 34.51 -13.15
N ARG C 59 -20.67 35.17 -12.76
CA ARG C 59 -21.89 34.44 -12.41
C ARG C 59 -22.32 33.51 -13.53
N PRO C 60 -22.46 32.21 -13.28
CA PRO C 60 -22.67 31.23 -14.36
C PRO C 60 -23.89 31.56 -15.20
N PRO C 61 -23.79 31.48 -16.53
CA PRO C 61 -24.90 31.89 -17.39
C PRO C 61 -26.19 31.16 -17.04
N ALA C 62 -27.31 31.85 -17.24
CA ALA C 62 -28.64 31.30 -17.01
C ALA C 62 -29.06 30.43 -18.20
N GLN C 63 -29.22 29.13 -17.96
CA GLN C 63 -30.10 28.32 -18.78
C GLN C 63 -31.52 28.91 -18.78
N PRO C 64 -32.29 28.66 -19.84
CA PRO C 64 -33.75 28.80 -19.72
C PRO C 64 -34.31 27.88 -18.64
N LEU C 65 -35.04 28.47 -17.70
CA LEU C 65 -35.48 27.79 -16.48
C LEU C 65 -36.99 27.62 -16.50
N ALA C 66 -37.45 26.38 -16.58
CA ALA C 66 -38.89 26.10 -16.56
C ALA C 66 -39.09 24.62 -16.32
N LEU C 67 -40.34 24.27 -15.98
CA LEU C 67 -40.76 22.87 -15.89
C LEU C 67 -42.13 22.69 -16.53
N GLU D 1 -30.33 19.07 6.42
CA GLU D 1 -29.65 20.24 5.79
C GLU D 1 -30.61 21.05 4.92
N VAL D 2 -31.25 20.39 3.97
CA VAL D 2 -31.99 21.08 2.91
C VAL D 2 -33.37 20.47 2.71
N PRO D 3 -34.43 21.26 2.58
CA PRO D 3 -35.77 20.70 2.35
C PRO D 3 -35.94 20.15 0.94
N ASP D 4 -36.88 19.23 0.81
CA ASP D 4 -37.31 18.74 -0.50
C ASP D 4 -38.61 19.43 -0.94
N ASN D 5 -38.55 20.75 -1.01
CA ASN D 5 -39.59 21.56 -1.63
C ASN D 5 -39.64 21.28 -3.13
N PRO D 6 -40.59 21.88 -3.86
CA PRO D 6 -40.59 21.72 -5.31
C PRO D 6 -39.27 22.17 -5.92
N PRO D 7 -38.84 21.56 -7.02
CA PRO D 7 -37.50 21.86 -7.55
C PRO D 7 -37.31 23.31 -7.89
N ASN D 8 -38.34 23.98 -8.41
CA ASN D 8 -38.26 25.43 -8.64
C ASN D 8 -38.01 26.20 -7.34
N GLU D 9 -38.53 25.74 -6.21
CA GLU D 9 -38.29 26.42 -4.95
C GLU D 9 -36.89 26.11 -4.39
N ILE D 10 -36.46 24.85 -4.46
CA ILE D 10 -35.09 24.54 -4.07
C ILE D 10 -34.09 25.31 -4.92
N TYR D 11 -34.33 25.39 -6.22
CA TYR D 11 -33.50 26.23 -7.08
C TYR D 11 -33.56 27.70 -6.69
N ALA D 12 -34.75 28.22 -6.37
CA ALA D 12 -34.84 29.60 -5.94
C ALA D 12 -34.00 29.87 -4.70
N THR D 13 -34.01 28.96 -3.75
CA THR D 13 -33.16 29.13 -2.57
C THR D 13 -31.69 28.82 -2.82
N ALA D 14 -31.36 28.01 -3.83
CA ALA D 14 -29.96 27.89 -4.27
C ALA D 14 -29.46 29.19 -4.88
N GLN D 15 -30.19 29.70 -5.87
CA GLN D 15 -29.94 31.01 -6.46
C GLN D 15 -29.71 32.06 -5.38
N GLN D 16 -30.63 32.16 -4.44
CA GLN D 16 -30.52 33.15 -3.38
C GLN D 16 -29.29 32.90 -2.51
N LYS D 17 -29.03 31.66 -2.12
CA LYS D 17 -27.86 31.39 -1.30
C LYS D 17 -26.55 31.75 -2.02
N LEU D 18 -26.46 31.49 -3.32
CA LEU D 18 -25.27 31.91 -4.05
C LEU D 18 -25.13 33.43 -4.07
N GLN D 19 -26.23 34.13 -4.34
CA GLN D 19 -26.13 35.58 -4.35
C GLN D 19 -25.83 36.15 -2.96
N ASP D 20 -26.29 35.48 -1.91
CA ASP D 20 -25.89 35.80 -0.53
C ASP D 20 -24.46 35.41 -0.22
N GLY D 21 -23.82 34.56 -1.04
CA GLY D 21 -22.53 34.01 -0.66
C GLY D 21 -22.57 33.05 0.50
N ASN D 22 -23.70 32.39 0.72
CA ASN D 22 -23.86 31.31 1.70
C ASN D 22 -23.24 30.04 1.13
N TRP D 23 -21.97 30.12 0.75
CA TRP D 23 -21.39 29.17 -0.19
C TRP D 23 -21.50 27.73 0.30
N ARG D 24 -21.21 27.47 1.57
CA ARG D 24 -21.27 26.10 2.07
C ARG D 24 -22.69 25.53 2.00
N GLN D 25 -23.66 26.26 2.52
CA GLN D 25 -25.03 25.79 2.46
C GLN D 25 -25.53 25.76 1.02
N ALA D 26 -25.13 26.73 0.21
CA ALA D 26 -25.43 26.70 -1.22
C ALA D 26 -24.92 25.43 -1.88
N ILE D 27 -23.66 25.05 -1.63
CA ILE D 27 -23.13 23.83 -2.24
C ILE D 27 -23.93 22.62 -1.80
N THR D 28 -24.23 22.52 -0.50
CA THR D 28 -25.05 21.39 -0.03
C THR D 28 -26.41 21.36 -0.72
N GLN D 29 -27.01 22.53 -0.94
CA GLN D 29 -28.33 22.57 -1.57
C GLN D 29 -28.28 22.27 -3.06
N LEU D 30 -27.25 22.73 -3.76
CA LEU D 30 -27.04 22.30 -5.14
C LEU D 30 -26.77 20.81 -5.25
N GLU D 31 -25.99 20.25 -4.32
CA GLU D 31 -25.76 18.81 -4.34
C GLU D 31 -27.05 18.04 -4.10
N ALA D 32 -27.89 18.52 -3.19
CA ALA D 32 -29.18 17.88 -2.96
C ALA D 32 -30.10 18.03 -4.16
N LEU D 33 -30.11 19.19 -4.81
CA LEU D 33 -30.94 19.38 -6.00
C LEU D 33 -30.47 18.51 -7.16
N ASP D 34 -29.16 18.34 -7.29
CA ASP D 34 -28.63 17.36 -8.24
C ASP D 34 -29.08 15.94 -7.91
N ASN D 35 -28.91 15.51 -6.66
CA ASN D 35 -29.18 14.11 -6.34
C ASN D 35 -30.67 13.79 -6.36
N ARG D 36 -31.51 14.72 -5.88
CA ARG D 36 -32.95 14.51 -5.88
C ARG D 36 -33.60 14.78 -7.23
N TYR D 37 -32.94 15.54 -8.11
CA TYR D 37 -33.47 15.88 -9.43
C TYR D 37 -32.33 15.88 -10.45
N PRO D 38 -31.67 14.72 -10.64
CA PRO D 38 -30.45 14.67 -11.45
C PRO D 38 -30.70 14.72 -12.95
N PHE D 39 -31.86 14.22 -13.39
CA PHE D 39 -32.21 14.17 -14.81
C PHE D 39 -33.18 15.25 -15.23
N GLY D 40 -33.68 16.07 -14.32
CA GLY D 40 -34.67 17.06 -14.66
C GLY D 40 -34.12 18.21 -15.49
N PRO D 41 -35.02 19.05 -16.01
CA PRO D 41 -34.60 20.15 -16.89
C PRO D 41 -33.58 21.10 -16.28
N TYR D 42 -33.46 21.16 -14.96
CA TYR D 42 -32.44 21.98 -14.31
C TYR D 42 -31.08 21.32 -14.23
N SER D 43 -30.96 20.06 -14.64
CA SER D 43 -29.71 19.32 -14.42
C SER D 43 -28.51 20.09 -14.98
N GLN D 44 -28.60 20.58 -16.22
CA GLN D 44 -27.50 21.37 -16.78
C GLN D 44 -27.24 22.63 -15.96
N GLN D 45 -28.30 23.39 -15.69
CA GLN D 45 -28.18 24.57 -14.84
C GLN D 45 -27.56 24.23 -13.49
N VAL D 46 -28.00 23.13 -12.89
CA VAL D 46 -27.46 22.68 -11.62
C VAL D 46 -25.98 22.34 -11.75
N GLN D 47 -25.57 21.72 -12.85
CA GLN D 47 -24.15 21.44 -13.06
C GLN D 47 -23.32 22.71 -13.16
N LEU D 48 -23.81 23.71 -13.90
CA LEU D 48 -23.10 25.00 -13.93
C LEU D 48 -23.03 25.65 -12.54
N ASP D 49 -24.14 25.61 -11.80
CA ASP D 49 -24.15 26.18 -10.46
C ASP D 49 -23.21 25.43 -9.53
N LEU D 50 -23.19 24.10 -9.61
CA LEU D 50 -22.19 23.31 -8.89
C LEU D 50 -20.77 23.73 -9.24
N ILE D 51 -20.50 23.92 -10.53
CA ILE D 51 -19.15 24.31 -10.93
C ILE D 51 -18.75 25.63 -10.26
N TYR D 52 -19.62 26.63 -10.34
CA TYR D 52 -19.32 27.89 -9.67
C TYR D 52 -19.22 27.74 -8.15
N ALA D 53 -20.12 26.96 -7.56
CA ALA D 53 -20.19 26.80 -6.11
C ALA D 53 -18.99 26.05 -5.54
N TYR D 54 -18.40 25.15 -6.32
CA TYR D 54 -17.08 24.63 -5.96
C TYR D 54 -15.97 25.65 -6.20
N TYR D 55 -16.02 26.40 -7.30
CA TYR D 55 -14.90 27.28 -7.58
C TYR D 55 -14.81 28.40 -6.56
N LYS D 56 -15.91 29.10 -6.33
CA LYS D 56 -16.03 29.93 -5.15
C LYS D 56 -16.24 29.04 -3.91
N ASN D 57 -15.83 29.56 -2.76
CA ASN D 57 -15.40 28.76 -1.61
C ASN D 57 -14.15 27.93 -1.89
N ALA D 58 -13.50 28.14 -3.03
CA ALA D 58 -12.17 27.59 -3.28
C ALA D 58 -12.09 26.08 -3.07
N ASP D 59 -13.18 25.37 -3.40
CA ASP D 59 -13.15 23.91 -3.44
C ASP D 59 -12.72 23.46 -4.83
N LEU D 60 -11.54 23.92 -5.22
CA LEU D 60 -11.08 23.82 -6.61
C LEU D 60 -11.09 22.41 -7.17
N PRO D 61 -10.58 21.38 -6.50
CA PRO D 61 -10.62 20.03 -7.10
C PRO D 61 -12.03 19.56 -7.43
N LEU D 62 -12.99 19.87 -6.57
CA LEU D 62 -14.38 19.52 -6.86
C LEU D 62 -14.91 20.31 -8.05
N ALA D 63 -14.53 21.58 -8.16
CA ALA D 63 -14.91 22.34 -9.36
C ALA D 63 -14.36 21.69 -10.61
N GLN D 64 -13.07 21.35 -10.60
CA GLN D 64 -12.45 20.67 -11.74
C GLN D 64 -13.16 19.37 -12.10
N ALA D 65 -13.61 18.63 -11.08
CA ALA D 65 -14.36 17.41 -11.35
C ALA D 65 -15.76 17.70 -11.89
N ALA D 66 -16.45 18.70 -11.35
CA ALA D 66 -17.77 19.05 -11.88
C ALA D 66 -17.66 19.56 -13.32
N ILE D 67 -16.61 20.29 -13.64
CA ILE D 67 -16.32 20.68 -15.02
C ILE D 67 -16.17 19.45 -15.90
N ASP D 68 -15.37 18.49 -15.44
CA ASP D 68 -15.25 17.24 -16.18
C ASP D 68 -16.60 16.58 -16.40
N ARG D 69 -17.38 16.47 -15.33
CA ARG D 69 -18.72 15.89 -15.45
C ARG D 69 -19.57 16.62 -16.47
N PHE D 70 -19.54 17.96 -16.46
CA PHE D 70 -20.34 18.71 -17.43
C PHE D 70 -19.89 18.39 -18.85
N ILE D 71 -18.60 18.50 -19.13
CA ILE D 71 -18.14 18.26 -20.50
C ILE D 71 -18.43 16.83 -20.93
N ARG D 72 -18.24 15.87 -20.02
CA ARG D 72 -18.52 14.48 -20.35
C ARG D 72 -19.98 14.25 -20.68
N LEU D 73 -20.89 14.77 -19.85
CA LEU D 73 -22.31 14.52 -20.06
C LEU D 73 -22.92 15.46 -21.09
N ASN D 74 -22.38 16.67 -21.24
CA ASN D 74 -22.96 17.69 -22.11
C ASN D 74 -21.90 18.30 -23.00
N PRO D 75 -21.29 17.51 -23.89
CA PRO D 75 -20.25 18.04 -24.78
C PRO D 75 -20.78 19.02 -25.82
N THR D 76 -22.09 19.20 -25.92
CA THR D 76 -22.68 20.30 -26.67
C THR D 76 -23.70 21.02 -25.79
N HIS D 77 -23.52 22.33 -25.65
CA HIS D 77 -24.45 23.15 -24.87
C HIS D 77 -24.05 24.62 -25.07
N PRO D 78 -25.00 25.55 -25.08
CA PRO D 78 -24.67 26.95 -25.41
C PRO D 78 -23.62 27.59 -24.51
N ASN D 79 -23.46 27.11 -23.28
CA ASN D 79 -22.55 27.74 -22.32
C ASN D 79 -21.37 26.84 -21.97
N ILE D 80 -21.06 25.87 -22.84
CA ILE D 80 -19.82 25.12 -22.69
C ILE D 80 -18.62 26.07 -22.69
N ASP D 81 -18.73 27.21 -23.38
CA ASP D 81 -17.69 28.22 -23.29
C ASP D 81 -17.42 28.59 -21.84
N TYR D 82 -18.47 28.70 -21.03
CA TYR D 82 -18.31 28.95 -19.61
C TYR D 82 -17.69 27.77 -18.88
N VAL D 83 -18.01 26.55 -19.27
CA VAL D 83 -17.40 25.39 -18.62
C VAL D 83 -15.90 25.32 -18.91
N MET D 84 -15.49 25.49 -20.17
CA MET D 84 -14.06 25.50 -20.46
C MET D 84 -13.36 26.71 -19.84
N TYR D 85 -13.98 27.89 -19.86
CA TYR D 85 -13.44 29.00 -19.09
C TYR D 85 -13.25 28.65 -17.62
N MET D 86 -14.20 27.93 -17.02
CA MET D 86 -14.02 27.53 -15.64
C MET D 86 -12.96 26.46 -15.47
N ARG D 87 -12.77 25.59 -16.46
CA ARG D 87 -11.63 24.68 -16.45
C ARG D 87 -10.33 25.47 -16.37
N GLY D 88 -10.22 26.48 -17.23
CA GLY D 88 -9.13 27.43 -17.21
C GLY D 88 -8.96 28.08 -15.85
N LEU D 89 -9.96 28.82 -15.41
CA LEU D 89 -9.84 29.61 -14.18
C LEU D 89 -9.54 28.71 -12.98
N THR D 90 -10.16 27.54 -12.91
CA THR D 90 -9.86 26.59 -11.84
C THR D 90 -8.39 26.21 -11.86
N ASN D 91 -7.90 25.74 -13.00
CA ASN D 91 -6.51 25.28 -13.04
C ASN D 91 -5.55 26.45 -12.80
N MET D 92 -5.89 27.64 -13.29
CA MET D 92 -5.08 28.83 -13.02
C MET D 92 -5.00 29.10 -11.53
N ALA D 93 -6.15 29.30 -10.87
CA ALA D 93 -6.15 29.63 -9.46
C ALA D 93 -5.55 28.51 -8.62
N LEU D 94 -5.56 27.28 -9.14
CA LEU D 94 -4.96 26.16 -8.43
C LEU D 94 -3.46 26.32 -8.22
N ASP D 95 -2.81 27.26 -8.92
CA ASP D 95 -1.44 27.63 -8.57
C ASP D 95 -1.39 28.55 -7.36
N ASP D 96 -2.32 29.52 -7.27
CA ASP D 96 -2.22 30.60 -6.29
C ASP D 96 -2.68 30.08 -4.92
N SER D 97 -1.84 29.25 -4.32
CA SER D 97 -2.27 28.41 -3.21
C SER D 97 -2.65 29.21 -1.96
N ALA D 98 -2.06 30.38 -1.76
CA ALA D 98 -2.41 31.24 -0.63
C ALA D 98 -1.88 32.65 -0.89
N LEU D 99 -2.39 33.60 -0.10
CA LEU D 99 -2.00 35.02 -0.18
C LEU D 99 -0.73 35.39 0.58
N GLN D 100 -0.14 34.51 1.39
CA GLN D 100 0.95 34.90 2.29
C GLN D 100 2.18 35.44 1.57
N GLY D 101 2.35 35.14 0.29
CA GLY D 101 3.50 35.55 -0.51
C GLY D 101 3.46 36.96 -1.05
N PHE D 102 2.36 37.67 -0.83
CA PHE D 102 2.09 38.92 -1.54
C PHE D 102 3.22 39.94 -1.42
N PHE D 103 3.97 39.91 -0.32
CA PHE D 103 5.09 40.85 -0.14
C PHE D 103 6.40 40.40 -0.79
N GLY D 104 6.37 39.42 -1.69
CA GLY D 104 7.48 39.30 -2.62
C GLY D 104 7.76 37.93 -3.22
N VAL D 105 7.07 36.89 -2.76
CA VAL D 105 7.45 35.53 -3.14
C VAL D 105 7.03 35.30 -4.60
N ASP D 106 8.02 35.08 -5.46
CA ASP D 106 7.77 34.65 -6.83
C ASP D 106 7.38 33.17 -6.86
N ARG D 107 6.12 32.90 -7.21
CA ARG D 107 5.59 31.54 -7.29
C ARG D 107 5.74 30.93 -8.68
N SER D 108 6.27 31.67 -9.65
CA SER D 108 6.14 31.28 -11.06
C SER D 108 6.76 29.91 -11.36
N ASP D 109 7.65 29.40 -10.51
CA ASP D 109 8.33 28.15 -10.82
C ASP D 109 8.02 27.04 -9.81
N ARG D 110 6.97 27.21 -9.00
CA ARG D 110 6.63 26.17 -8.04
C ARG D 110 6.14 24.89 -8.72
N ASP D 111 5.13 25.00 -9.59
CA ASP D 111 4.66 23.82 -10.32
C ASP D 111 4.12 24.25 -11.67
N PRO D 112 4.55 23.63 -12.77
CA PRO D 112 3.95 23.95 -14.07
C PRO D 112 2.63 23.25 -14.35
N GLN D 113 2.40 22.09 -13.73
CA GLN D 113 1.46 21.14 -14.33
C GLN D 113 0.07 21.75 -14.44
N HIS D 114 -0.40 22.41 -13.38
CA HIS D 114 -1.73 23.00 -13.41
C HIS D 114 -1.76 24.29 -14.22
N ALA D 115 -0.67 25.06 -14.21
CA ALA D 115 -0.57 26.18 -15.13
C ALA D 115 -0.65 25.71 -16.58
N ARG D 116 0.03 24.61 -16.91
CA ARG D 116 0.04 24.11 -18.27
C ARG D 116 -1.32 23.55 -18.68
N ALA D 117 -2.00 22.85 -17.78
CA ALA D 117 -3.39 22.45 -18.01
C ALA D 117 -4.30 23.65 -18.21
N ALA D 118 -4.20 24.65 -17.34
CA ALA D 118 -4.97 25.87 -17.51
C ALA D 118 -4.71 26.50 -18.87
N PHE D 119 -3.45 26.55 -19.30
CA PHE D 119 -3.16 27.16 -20.60
C PHE D 119 -3.80 26.38 -21.72
N SER D 120 -3.55 25.07 -21.79
CA SER D 120 -4.08 24.30 -22.91
C SER D 120 -5.60 24.33 -22.95
N ASP D 121 -6.25 24.40 -21.79
CA ASP D 121 -7.71 24.46 -21.78
C ASP D 121 -8.24 25.85 -22.15
N PHE D 122 -7.62 26.92 -21.66
CA PHE D 122 -7.95 28.23 -22.21
C PHE D 122 -7.66 28.31 -23.69
N SER D 123 -6.66 27.57 -24.18
CA SER D 123 -6.40 27.55 -25.62
C SER D 123 -7.56 26.92 -26.37
N LYS D 124 -8.08 25.80 -25.87
CA LYS D 124 -9.28 25.22 -26.47
C LYS D 124 -10.42 26.22 -26.47
N LEU D 125 -10.61 26.95 -25.38
CA LEU D 125 -11.67 27.94 -25.33
C LEU D 125 -11.45 29.03 -26.38
N VAL D 126 -10.33 29.73 -26.29
CA VAL D 126 -10.10 30.91 -27.11
C VAL D 126 -10.10 30.55 -28.59
N ARG D 127 -9.72 29.31 -28.93
CA ARG D 127 -9.70 28.92 -30.33
C ARG D 127 -11.09 28.50 -30.78
N GLY D 128 -11.82 27.77 -29.94
CA GLY D 128 -13.13 27.30 -30.28
C GLY D 128 -14.24 28.34 -30.16
N TYR D 129 -14.15 29.25 -29.18
CA TYR D 129 -15.24 30.17 -28.88
C TYR D 129 -14.79 31.62 -28.90
N PRO D 130 -14.15 32.07 -29.97
CA PRO D 130 -13.59 33.43 -29.99
C PRO D 130 -14.65 34.52 -29.90
N ASN D 131 -15.87 34.23 -30.35
CA ASN D 131 -17.03 35.09 -30.19
C ASN D 131 -17.58 35.11 -28.77
N SER D 132 -17.01 34.37 -27.84
CA SER D 132 -17.52 34.39 -26.47
C SER D 132 -17.29 35.74 -25.82
N GLN D 133 -18.19 36.08 -24.90
CA GLN D 133 -17.98 37.20 -23.98
C GLN D 133 -16.77 37.01 -23.07
N TYR D 134 -16.28 35.77 -22.93
CA TYR D 134 -15.10 35.48 -22.15
C TYR D 134 -13.79 35.68 -22.91
N THR D 135 -13.86 35.85 -24.23
CA THR D 135 -12.69 35.65 -25.07
C THR D 135 -11.55 36.62 -24.72
N THR D 136 -11.86 37.89 -24.46
CA THR D 136 -10.81 38.82 -24.07
C THR D 136 -10.15 38.42 -22.76
N ASP D 137 -10.95 38.11 -21.74
CA ASP D 137 -10.37 37.67 -20.47
C ASP D 137 -9.53 36.42 -20.66
N ALA D 138 -10.05 35.47 -21.43
CA ALA D 138 -9.28 34.27 -21.78
C ALA D 138 -7.95 34.64 -22.42
N THR D 139 -7.95 35.57 -23.36
CA THR D 139 -6.70 35.94 -24.02
C THR D 139 -5.71 36.58 -23.06
N LYS D 140 -6.17 37.52 -22.23
CA LYS D 140 -5.28 38.14 -21.26
C LYS D 140 -4.70 37.11 -20.30
N ARG D 141 -5.55 36.20 -19.82
CA ARG D 141 -5.06 35.10 -18.99
C ARG D 141 -4.03 34.26 -19.74
N LEU D 142 -4.35 33.86 -20.97
CA LEU D 142 -3.41 33.08 -21.75
C LEU D 142 -2.05 33.75 -21.87
N VAL D 143 -2.03 35.05 -22.19
CA VAL D 143 -0.74 35.74 -22.32
C VAL D 143 0.04 35.66 -21.00
N PHE D 144 -0.62 36.00 -19.90
CA PHE D 144 0.07 35.93 -18.60
C PHE D 144 0.53 34.50 -18.30
N LEU D 145 -0.35 33.53 -18.47
CA LEU D 145 -0.09 32.14 -18.10
C LEU D 145 1.00 31.52 -18.96
N LYS D 146 1.05 31.92 -20.23
CA LYS D 146 2.11 31.51 -21.14
C LYS D 146 3.46 32.09 -20.72
N ASP D 147 3.49 33.38 -20.38
CA ASP D 147 4.71 33.92 -19.80
C ASP D 147 5.06 33.25 -18.47
N ARG D 148 4.07 32.83 -17.69
CA ARG D 148 4.33 32.11 -16.44
C ARG D 148 4.98 30.74 -16.70
N LEU D 149 4.45 29.99 -17.67
CA LEU D 149 5.13 28.76 -18.10
C LEU D 149 6.55 29.06 -18.54
N ALA D 150 6.73 30.10 -19.35
CA ALA D 150 8.07 30.46 -19.81
C ALA D 150 8.98 30.79 -18.63
N LYS D 151 8.44 31.42 -17.60
CA LYS D 151 9.20 31.66 -16.37
C LYS D 151 9.60 30.37 -15.68
N TYR D 152 8.71 29.39 -15.63
CA TYR D 152 9.08 28.12 -14.99
C TYR D 152 10.19 27.44 -15.76
N GLU D 153 10.04 27.32 -17.08
CA GLU D 153 11.09 26.74 -17.90
C GLU D 153 12.40 27.51 -17.78
N TYR D 154 12.31 28.84 -17.75
CA TYR D 154 13.50 29.65 -17.51
C TYR D 154 14.14 29.35 -16.16
N SER D 155 13.34 29.13 -15.12
CA SER D 155 13.89 28.74 -13.83
C SER D 155 14.62 27.41 -13.89
N VAL D 156 14.11 26.47 -14.67
CA VAL D 156 14.85 25.22 -14.88
C VAL D 156 16.15 25.49 -15.64
N ALA D 157 16.10 26.32 -16.66
CA ALA D 157 17.32 26.62 -17.42
C ALA D 157 18.35 27.37 -16.58
N GLU D 158 17.91 28.28 -15.70
CA GLU D 158 18.80 28.87 -14.72
C GLU D 158 19.45 27.82 -13.84
N TYR D 159 18.64 26.95 -13.23
CA TYR D 159 19.22 25.93 -12.39
C TYR D 159 20.28 25.12 -13.11
N TYR D 160 19.95 24.62 -14.29
CA TYR D 160 20.92 23.84 -15.05
C TYR D 160 22.12 24.65 -15.51
N THR D 161 21.95 25.95 -15.74
CA THR D 161 23.12 26.78 -16.04
C THR D 161 24.04 26.86 -14.83
N GLU D 162 23.47 26.89 -13.63
CA GLU D 162 24.30 26.97 -12.44
C GLU D 162 24.94 25.63 -12.11
N ARG D 163 24.27 24.52 -12.44
CA ARG D 163 24.92 23.21 -12.41
C ARG D 163 25.84 23.01 -13.59
N GLY D 164 25.63 23.76 -14.67
CA GLY D 164 26.38 23.57 -15.90
C GLY D 164 25.99 22.37 -16.74
N ALA D 165 24.75 21.91 -16.64
CA ALA D 165 24.27 20.84 -17.51
C ALA D 165 24.03 21.39 -18.91
N TRP D 166 25.11 21.72 -19.61
CA TRP D 166 25.00 22.63 -20.74
C TRP D 166 24.17 22.04 -21.88
N VAL D 167 24.16 20.71 -22.03
CA VAL D 167 23.21 20.13 -22.97
C VAL D 167 21.80 20.30 -22.46
N ALA D 168 21.59 20.12 -21.17
CA ALA D 168 20.30 20.40 -20.57
C ALA D 168 19.87 21.84 -20.79
N VAL D 169 20.79 22.79 -20.61
CA VAL D 169 20.45 24.19 -20.80
C VAL D 169 20.05 24.48 -22.25
N VAL D 170 20.88 24.10 -23.21
CA VAL D 170 20.52 24.34 -24.60
C VAL D 170 19.20 23.68 -24.94
N ASN D 171 19.01 22.43 -24.52
CA ASN D 171 17.77 21.73 -24.87
C ASN D 171 16.54 22.39 -24.25
N ARG D 172 16.67 22.90 -23.03
CA ARG D 172 15.58 23.64 -22.42
C ARG D 172 15.28 24.93 -23.17
N VAL D 173 16.31 25.72 -23.46
CA VAL D 173 16.05 27.01 -24.10
C VAL D 173 15.61 26.85 -25.55
N GLU D 174 16.09 25.83 -26.26
CA GLU D 174 15.47 25.49 -27.54
C GLU D 174 14.01 25.07 -27.38
N GLY D 175 13.70 24.35 -26.31
CA GLY D 175 12.30 24.07 -26.03
C GLY D 175 11.46 25.33 -25.88
N MET D 176 11.95 26.29 -25.08
CA MET D 176 11.29 27.58 -24.98
C MET D 176 11.23 28.34 -26.31
N LEU D 177 12.22 28.17 -27.20
CA LEU D 177 12.11 28.83 -28.50
C LEU D 177 11.09 28.16 -29.40
N ARG D 178 10.91 26.85 -29.30
CA ARG D 178 9.80 26.24 -30.04
C ARG D 178 8.47 26.60 -29.39
N ASP D 179 8.36 26.40 -28.08
CA ASP D 179 7.10 26.59 -27.38
C ASP D 179 7.12 27.92 -26.64
N TYR D 180 6.21 28.82 -27.01
CA TYR D 180 6.04 30.15 -26.41
C TYR D 180 7.30 31.01 -26.47
N PRO D 181 7.97 31.08 -27.62
CA PRO D 181 9.12 32.00 -27.73
C PRO D 181 8.75 33.45 -27.54
N ASP D 182 7.52 33.84 -27.89
CA ASP D 182 7.02 35.20 -27.76
C ASP D 182 6.67 35.53 -26.30
N THR D 183 7.68 35.46 -25.44
CA THR D 183 7.53 35.72 -24.03
C THR D 183 8.74 36.47 -23.52
N GLN D 184 8.49 37.32 -22.51
CA GLN D 184 9.57 38.07 -21.86
C GLN D 184 10.58 37.12 -21.20
N ALA D 185 10.11 36.07 -20.56
CA ALA D 185 11.03 35.12 -19.93
C ALA D 185 11.98 34.50 -20.95
N THR D 186 11.51 34.17 -22.15
CA THR D 186 12.43 33.68 -23.17
C THR D 186 13.39 34.78 -23.65
N ARG D 187 12.87 35.98 -23.86
CA ARG D 187 13.73 37.06 -24.32
C ARG D 187 14.85 37.34 -23.32
N ASP D 188 14.61 37.07 -22.04
CA ASP D 188 15.66 37.12 -21.04
C ASP D 188 16.48 35.84 -20.99
N ALA D 189 15.90 34.71 -21.42
CA ALA D 189 16.57 33.43 -21.36
C ALA D 189 17.62 33.24 -22.45
N LEU D 190 17.54 33.97 -23.55
CA LEU D 190 18.43 33.66 -24.68
C LEU D 190 19.91 33.91 -24.36
N PRO D 191 20.26 34.97 -23.65
CA PRO D 191 21.66 35.10 -23.18
C PRO D 191 22.15 33.87 -22.45
N LEU D 192 21.29 33.25 -21.66
CA LEU D 192 21.67 32.05 -20.91
C LEU D 192 21.96 30.86 -21.82
N MET D 193 21.27 30.76 -22.96
CA MET D 193 21.69 29.77 -23.95
C MET D 193 22.97 30.19 -24.67
N GLU D 194 23.17 31.48 -24.93
CA GLU D 194 24.45 31.89 -25.52
C GLU D 194 25.60 31.46 -24.63
N ASN D 195 25.49 31.71 -23.33
CA ASN D 195 26.45 31.23 -22.35
C ASN D 195 26.56 29.71 -22.39
N ALA D 196 25.43 29.01 -22.45
CA ALA D 196 25.47 27.55 -22.45
C ALA D 196 26.24 27.02 -23.66
N TYR D 197 25.94 27.53 -24.86
CA TYR D 197 26.70 27.12 -26.04
C TYR D 197 28.17 27.47 -25.92
N ARG D 198 28.51 28.64 -25.38
CA ARG D 198 29.93 29.02 -25.35
C ARG D 198 30.72 28.26 -24.29
N GLN D 199 30.12 27.99 -23.14
CA GLN D 199 30.71 27.05 -22.19
C GLN D 199 30.86 25.66 -22.76
N MET D 200 29.94 25.23 -23.62
CA MET D 200 30.10 23.97 -24.33
C MET D 200 31.03 24.09 -25.55
N GLN D 201 31.65 25.26 -25.72
CA GLN D 201 32.67 25.60 -26.73
C GLN D 201 32.22 25.60 -28.19
N MET D 202 30.93 25.50 -28.48
CA MET D 202 30.46 25.43 -29.86
C MET D 202 30.31 26.83 -30.45
N ASN D 203 31.37 27.62 -30.40
CA ASN D 203 31.24 29.06 -30.64
C ASN D 203 30.61 29.33 -32.00
N ALA D 204 30.90 28.49 -32.99
CA ALA D 204 30.27 28.65 -34.30
C ALA D 204 28.76 28.45 -34.22
N GLN D 205 28.26 27.69 -33.23
CA GLN D 205 26.83 27.67 -32.94
C GLN D 205 26.41 28.85 -32.06
N ALA D 206 27.20 29.15 -31.03
CA ALA D 206 26.85 30.19 -30.07
C ALA D 206 26.66 31.56 -30.72
N GLU D 207 27.51 31.90 -31.68
CA GLU D 207 27.42 33.19 -32.35
C GLU D 207 26.06 33.42 -33.01
N LYS D 208 25.36 32.36 -33.42
CA LYS D 208 24.01 32.55 -33.95
C LYS D 208 23.05 33.11 -32.88
N VAL D 209 23.02 32.52 -31.70
CA VAL D 209 22.18 33.07 -30.63
C VAL D 209 22.70 34.44 -30.18
N ALA D 210 24.01 34.65 -30.19
CA ALA D 210 24.55 35.96 -29.88
C ALA D 210 24.02 37.02 -30.84
N LYS D 211 24.04 36.73 -32.14
CA LYS D 211 23.47 37.65 -33.13
C LYS D 211 21.96 37.81 -32.98
N ILE D 212 21.25 36.75 -32.61
CA ILE D 212 19.81 36.87 -32.35
C ILE D 212 19.53 37.79 -31.17
N ILE D 213 20.19 37.58 -30.04
CA ILE D 213 19.93 38.39 -28.87
C ILE D 213 20.45 39.82 -29.04
N ALA D 214 21.58 40.00 -29.73
CA ALA D 214 22.02 41.35 -30.07
C ALA D 214 21.00 42.07 -30.95
N ALA D 215 20.50 41.39 -31.99
CA ALA D 215 19.41 41.94 -32.78
C ALA D 215 18.10 42.04 -32.02
N ASN D 216 18.03 41.51 -30.81
CA ASN D 216 16.89 41.74 -29.92
C ASN D 216 17.32 42.51 -28.67
N SER D 217 18.35 43.35 -28.80
CA SER D 217 18.59 44.37 -27.78
C SER D 217 17.43 45.37 -27.73
N SER D 218 16.95 45.79 -28.88
CA SER D 218 15.87 46.76 -28.95
C SER D 218 14.61 46.22 -28.26
N LEU E 1 37.84 29.71 -8.35
CA LEU E 1 36.53 29.38 -7.72
C LEU E 1 36.58 27.98 -7.10
N GLU E 2 36.84 26.98 -7.94
CA GLU E 2 36.49 25.60 -7.63
C GLU E 2 37.17 25.13 -6.34
N ARG E 3 36.48 24.22 -5.65
CA ARG E 3 36.92 23.62 -4.41
C ARG E 3 36.70 22.12 -4.51
N VAL E 4 37.37 21.37 -3.63
CA VAL E 4 37.12 19.93 -3.50
C VAL E 4 35.80 19.71 -2.76
N VAL E 5 34.74 19.40 -3.53
CA VAL E 5 33.43 19.06 -3.00
C VAL E 5 32.77 18.13 -4.01
N TYR E 6 31.82 17.32 -3.54
CA TYR E 6 31.31 16.22 -4.36
C TYR E 6 30.26 16.72 -5.36
N ARG E 7 30.75 17.36 -6.41
CA ARG E 7 29.92 17.62 -7.59
C ARG E 7 29.54 16.30 -8.24
N PRO E 8 28.25 16.00 -8.41
CA PRO E 8 27.82 14.59 -8.61
C PRO E 8 27.94 14.10 -10.04
N ASP E 9 29.17 14.08 -10.55
CA ASP E 9 29.53 13.28 -11.73
C ASP E 9 28.62 13.52 -12.92
N ILE E 10 28.36 14.79 -13.24
CA ILE E 10 27.30 15.10 -14.19
C ILE E 10 27.67 14.59 -15.58
N ASN E 11 26.78 13.78 -16.15
CA ASN E 11 26.78 13.41 -17.55
C ASN E 11 26.06 14.47 -18.37
N GLN E 12 26.45 14.61 -19.63
CA GLN E 12 25.68 15.43 -20.55
C GLN E 12 25.74 14.88 -21.97
N GLY E 13 24.63 15.09 -22.70
CA GLY E 13 24.48 14.63 -24.06
C GLY E 13 24.35 13.13 -24.24
N ASN E 14 25.30 12.54 -24.94
CA ASN E 14 25.11 11.30 -25.69
C ASN E 14 26.36 10.45 -25.51
N TYR E 15 26.19 9.14 -25.70
CA TYR E 15 27.29 8.20 -25.54
C TYR E 15 27.94 7.94 -26.90
N LEU E 16 29.27 8.09 -26.95
CA LEU E 16 30.04 8.05 -28.20
C LEU E 16 31.24 7.10 -28.05
N THR E 17 30.96 5.82 -27.86
CA THR E 17 32.01 4.81 -28.03
C THR E 17 32.40 4.68 -29.51
N ALA E 18 33.66 4.27 -29.71
CA ALA E 18 34.22 4.19 -31.06
C ALA E 18 33.40 3.31 -31.99
N ASN E 19 32.88 2.19 -31.47
CA ASN E 19 32.03 1.30 -32.26
C ASN E 19 30.69 1.91 -32.62
N ASP E 20 30.22 2.89 -31.85
CA ASP E 20 29.05 3.67 -32.26
C ASP E 20 29.44 4.75 -33.25
N VAL E 21 30.53 5.46 -32.98
CA VAL E 21 31.02 6.51 -33.87
C VAL E 21 31.18 5.97 -35.29
N SER E 22 31.88 4.86 -35.44
CA SER E 22 32.24 4.42 -36.79
C SER E 22 31.05 3.92 -37.60
N LYS E 23 29.86 3.82 -37.01
CA LYS E 23 28.64 3.66 -37.79
C LYS E 23 28.35 4.82 -38.74
N ILE E 24 28.78 6.05 -38.39
CA ILE E 24 28.47 7.19 -39.25
C ILE E 24 29.25 7.11 -40.56
N ARG E 25 28.55 7.34 -41.66
CA ARG E 25 29.18 7.49 -42.96
C ARG E 25 28.36 8.53 -43.71
N VAL E 26 29.02 9.27 -44.60
CA VAL E 26 28.39 10.47 -45.17
C VAL E 26 27.14 10.16 -45.97
N GLY E 27 26.99 8.93 -46.47
CA GLY E 27 25.77 8.53 -47.15
C GLY E 27 24.54 8.43 -46.28
N MET E 28 24.68 8.46 -44.95
CA MET E 28 23.54 8.21 -44.08
C MET E 28 22.50 9.31 -44.20
N THR E 29 21.23 8.89 -44.26
CA THR E 29 20.10 9.76 -43.95
C THR E 29 19.81 9.76 -42.45
N GLN E 30 19.26 10.87 -41.99
CA GLN E 30 18.98 11.06 -40.56
C GLN E 30 18.22 9.89 -39.95
N GLN E 31 17.29 9.29 -40.69
CA GLN E 31 16.60 8.11 -40.17
C GLN E 31 17.56 7.00 -39.79
N GLN E 32 18.74 6.94 -40.41
CA GLN E 32 19.76 5.96 -40.05
C GLN E 32 20.65 6.43 -38.90
N VAL E 33 21.12 7.67 -38.97
CA VAL E 33 21.91 8.23 -37.89
C VAL E 33 21.18 8.08 -36.56
N ALA E 34 19.86 8.29 -36.57
CA ALA E 34 19.07 8.21 -35.34
C ALA E 34 19.18 6.86 -34.64
N TYR E 35 19.48 5.78 -35.37
CA TYR E 35 19.79 4.51 -34.69
C TYR E 35 21.27 4.20 -34.69
N ALA E 36 22.10 4.99 -35.36
CA ALA E 36 23.54 4.82 -35.22
C ALA E 36 23.98 5.26 -33.83
N LEU E 37 23.63 6.47 -33.42
CA LEU E 37 23.92 6.96 -32.08
C LEU E 37 22.75 6.90 -31.12
N GLY E 38 21.54 6.65 -31.61
CA GLY E 38 20.36 7.13 -30.94
C GLY E 38 20.08 8.55 -31.39
N THR E 39 18.88 9.03 -31.05
CA THR E 39 18.47 10.33 -31.54
C THR E 39 19.38 11.43 -31.01
N PRO E 40 19.57 12.50 -31.79
CA PRO E 40 20.41 13.61 -31.34
C PRO E 40 19.73 14.34 -30.20
N LEU E 41 20.40 14.41 -29.05
CA LEU E 41 19.86 15.15 -27.93
C LEU E 41 20.06 16.65 -28.08
N MET E 42 20.69 17.12 -29.15
CA MET E 42 20.81 18.54 -29.45
C MET E 42 20.66 18.78 -30.94
N SER E 43 19.99 19.88 -31.28
CA SER E 43 19.73 20.23 -32.67
C SER E 43 19.68 21.74 -32.77
N ASP E 44 19.95 22.24 -33.98
CA ASP E 44 19.99 23.68 -34.18
C ASP E 44 18.58 24.25 -34.06
N PRO E 45 18.30 25.12 -33.09
CA PRO E 45 17.03 25.87 -33.15
C PRO E 45 16.90 26.72 -34.39
N PHE E 46 17.99 27.23 -34.92
CA PHE E 46 17.96 28.36 -35.85
C PHE E 46 17.82 27.94 -37.31
N GLY E 47 17.53 26.67 -37.56
CA GLY E 47 17.04 26.22 -38.84
C GLY E 47 18.06 25.77 -39.86
N THR E 48 19.32 25.67 -39.50
CA THR E 48 20.24 24.86 -40.31
C THR E 48 19.89 23.39 -40.09
N ASN E 49 19.98 22.59 -41.15
CA ASN E 49 19.71 21.16 -41.02
C ASN E 49 20.95 20.52 -40.41
N THR E 50 21.06 20.68 -39.09
CA THR E 50 22.24 20.34 -38.33
C THR E 50 21.85 19.55 -37.10
N TRP E 51 22.69 18.59 -36.73
CA TRP E 51 22.55 17.82 -35.51
C TRP E 51 23.85 17.92 -34.73
N PHE E 52 23.73 17.94 -33.42
CA PHE E 52 24.85 18.12 -32.52
C PHE E 52 24.82 17.00 -31.51
N TYR E 53 25.97 16.41 -31.25
CA TYR E 53 26.11 15.38 -30.25
C TYR E 53 27.22 15.81 -29.32
N VAL E 54 26.99 15.65 -28.03
CA VAL E 54 28.05 15.82 -27.05
C VAL E 54 28.05 14.59 -26.17
N PHE E 55 29.21 13.98 -26.03
CA PHE E 55 29.46 13.09 -24.90
C PHE E 55 30.27 13.93 -23.92
N ARG E 56 29.70 14.22 -22.76
CA ARG E 56 30.38 15.09 -21.82
C ARG E 56 30.26 14.45 -20.45
N GLN E 57 31.37 14.46 -19.72
CA GLN E 57 31.38 13.98 -18.35
C GLN E 57 32.17 14.93 -17.49
N GLN E 58 31.81 14.96 -16.21
CA GLN E 58 32.52 15.77 -15.22
C GLN E 58 32.64 14.92 -13.96
N PRO E 59 33.67 14.08 -13.88
CA PRO E 59 33.74 13.07 -12.81
C PRO E 59 33.93 13.62 -11.41
N GLY E 60 33.60 14.87 -11.19
CA GLY E 60 33.67 15.44 -9.86
C GLY E 60 34.05 16.91 -9.92
N HIS E 61 34.71 17.36 -8.85
CA HIS E 61 35.42 18.62 -8.85
C HIS E 61 36.63 18.64 -9.77
N GLU E 62 37.15 17.47 -10.18
CA GLU E 62 38.36 17.42 -10.98
C GLU E 62 38.19 16.50 -12.18
N GLY E 63 38.73 16.95 -13.32
CA GLY E 63 38.51 16.33 -14.61
C GLY E 63 37.25 16.77 -15.30
N VAL E 64 37.36 17.13 -16.58
CA VAL E 64 36.23 17.28 -17.48
C VAL E 64 36.61 16.68 -18.82
N THR E 65 35.72 15.89 -19.41
CA THR E 65 35.99 15.31 -20.72
C THR E 65 34.78 15.54 -21.61
N GLN E 66 35.04 15.90 -22.86
CA GLN E 66 33.96 16.13 -23.81
C GLN E 66 34.42 15.81 -25.23
N GLN E 67 33.64 14.98 -25.92
CA GLN E 67 33.56 14.98 -27.39
C GLN E 67 32.39 15.83 -27.85
N THR E 68 32.68 16.88 -28.62
CA THR E 68 31.74 17.41 -29.59
C THR E 68 31.76 16.56 -30.85
N LEU E 69 30.58 16.30 -31.41
CA LEU E 69 30.43 15.61 -32.70
C LEU E 69 29.32 16.33 -33.47
N THR E 70 29.71 17.13 -34.45
CA THR E 70 28.79 17.97 -35.19
C THR E 70 28.54 17.32 -36.55
N LEU E 71 27.26 17.10 -36.87
CA LEU E 71 26.81 16.55 -38.13
C LEU E 71 25.98 17.62 -38.83
N THR E 72 26.33 17.96 -40.06
CA THR E 72 25.48 18.83 -40.85
C THR E 72 25.12 18.15 -42.16
N PHE E 73 23.89 18.38 -42.60
CA PHE E 73 23.26 17.63 -43.67
C PHE E 73 22.95 18.56 -44.84
N ASN E 74 22.88 17.99 -46.03
CA ASN E 74 22.08 18.60 -47.09
C ASN E 74 20.65 18.80 -46.59
N SER E 75 19.99 19.85 -47.10
CA SER E 75 18.69 20.21 -46.55
C SER E 75 17.71 19.04 -46.60
N SER E 76 17.93 18.11 -47.53
CA SER E 76 17.18 16.85 -47.57
C SER E 76 17.34 16.02 -46.31
N GLY E 77 18.25 16.37 -45.42
CA GLY E 77 18.56 15.50 -44.28
C GLY E 77 19.45 14.34 -44.62
N VAL E 78 20.23 14.43 -45.70
CA VAL E 78 21.26 13.47 -46.03
C VAL E 78 22.61 14.09 -45.68
N LEU E 79 23.44 13.35 -44.95
CA LEU E 79 24.59 13.96 -44.31
C LEU E 79 25.64 14.41 -45.32
N THR E 80 26.34 15.47 -44.97
CA THR E 80 27.40 16.04 -45.80
C THR E 80 28.68 16.39 -45.04
N ASN E 81 28.60 16.83 -43.78
CA ASN E 81 29.78 17.26 -43.03
C ASN E 81 29.79 16.64 -41.65
N ILE E 82 30.96 16.18 -41.23
CA ILE E 82 31.20 15.59 -39.92
C ILE E 82 32.41 16.29 -39.31
N ASP E 83 32.28 16.70 -38.05
CA ASP E 83 33.40 17.25 -37.29
C ASP E 83 33.42 16.65 -35.90
N ASN E 84 34.56 16.07 -35.51
CA ASN E 84 34.77 15.59 -34.15
C ASN E 84 35.84 16.44 -33.48
N LYS E 85 35.52 16.97 -32.31
CA LYS E 85 36.51 17.64 -31.47
C LYS E 85 36.49 17.10 -30.04
N PRO E 86 37.59 16.54 -29.54
CA PRO E 86 37.82 16.59 -28.09
C PRO E 86 38.03 18.03 -27.62
N ALA E 87 37.45 18.35 -26.47
CA ALA E 87 37.29 19.74 -26.07
C ALA E 87 38.64 20.43 -25.90
N LEU E 88 38.64 21.76 -26.09
CA LEU E 88 39.74 22.62 -25.72
C LEU E 88 39.72 22.88 -24.22
N SER E 89 40.62 23.77 -23.77
CA SER E 89 40.64 24.23 -22.38
C SER E 89 40.94 25.73 -22.36
N GLY E 90 40.47 26.38 -21.31
CA GLY E 90 40.63 27.81 -21.15
C GLY E 90 39.48 28.39 -20.34
N ASN E 91 39.74 29.54 -19.73
CA ASN E 91 38.74 30.26 -18.95
C ASN E 91 38.96 31.77 -19.02
#